data_2IBG
#
_entry.id   2IBG
#
_cell.length_a   75.354
_cell.length_b   70.003
_cell.length_c   155.695
_cell.angle_alpha   90.00
_cell.angle_beta   90.18
_cell.angle_gamma   90.00
#
_symmetry.space_group_name_H-M   'P 1 21 1'
#
loop_
_entity.id
_entity.type
_entity.pdbx_description
1 polymer CG9211-PA
2 polymer 'Protein hedgehog'
3 non-polymer 'PHOSPHATE ION'
4 water water
#
loop_
_entity_poly.entity_id
_entity_poly.type
_entity_poly.pdbx_seq_one_letter_code
_entity_poly.pdbx_strand_id
1 'polypeptide(L)'
;STYPPTPPNVTRLSDESVMLRWMVPRNDGLPIVIFKVQYRMVGKRKNWQTTNDNIPYGKPKWNSELGKSFTASVTDLKPQ
HTYRFRILAVYSNNDNKESNTSAKFYLQPGAALDPMPVPELLEIEEYSETAVVLHWSLASDADEHLITGYYAYYRPSSSA
GEYFKATIEGAHARSFKIAPLETATMYEFKLQSFSAASASEFSALKQGRTQRPK
;
A,B,C,D
2 'polypeptide(L)'
;LYPLVLKQTIPNLSEYTNSASGPLEGVIRRDSPKFKDLVPNYNRDILFRDEEGTGADRLMSKRCKEKLNVLAYSVMNEWP
GIRLLVTESWDEDYHHGQESLHYEGRAVTIATSDRDQSKYGMLARLAVEAGFDWVSYVSRRHIYCSVKSD
;
E,F,G,H
#
# COMPACT_ATOMS: atom_id res chain seq x y z
N SER A 1 -11.94 -14.59 10.75
CA SER A 1 -12.18 -13.48 9.79
C SER A 1 -13.65 -12.99 9.87
N THR A 2 -13.94 -11.87 9.22
CA THR A 2 -15.23 -11.21 9.41
C THR A 2 -15.80 -10.71 8.06
N TYR A 3 -16.96 -11.23 7.67
CA TYR A 3 -17.58 -10.87 6.39
C TYR A 3 -18.58 -9.75 6.53
N PRO A 4 -18.44 -8.70 5.69
CA PRO A 4 -19.27 -7.49 5.79
C PRO A 4 -20.70 -7.65 5.25
N PRO A 5 -21.65 -6.82 5.74
CA PRO A 5 -22.99 -6.78 5.10
C PRO A 5 -22.90 -6.22 3.67
N THR A 6 -23.88 -6.53 2.83
CA THR A 6 -23.99 -5.95 1.49
C THR A 6 -24.42 -4.49 1.68
N PRO A 7 -24.23 -3.61 0.67
CA PRO A 7 -24.66 -2.21 0.85
C PRO A 7 -26.16 -2.08 0.98
N PRO A 8 -26.64 -1.22 1.87
CA PRO A 8 -28.10 -1.26 1.96
C PRO A 8 -28.83 -0.66 0.75
N ASN A 9 -30.00 -1.20 0.47
CA ASN A 9 -30.92 -0.66 -0.55
C ASN A 9 -32.00 0.14 0.15
N VAL A 10 -32.42 1.22 -0.47
CA VAL A 10 -33.23 2.21 0.21
C VAL A 10 -34.60 2.36 -0.47
N THR A 11 -35.69 2.36 0.33
CA THR A 11 -36.97 2.92 -0.11
C THR A 11 -37.45 4.04 0.80
N ARG A 12 -38.22 4.97 0.25
CA ARG A 12 -38.73 6.12 0.99
C ARG A 12 -40.01 5.73 1.70
N LEU A 13 -40.10 6.09 2.99
CA LEU A 13 -41.26 5.78 3.83
C LEU A 13 -42.16 6.98 4.02
N SER A 14 -41.57 8.16 4.17
CA SER A 14 -42.28 9.39 4.42
C SER A 14 -41.27 10.49 4.08
N ASP A 15 -41.72 11.75 4.23
CA ASP A 15 -40.88 12.94 3.99
C ASP A 15 -39.63 12.96 4.85
N GLU A 16 -39.61 12.21 5.94
CA GLU A 16 -38.47 12.26 6.88
C GLU A 16 -37.89 10.89 7.21
N SER A 17 -38.23 9.87 6.45
CA SER A 17 -37.75 8.54 6.81
C SER A 17 -37.68 7.59 5.63
N VAL A 18 -36.84 6.55 5.79
CA VAL A 18 -36.57 5.55 4.76
C VAL A 18 -36.46 4.16 5.38
N MET A 19 -36.58 3.12 4.56
CA MET A 19 -36.34 1.75 5.01
C MET A 19 -35.12 1.27 4.30
N LEU A 20 -34.24 0.61 5.05
CA LEU A 20 -33.03 0.04 4.50
C LEU A 20 -33.13 -1.47 4.51
N ARG A 21 -32.59 -2.12 3.49
CA ARG A 21 -32.62 -3.56 3.39
C ARG A 21 -31.20 -3.99 2.99
N TRP A 22 -30.68 -5.01 3.68
CA TRP A 22 -29.35 -5.57 3.42
C TRP A 22 -29.30 -7.05 3.73
N MET A 23 -28.18 -7.66 3.35
CA MET A 23 -27.89 -9.05 3.60
C MET A 23 -26.53 -9.25 4.22
N VAL A 24 -26.38 -10.35 4.95
CA VAL A 24 -25.08 -10.94 5.21
C VAL A 24 -25.06 -12.25 4.45
N PRO A 25 -24.10 -12.40 3.54
CA PRO A 25 -23.88 -13.62 2.74
C PRO A 25 -23.46 -14.79 3.64
N ARG A 26 -23.93 -16.00 3.34
CA ARG A 26 -23.42 -17.22 3.97
C ARG A 26 -21.91 -17.23 3.94
N ASN A 27 -21.31 -17.44 5.12
CA ASN A 27 -19.87 -17.41 5.36
C ASN A 27 -19.54 -18.09 6.69
N ASP A 28 -18.34 -18.66 6.78
CA ASP A 28 -17.83 -19.30 8.01
C ASP A 28 -16.96 -18.39 8.90
N GLY A 29 -17.06 -17.07 8.70
CA GLY A 29 -16.37 -16.10 9.57
C GLY A 29 -17.04 -15.99 10.93
N LEU A 30 -16.67 -14.97 11.70
CA LEU A 30 -17.27 -14.77 13.01
C LEU A 30 -18.73 -14.38 12.90
N PRO A 31 -19.55 -14.85 13.87
CA PRO A 31 -20.95 -14.45 14.03
C PRO A 31 -21.05 -12.93 14.22
N ILE A 32 -22.15 -12.36 13.76
CA ILE A 32 -22.46 -10.97 13.99
C ILE A 32 -23.41 -10.89 15.16
N VAL A 33 -23.16 -9.93 16.05
CA VAL A 33 -24.00 -9.72 17.24
C VAL A 33 -25.07 -8.68 16.98
N ILE A 34 -24.66 -7.49 16.52
CA ILE A 34 -25.61 -6.45 16.14
C ILE A 34 -25.13 -5.72 14.88
N PHE A 35 -26.02 -4.93 14.28
CA PHE A 35 -25.69 -4.03 13.19
C PHE A 35 -25.97 -2.62 13.67
N LYS A 36 -25.19 -1.65 13.20
CA LYS A 36 -25.49 -0.22 13.44
C LYS A 36 -25.78 0.40 12.10
N VAL A 37 -26.58 1.45 12.10
CA VAL A 37 -26.96 2.08 10.85
C VAL A 37 -26.36 3.48 10.82
N GLN A 38 -25.71 3.79 9.71
CA GLN A 38 -25.13 5.10 9.50
C GLN A 38 -25.67 5.77 8.23
N TYR A 39 -25.83 7.09 8.32
CA TYR A 39 -26.15 7.88 7.16
C TYR A 39 -25.35 9.16 7.14
N ARG A 40 -25.13 9.69 5.96
CA ARG A 40 -24.54 11.01 5.83
C ARG A 40 -25.12 11.81 4.67
N MET A 41 -25.26 13.11 4.87
CA MET A 41 -25.66 14.04 3.81
C MET A 41 -24.57 14.18 2.77
N VAL A 42 -24.98 14.24 1.51
CA VAL A 42 -24.07 14.52 0.42
C VAL A 42 -24.06 16.04 0.28
N GLY A 43 -22.89 16.65 0.45
CA GLY A 43 -22.80 18.11 0.49
C GLY A 43 -21.77 18.65 1.46
N LYS A 44 -22.21 19.56 2.33
CA LYS A 44 -21.29 20.49 3.01
C LYS A 44 -20.82 19.99 4.38
N ARG A 45 -19.51 20.05 4.65
CA ARG A 45 -18.97 19.81 6.02
C ARG A 45 -19.36 18.44 6.63
N LYS A 46 -19.73 17.48 5.78
CA LYS A 46 -20.59 16.35 6.23
C LYS A 46 -19.94 15.07 6.75
N ASN A 47 -20.36 14.68 7.96
CA ASN A 47 -19.84 13.52 8.66
C ASN A 47 -20.90 12.44 8.76
N TRP A 48 -20.46 11.20 9.02
CA TRP A 48 -21.36 10.07 9.25
C TRP A 48 -22.12 10.18 10.55
N GLN A 49 -23.44 9.99 10.45
CA GLN A 49 -24.32 9.97 11.60
C GLN A 49 -24.65 8.51 11.94
N THR A 50 -24.68 8.21 13.23
CA THR A 50 -25.05 6.87 13.68
C THR A 50 -26.41 6.92 14.34
N THR A 51 -27.31 6.03 13.98
CA THR A 51 -28.59 6.07 14.67
C THR A 51 -28.44 5.34 16.01
N ASN A 52 -29.40 5.57 16.91
CA ASN A 52 -29.39 4.95 18.23
C ASN A 52 -29.71 3.46 18.32
N ASP A 53 -30.29 2.86 17.29
CA ASP A 53 -30.72 1.47 17.39
C ASP A 53 -29.53 0.50 17.31
N ASN A 54 -29.62 -0.58 18.07
CA ASN A 54 -28.72 -1.69 17.94
C ASN A 54 -29.58 -2.79 17.38
N ILE A 55 -29.41 -3.09 16.10
CA ILE A 55 -30.25 -4.08 15.44
C ILE A 55 -29.64 -5.45 15.73
N PRO A 56 -30.37 -6.33 16.45
CA PRO A 56 -29.82 -7.64 16.82
C PRO A 56 -29.79 -8.55 15.65
N TYR A 57 -28.77 -9.41 15.58
CA TYR A 57 -28.67 -10.34 14.48
C TYR A 57 -29.86 -11.31 14.45
N GLY A 58 -30.35 -11.69 15.64
CA GLY A 58 -31.54 -12.53 15.80
C GLY A 58 -31.19 -13.97 15.44
N LYS A 59 -32.20 -14.83 15.39
CA LYS A 59 -32.05 -16.21 14.91
C LYS A 59 -33.05 -16.40 13.78
N PRO A 60 -32.90 -17.48 13.00
CA PRO A 60 -31.75 -18.38 12.93
C PRO A 60 -30.54 -17.65 12.32
N LYS A 61 -29.44 -18.38 12.12
CA LYS A 61 -28.22 -17.87 11.50
C LYS A 61 -28.43 -17.35 10.06
N TRP A 62 -29.18 -18.10 9.26
CA TRP A 62 -29.41 -17.80 7.86
C TRP A 62 -30.92 -17.95 7.59
N ASN A 63 -31.51 -17.06 6.80
CA ASN A 63 -32.92 -17.22 6.44
C ASN A 63 -33.10 -17.48 4.93
N SER A 64 -32.04 -17.92 4.27
CA SER A 64 -32.13 -18.30 2.87
C SER A 64 -30.93 -19.12 2.54
N GLU A 65 -30.92 -19.68 1.34
CA GLU A 65 -29.76 -20.41 0.85
C GLU A 65 -28.58 -19.46 0.50
N LEU A 66 -28.76 -18.16 0.65
CA LEU A 66 -27.77 -17.14 0.25
C LEU A 66 -27.14 -16.37 1.42
N GLY A 67 -27.81 -16.35 2.56
CA GLY A 67 -27.37 -15.53 3.67
C GLY A 67 -28.51 -15.24 4.60
N LYS A 68 -28.50 -14.06 5.21
CA LYS A 68 -29.62 -13.60 6.01
C LYS A 68 -29.85 -12.17 5.63
N SER A 69 -31.10 -11.87 5.35
CA SER A 69 -31.51 -10.53 4.97
C SER A 69 -32.13 -9.83 6.18
N PHE A 70 -32.07 -8.49 6.22
CA PHE A 70 -32.53 -7.67 7.35
C PHE A 70 -33.24 -6.45 6.81
N THR A 71 -34.13 -5.89 7.61
CA THR A 71 -34.88 -4.66 7.24
C THR A 71 -34.84 -3.72 8.43
N ALA A 72 -34.57 -2.43 8.23
CA ALA A 72 -34.60 -1.47 9.34
C ALA A 72 -34.90 -0.05 8.86
N SER A 73 -35.47 0.79 9.73
CA SER A 73 -35.84 2.12 9.27
C SER A 73 -34.83 3.12 9.78
N VAL A 74 -34.77 4.24 9.10
CA VAL A 74 -34.04 5.39 9.60
C VAL A 74 -35.06 6.49 9.57
N THR A 75 -35.26 7.17 10.69
CA THR A 75 -36.25 8.23 10.73
C THR A 75 -35.57 9.55 11.13
N ASP A 76 -36.34 10.62 11.24
CA ASP A 76 -35.82 11.94 11.67
C ASP A 76 -34.77 12.49 10.68
N LEU A 77 -34.95 12.16 9.40
CA LEU A 77 -34.11 12.74 8.33
C LEU A 77 -34.65 14.10 7.91
N LYS A 78 -33.76 15.00 7.48
CA LYS A 78 -34.19 16.27 6.93
C LYS A 78 -34.72 16.04 5.51
N PRO A 79 -35.93 16.50 5.23
CA PRO A 79 -36.52 16.29 3.90
C PRO A 79 -35.72 17.02 2.84
N GLN A 80 -35.85 16.60 1.57
CA GLN A 80 -35.32 17.35 0.43
C GLN A 80 -33.80 17.51 0.41
N HIS A 81 -33.11 16.46 0.85
CA HIS A 81 -31.65 16.37 0.85
C HIS A 81 -31.21 15.01 0.32
N THR A 82 -30.02 14.98 -0.24
CA THR A 82 -29.44 13.74 -0.70
C THR A 82 -28.64 13.12 0.42
N TYR A 83 -28.82 11.81 0.60
CA TYR A 83 -28.10 11.03 1.60
C TYR A 83 -27.39 9.79 0.99
N ARG A 84 -26.44 9.24 1.74
CA ARG A 84 -25.94 7.89 1.50
C ARG A 84 -26.10 7.16 2.83
N PHE A 85 -26.18 5.83 2.77
CA PHE A 85 -26.43 5.00 3.92
C PHE A 85 -25.44 3.83 3.95
N ARG A 86 -25.04 3.35 5.12
CA ARG A 86 -24.30 2.09 5.19
C ARG A 86 -24.64 1.38 6.48
N ILE A 87 -24.29 0.10 6.54
CA ILE A 87 -24.53 -0.81 7.65
C ILE A 87 -23.21 -1.28 8.26
N LEU A 88 -23.11 -1.28 9.58
CA LEU A 88 -21.92 -1.81 10.24
C LEU A 88 -22.27 -2.99 11.11
N ALA A 89 -21.52 -4.06 10.93
CA ALA A 89 -21.76 -5.26 11.70
C ALA A 89 -20.76 -5.27 12.84
N VAL A 90 -21.26 -5.57 14.05
CA VAL A 90 -20.42 -5.88 15.20
C VAL A 90 -20.32 -7.41 15.38
N TYR A 91 -19.09 -7.93 15.42
CA TYR A 91 -18.83 -9.37 15.48
C TYR A 91 -18.70 -9.83 16.91
N SER A 92 -18.58 -11.15 17.08
CA SER A 92 -18.56 -11.76 18.41
C SER A 92 -17.29 -11.40 19.19
N ASN A 93 -16.23 -11.02 18.50
CA ASN A 93 -15.01 -10.49 19.13
C ASN A 93 -15.03 -8.95 19.35
N ASN A 94 -16.17 -8.31 19.11
CA ASN A 94 -16.27 -6.86 19.32
C ASN A 94 -15.64 -5.97 18.26
N ASP A 95 -15.00 -6.57 17.26
CA ASP A 95 -14.65 -5.83 16.06
C ASP A 95 -15.90 -5.45 15.27
N ASN A 96 -15.71 -4.60 14.26
CA ASN A 96 -16.79 -4.13 13.38
C ASN A 96 -16.29 -3.96 11.94
N LYS A 97 -17.21 -4.07 10.98
CA LYS A 97 -16.89 -3.96 9.56
C LYS A 97 -18.07 -3.37 8.86
N GLU A 98 -17.83 -2.32 8.08
CA GLU A 98 -18.88 -1.56 7.44
C GLU A 98 -19.16 -2.09 6.04
N SER A 99 -20.40 -2.02 5.59
CA SER A 99 -20.72 -2.27 4.18
C SER A 99 -20.11 -1.20 3.29
N ASN A 100 -20.10 -1.45 1.97
CA ASN A 100 -19.97 -0.35 1.00
C ASN A 100 -21.19 0.57 1.20
N THR A 101 -21.10 1.83 0.77
CA THR A 101 -22.21 2.76 1.02
C THR A 101 -23.27 2.54 -0.05
N SER A 102 -24.50 2.97 0.21
CA SER A 102 -25.55 2.87 -0.78
C SER A 102 -25.25 3.89 -1.85
N ALA A 103 -26.08 3.91 -2.88
CA ALA A 103 -26.15 5.01 -3.83
C ALA A 103 -26.71 6.29 -3.20
N LYS A 104 -26.40 7.43 -3.81
CA LYS A 104 -26.98 8.70 -3.39
C LYS A 104 -28.48 8.50 -3.47
N PHE A 105 -29.19 8.98 -2.45
CA PHE A 105 -30.62 8.82 -2.38
C PHE A 105 -31.24 10.17 -2.05
N TYR A 106 -31.98 10.75 -2.99
CA TYR A 106 -32.62 12.05 -2.70
C TYR A 106 -33.92 11.78 -1.96
N LEU A 107 -34.09 12.35 -0.79
CA LEU A 107 -35.34 12.20 -0.04
C LEU A 107 -36.49 13.09 -0.56
N GLN A 108 -37.33 12.51 -1.42
CA GLN A 108 -38.44 13.24 -2.04
C GLN A 108 -39.47 13.77 -1.05
N PRO A 109 -40.07 14.96 -1.35
CA PRO A 109 -41.33 15.34 -0.74
C PRO A 109 -42.46 14.47 -1.34
N GLY A 110 -43.57 14.32 -0.64
CA GLY A 110 -44.62 13.41 -1.08
C GLY A 110 -45.63 13.95 -2.07
N ALA A 111 -45.54 15.24 -2.42
CA ALA A 111 -46.57 15.88 -3.26
C ALA A 111 -46.76 15.25 -4.64
N ALA A 112 -45.68 14.77 -5.24
CA ALA A 112 -45.72 14.28 -6.62
C ALA A 112 -46.02 12.79 -6.63
N LEU A 113 -46.02 12.20 -5.45
CA LEU A 113 -46.10 10.75 -5.30
C LEU A 113 -47.51 10.27 -5.03
N ASP A 114 -47.84 9.09 -5.50
CA ASP A 114 -49.22 8.62 -5.38
C ASP A 114 -49.43 7.89 -4.06
N PRO A 115 -50.60 8.10 -3.41
CA PRO A 115 -50.97 7.35 -2.23
C PRO A 115 -50.81 5.85 -2.48
N MET A 116 -50.25 5.13 -1.52
CA MET A 116 -50.17 3.68 -1.60
C MET A 116 -51.38 3.05 -0.93
N PRO A 117 -51.78 1.83 -1.37
CA PRO A 117 -52.91 1.13 -0.75
C PRO A 117 -52.64 0.65 0.68
N VAL A 118 -53.54 1.03 1.60
CA VAL A 118 -53.41 0.57 2.99
C VAL A 118 -53.88 -0.90 3.12
N PRO A 119 -52.99 -1.80 3.59
CA PRO A 119 -53.48 -3.18 3.77
C PRO A 119 -54.59 -3.24 4.84
N GLU A 120 -55.58 -4.09 4.65
CA GLU A 120 -56.52 -4.39 5.74
C GLU A 120 -56.05 -5.64 6.47
N LEU A 121 -55.53 -5.49 7.68
CA LEU A 121 -54.91 -6.59 8.43
C LEU A 121 -55.92 -7.44 9.22
N LEU A 122 -55.96 -8.74 8.91
CA LEU A 122 -56.88 -9.68 9.56
C LEU A 122 -56.27 -10.24 10.85
N GLU A 123 -57.06 -10.97 11.63
CA GLU A 123 -56.56 -11.52 12.90
C GLU A 123 -55.28 -12.32 12.68
N ILE A 124 -54.43 -12.31 13.70
CA ILE A 124 -53.13 -12.95 13.64
C ILE A 124 -53.31 -14.47 13.81
N GLU A 125 -52.87 -15.26 12.83
CA GLU A 125 -52.94 -16.70 12.94
C GLU A 125 -51.91 -17.21 13.97
N GLU A 126 -52.39 -17.80 15.05
CA GLU A 126 -51.54 -18.27 16.13
C GLU A 126 -50.99 -19.64 15.70
N TYR A 127 -50.02 -19.55 14.81
CA TYR A 127 -49.57 -20.69 14.00
C TYR A 127 -48.86 -21.80 14.75
N SER A 128 -47.88 -21.44 15.56
CA SER A 128 -47.10 -22.44 16.30
C SER A 128 -46.58 -21.80 17.58
N GLU A 129 -45.81 -22.56 18.34
CA GLU A 129 -45.14 -22.01 19.51
C GLU A 129 -44.11 -20.96 19.15
N THR A 130 -43.59 -20.98 17.92
CA THR A 130 -42.52 -20.08 17.58
C THR A 130 -42.83 -19.16 16.40
N ALA A 131 -44.07 -19.21 15.90
CA ALA A 131 -44.45 -18.49 14.69
C ALA A 131 -45.91 -18.10 14.68
N VAL A 132 -46.19 -17.10 13.86
CA VAL A 132 -47.47 -16.47 13.70
C VAL A 132 -47.61 -16.24 12.19
N VAL A 133 -48.83 -16.24 11.67
CA VAL A 133 -49.03 -15.89 10.24
C VAL A 133 -49.97 -14.69 10.12
N LEU A 134 -49.48 -13.64 9.49
CA LEU A 134 -50.29 -12.47 9.18
C LEU A 134 -51.06 -12.74 7.90
N HIS A 135 -52.32 -12.30 7.88
CA HIS A 135 -53.19 -12.34 6.72
C HIS A 135 -53.77 -10.94 6.52
N TRP A 136 -53.93 -10.52 5.28
CA TRP A 136 -54.51 -9.21 4.99
C TRP A 136 -55.27 -9.18 3.66
N SER A 137 -55.90 -8.05 3.39
CA SER A 137 -56.57 -7.85 2.13
C SER A 137 -56.27 -6.46 1.61
N LEU A 138 -56.56 -6.23 0.34
CA LEU A 138 -56.46 -4.91 -0.25
C LEU A 138 -57.84 -4.44 -0.70
N ALA A 139 -58.16 -3.19 -0.42
CA ALA A 139 -59.41 -2.60 -0.87
C ALA A 139 -59.60 -2.86 -2.36
N SER A 140 -60.85 -2.95 -2.79
CA SER A 140 -61.18 -3.22 -4.20
C SER A 140 -60.43 -2.31 -5.20
N ASP A 141 -60.38 -1.01 -4.90
CA ASP A 141 -59.74 -0.01 -5.78
C ASP A 141 -58.26 -0.26 -6.10
N ALA A 142 -57.52 -0.77 -5.12
CA ALA A 142 -56.03 -0.76 -5.08
C ALA A 142 -55.26 -1.05 -6.38
N ASP A 143 -54.44 -0.08 -6.81
CA ASP A 143 -53.55 -0.30 -7.96
C ASP A 143 -52.34 -1.09 -7.49
N GLU A 144 -52.47 -2.41 -7.61
CA GLU A 144 -51.48 -3.42 -7.21
C GLU A 144 -50.19 -3.33 -8.02
N HIS A 145 -50.25 -2.73 -9.21
CA HIS A 145 -49.03 -2.48 -9.99
C HIS A 145 -48.10 -1.50 -9.29
N LEU A 146 -48.66 -0.68 -8.40
CA LEU A 146 -47.87 0.27 -7.61
C LEU A 146 -47.00 -0.38 -6.54
N ILE A 147 -47.35 -1.58 -6.11
CA ILE A 147 -46.79 -2.20 -4.92
C ILE A 147 -45.59 -3.11 -5.25
N THR A 148 -44.47 -2.92 -4.56
CA THR A 148 -43.37 -3.88 -4.64
C THR A 148 -43.59 -4.99 -3.60
N GLY A 149 -44.08 -4.61 -2.42
CA GLY A 149 -44.27 -5.58 -1.37
C GLY A 149 -44.85 -4.95 -0.12
N TYR A 150 -44.64 -5.60 1.02
CA TYR A 150 -45.16 -5.11 2.29
C TYR A 150 -44.07 -5.10 3.36
N TYR A 151 -44.08 -4.05 4.17
CA TYR A 151 -43.23 -4.00 5.34
C TYR A 151 -44.10 -4.31 6.56
N ALA A 152 -43.66 -5.30 7.34
CA ALA A 152 -44.33 -5.69 8.59
C ALA A 152 -43.56 -5.15 9.79
N TYR A 153 -44.29 -4.61 10.77
CA TYR A 153 -43.66 -4.07 11.98
C TYR A 153 -44.25 -4.83 13.13
N TYR A 154 -43.41 -5.32 14.05
CA TYR A 154 -43.89 -6.14 15.14
C TYR A 154 -43.00 -5.99 16.36
N ARG A 155 -43.59 -6.07 17.54
CA ARG A 155 -42.83 -6.08 18.78
C ARG A 155 -43.68 -6.68 19.91
N PRO A 156 -43.04 -7.11 21.02
CA PRO A 156 -43.87 -7.61 22.11
C PRO A 156 -44.86 -6.56 22.53
N SER A 157 -46.08 -6.99 22.81
CA SER A 157 -47.13 -6.09 23.28
C SER A 157 -46.69 -5.36 24.51
N SER A 158 -46.82 -4.03 24.43
CA SER A 158 -46.57 -3.08 25.53
C SER A 158 -45.09 -2.72 25.68
N SER A 159 -44.24 -3.32 24.87
CA SER A 159 -42.83 -3.04 24.92
C SER A 159 -42.62 -1.63 24.38
N ALA A 160 -41.66 -0.90 24.95
CA ALA A 160 -41.40 0.47 24.52
C ALA A 160 -40.35 0.52 23.41
N GLY A 161 -39.67 -0.60 23.22
CA GLY A 161 -38.65 -0.69 22.18
C GLY A 161 -39.16 -0.38 20.78
N GLU A 162 -38.21 -0.20 19.86
CA GLU A 162 -38.51 -0.04 18.47
C GLU A 162 -39.09 -1.33 17.89
N TYR A 163 -40.06 -1.19 16.99
CA TYR A 163 -40.53 -2.31 16.19
C TYR A 163 -39.40 -3.00 15.42
N PHE A 164 -39.41 -4.34 15.41
CA PHE A 164 -38.69 -5.15 14.42
C PHE A 164 -39.42 -4.96 13.08
N LYS A 165 -38.70 -5.06 11.98
CA LYS A 165 -39.32 -4.96 10.66
C LYS A 165 -38.96 -6.20 9.88
N ALA A 166 -39.84 -6.58 8.96
CA ALA A 166 -39.59 -7.65 8.01
C ALA A 166 -40.22 -7.21 6.69
N THR A 167 -39.66 -7.74 5.60
CA THR A 167 -40.06 -7.41 4.25
C THR A 167 -40.64 -8.63 3.55
N ILE A 168 -41.81 -8.45 2.97
CA ILE A 168 -42.33 -9.49 2.10
C ILE A 168 -42.53 -8.92 0.69
N GLU A 169 -41.90 -9.55 -0.29
CA GLU A 169 -41.97 -9.08 -1.65
C GLU A 169 -43.15 -9.66 -2.42
N GLY A 170 -43.73 -8.86 -3.30
CA GLY A 170 -44.78 -9.33 -4.19
C GLY A 170 -46.06 -8.65 -3.84
N ALA A 171 -46.59 -7.87 -4.77
CA ALA A 171 -47.87 -7.23 -4.57
C ALA A 171 -48.98 -8.25 -4.25
N HIS A 172 -48.90 -9.45 -4.83
CA HIS A 172 -49.98 -10.43 -4.71
C HIS A 172 -49.98 -11.21 -3.38
N ALA A 173 -48.95 -11.05 -2.54
CA ALA A 173 -48.94 -11.73 -1.24
C ALA A 173 -50.10 -11.22 -0.40
N ARG A 174 -50.68 -12.11 0.38
CA ARG A 174 -51.78 -11.77 1.26
C ARG A 174 -51.61 -12.42 2.60
N SER A 175 -50.47 -13.10 2.78
CA SER A 175 -50.12 -13.74 4.06
C SER A 175 -48.60 -13.79 4.28
N PHE A 176 -48.15 -13.83 5.53
CA PHE A 176 -46.70 -13.89 5.81
C PHE A 176 -46.42 -14.50 7.17
N LYS A 177 -45.61 -15.55 7.20
CA LYS A 177 -45.20 -16.20 8.45
C LYS A 177 -44.09 -15.38 9.12
N ILE A 178 -44.33 -14.88 10.34
CA ILE A 178 -43.25 -14.21 11.10
C ILE A 178 -42.66 -15.23 12.07
N ALA A 179 -41.35 -15.50 11.95
CA ALA A 179 -40.69 -16.59 12.67
C ALA A 179 -39.16 -16.43 12.59
N PRO A 180 -38.42 -16.92 13.60
CA PRO A 180 -38.88 -17.49 14.86
C PRO A 180 -39.28 -16.39 15.86
N LEU A 181 -40.34 -16.66 16.63
CA LEU A 181 -40.82 -15.73 17.66
C LEU A 181 -40.70 -16.44 18.99
N GLU A 182 -40.71 -15.66 20.07
CA GLU A 182 -40.71 -16.20 21.40
C GLU A 182 -42.01 -16.94 21.68
N THR A 183 -41.89 -18.02 22.44
CA THR A 183 -42.98 -18.88 22.75
C THR A 183 -43.90 -18.24 23.82
N ALA A 184 -45.20 -18.54 23.73
CA ALA A 184 -46.21 -18.01 24.66
C ALA A 184 -46.21 -16.48 24.80
N THR A 185 -45.84 -15.78 23.73
CA THR A 185 -45.62 -14.33 23.80
C THR A 185 -46.58 -13.50 22.93
N MET A 186 -47.22 -12.50 23.56
CA MET A 186 -48.12 -11.56 22.89
C MET A 186 -47.32 -10.51 22.14
N TYR A 187 -47.54 -10.45 20.82
CA TYR A 187 -46.94 -9.46 19.94
C TYR A 187 -48.01 -8.53 19.38
N GLU A 188 -47.57 -7.35 18.91
CA GLU A 188 -48.46 -6.44 18.23
C GLU A 188 -47.88 -6.23 16.84
N PHE A 189 -48.74 -6.19 15.82
CA PHE A 189 -48.31 -6.19 14.41
C PHE A 189 -49.04 -5.14 13.63
N LYS A 190 -48.30 -4.41 12.78
CA LYS A 190 -48.95 -3.57 11.79
C LYS A 190 -48.22 -3.71 10.46
N LEU A 191 -48.93 -3.39 9.38
CA LEU A 191 -48.46 -3.66 8.03
C LEU A 191 -48.70 -2.47 7.12
N GLN A 192 -47.75 -2.23 6.22
CA GLN A 192 -47.90 -1.20 5.17
C GLN A 192 -47.47 -1.75 3.82
N SER A 193 -48.06 -1.26 2.74
CA SER A 193 -47.57 -1.56 1.39
C SER A 193 -46.43 -0.59 1.08
N PHE A 194 -45.54 -0.98 0.20
CA PHE A 194 -44.45 -0.11 -0.18
C PHE A 194 -44.08 -0.25 -1.65
N SER A 195 -43.49 0.83 -2.16
CA SER A 195 -42.80 0.86 -3.45
C SER A 195 -41.48 1.56 -3.16
N ALA A 196 -40.62 1.70 -4.18
CA ALA A 196 -39.35 2.43 -4.00
C ALA A 196 -39.58 3.87 -3.53
N ALA A 197 -40.62 4.51 -4.08
CA ALA A 197 -40.87 5.93 -3.88
C ALA A 197 -41.70 6.23 -2.66
N SER A 198 -42.49 5.27 -2.19
CA SER A 198 -43.26 5.49 -0.96
C SER A 198 -43.86 4.25 -0.31
N ALA A 199 -44.70 4.50 0.70
CA ALA A 199 -45.27 3.42 1.50
C ALA A 199 -46.61 3.88 2.07
N SER A 200 -47.55 2.96 2.20
CA SER A 200 -48.88 3.31 2.65
C SER A 200 -48.92 3.73 4.11
N GLU A 201 -50.04 4.33 4.48
CA GLU A 201 -50.46 4.42 5.88
C GLU A 201 -50.47 3.02 6.47
N PHE A 202 -50.48 2.91 7.78
CA PHE A 202 -50.47 1.59 8.41
C PHE A 202 -51.83 0.93 8.47
N SER A 203 -51.85 -0.39 8.40
CA SER A 203 -53.03 -1.16 8.81
C SER A 203 -53.34 -0.89 10.29
N ALA A 204 -54.49 -1.35 10.78
CA ALA A 204 -54.73 -1.40 12.22
C ALA A 204 -53.59 -2.16 12.92
N LEU A 205 -53.32 -1.81 14.18
CA LEU A 205 -52.37 -2.57 14.98
C LEU A 205 -53.10 -3.77 15.58
N LYS A 206 -52.67 -4.97 15.22
CA LYS A 206 -53.30 -6.24 15.66
C LYS A 206 -52.40 -6.97 16.64
N GLN A 207 -53.00 -7.55 17.67
CA GLN A 207 -52.26 -8.38 18.62
C GLN A 207 -52.47 -9.85 18.36
N GLY A 208 -51.42 -10.63 18.57
CA GLY A 208 -51.49 -12.05 18.40
C GLY A 208 -50.41 -12.73 19.19
N ARG A 209 -50.73 -13.90 19.72
CA ARG A 209 -49.85 -14.67 20.60
C ARG A 209 -49.29 -15.91 19.91
N THR A 210 -47.98 -16.15 20.02
CA THR A 210 -47.48 -17.50 19.71
C THR A 210 -48.11 -18.53 20.68
N GLN A 211 -48.05 -19.80 20.31
CA GLN A 211 -48.71 -20.81 21.11
C GLN A 211 -48.01 -21.06 22.44
N ARG A 212 -48.81 -21.47 23.43
CA ARG A 212 -48.32 -21.92 24.72
C ARG A 212 -47.96 -23.39 24.59
N PRO A 213 -46.75 -23.78 25.00
CA PRO A 213 -46.38 -25.18 25.11
C PRO A 213 -47.42 -25.93 25.93
N LYS A 214 -47.95 -27.01 25.38
CA LYS A 214 -48.87 -27.85 26.13
C LYS A 214 -48.09 -28.83 27.02
N SER B 1 14.89 3.90 -12.11
CA SER B 1 15.53 4.07 -10.74
C SER B 1 16.27 5.41 -10.63
N THR B 2 15.96 6.13 -9.57
CA THR B 2 16.45 7.49 -9.42
C THR B 2 16.86 7.78 -7.98
N TYR B 3 18.13 8.13 -7.78
CA TYR B 3 18.66 8.41 -6.47
C TYR B 3 18.51 9.90 -6.08
N PRO B 4 17.81 10.16 -4.97
CA PRO B 4 17.52 11.53 -4.51
C PRO B 4 18.76 12.26 -4.01
N PRO B 5 18.78 13.59 -4.11
CA PRO B 5 19.87 14.29 -3.43
C PRO B 5 19.70 14.19 -1.89
N THR B 6 20.75 14.49 -1.13
CA THR B 6 20.72 14.44 0.31
C THR B 6 20.14 15.77 0.81
N PRO B 7 19.66 15.81 2.07
CA PRO B 7 19.04 17.02 2.60
C PRO B 7 20.10 18.11 2.66
N PRO B 8 19.78 19.33 2.18
CA PRO B 8 20.85 20.33 2.13
C PRO B 8 21.28 20.85 3.50
N ASN B 9 22.56 21.20 3.62
CA ASN B 9 23.08 21.77 4.83
C ASN B 9 23.25 23.27 4.62
N VAL B 10 22.89 24.08 5.61
CA VAL B 10 22.68 25.54 5.41
C VAL B 10 23.68 26.33 6.24
N THR B 11 24.32 27.33 5.61
CA THR B 11 25.09 28.30 6.38
C THR B 11 24.69 29.68 5.87
N ARG B 12 24.74 30.67 6.73
CA ARG B 12 24.33 32.02 6.42
C ARG B 12 25.44 32.84 5.74
N LEU B 13 25.10 33.45 4.60
CA LEU B 13 26.02 34.31 3.84
C LEU B 13 25.82 35.77 4.18
N SER B 14 24.57 36.20 4.28
CA SER B 14 24.27 37.59 4.58
C SER B 14 22.90 37.66 5.25
N ASP B 15 22.41 38.87 5.51
CA ASP B 15 21.06 39.05 6.07
C ASP B 15 19.95 38.45 5.18
N GLU B 16 20.28 38.10 3.94
CA GLU B 16 19.27 37.68 2.96
C GLU B 16 19.75 36.54 2.05
N SER B 17 20.78 35.82 2.47
CA SER B 17 21.24 34.68 1.69
C SER B 17 21.92 33.59 2.53
N VAL B 18 21.80 32.38 2.01
CA VAL B 18 22.39 31.19 2.61
C VAL B 18 23.20 30.46 1.56
N MET B 19 24.15 29.65 2.00
CA MET B 19 24.75 28.68 1.11
C MET B 19 24.18 27.33 1.46
N LEU B 20 23.91 26.51 0.43
CA LEU B 20 23.45 25.15 0.56
C LEU B 20 24.47 24.15 0.03
N ARG B 21 24.63 23.03 0.73
CA ARG B 21 25.54 22.00 0.29
C ARG B 21 24.77 20.71 0.39
N TRP B 22 24.87 19.89 -0.65
CA TRP B 22 24.27 18.60 -0.65
C TRP B 22 25.12 17.67 -1.50
N MET B 23 24.72 16.42 -1.59
CA MET B 23 25.37 15.55 -2.52
C MET B 23 24.42 14.54 -3.13
N VAL B 24 24.89 13.90 -4.20
CA VAL B 24 24.19 12.84 -4.86
C VAL B 24 25.14 11.63 -4.71
N PRO B 25 24.72 10.61 -3.97
CA PRO B 25 25.52 9.41 -3.75
C PRO B 25 25.77 8.69 -5.05
N ARG B 26 26.95 8.12 -5.19
CA ARG B 26 27.31 7.45 -6.42
C ARG B 26 26.33 6.31 -6.64
N ASN B 27 25.80 6.21 -7.86
CA ASN B 27 24.70 5.27 -8.13
C ASN B 27 24.57 4.98 -9.62
N ASP B 28 23.89 3.86 -9.93
CA ASP B 28 23.73 3.32 -11.27
C ASP B 28 22.40 3.68 -11.94
N GLY B 29 21.67 4.64 -11.39
CA GLY B 29 20.38 5.01 -11.95
C GLY B 29 20.46 6.14 -12.97
N LEU B 30 19.33 6.74 -13.25
CA LEU B 30 19.26 7.85 -14.20
C LEU B 30 20.12 9.03 -13.78
N PRO B 31 20.82 9.64 -14.76
CA PRO B 31 21.58 10.84 -14.51
C PRO B 31 20.66 12.01 -14.20
N ILE B 32 21.24 13.02 -13.56
CA ILE B 32 20.54 14.24 -13.17
C ILE B 32 21.04 15.33 -14.10
N VAL B 33 20.11 16.15 -14.58
CA VAL B 33 20.39 17.21 -15.53
C VAL B 33 20.42 18.58 -14.83
N ILE B 34 19.46 18.84 -13.94
CA ILE B 34 19.47 20.04 -13.13
C ILE B 34 18.95 19.77 -11.73
N PHE B 35 19.23 20.70 -10.82
CA PHE B 35 18.60 20.78 -9.52
C PHE B 35 17.77 22.06 -9.42
N LYS B 36 16.73 21.99 -8.60
CA LYS B 36 15.93 23.16 -8.22
C LYS B 36 16.00 23.35 -6.71
N VAL B 37 15.91 24.58 -6.26
CA VAL B 37 15.98 24.82 -4.84
C VAL B 37 14.64 25.28 -4.35
N GLN B 38 14.16 24.68 -3.27
CA GLN B 38 12.93 25.12 -2.65
C GLN B 38 13.18 25.50 -1.20
N TYR B 39 12.44 26.49 -0.72
CA TYR B 39 12.46 26.84 0.70
C TYR B 39 11.05 27.18 1.17
N ARG B 40 10.82 27.05 2.47
CA ARG B 40 9.55 27.47 3.04
C ARG B 40 9.75 28.01 4.43
N MET B 41 8.94 29.01 4.77
CA MET B 41 8.95 29.57 6.10
C MET B 41 8.32 28.58 7.04
N VAL B 42 8.98 28.34 8.17
CA VAL B 42 8.46 27.43 9.17
C VAL B 42 7.25 28.04 9.83
N GLY B 43 6.30 27.18 10.17
CA GLY B 43 5.21 27.50 11.06
C GLY B 43 4.39 28.73 10.71
N LYS B 44 4.54 29.22 9.48
CA LYS B 44 3.61 30.23 8.95
C LYS B 44 2.53 29.52 8.13
N ARG B 45 2.98 28.70 7.18
CA ARG B 45 2.14 27.76 6.43
C ARG B 45 2.98 27.20 5.30
N LYS B 46 3.35 25.92 5.44
CA LYS B 46 4.06 25.17 4.38
C LYS B 46 3.47 25.52 3.03
N ASN B 47 4.04 26.55 2.41
CA ASN B 47 3.91 26.80 1.00
C ASN B 47 5.33 26.88 0.50
N TRP B 48 5.79 25.80 -0.10
CA TRP B 48 7.10 25.77 -0.71
C TRP B 48 7.26 26.87 -1.75
N GLN B 49 8.42 27.48 -1.74
CA GLN B 49 8.76 28.48 -2.71
C GLN B 49 9.85 27.86 -3.57
N THR B 50 9.81 28.13 -4.86
CA THR B 50 10.82 27.62 -5.76
C THR B 50 11.58 28.78 -6.35
N THR B 51 12.91 28.72 -6.31
CA THR B 51 13.71 29.80 -6.85
C THR B 51 13.83 29.66 -8.36
N ASN B 52 14.18 30.75 -9.04
CA ASN B 52 14.24 30.69 -10.50
C ASN B 52 15.48 29.99 -11.03
N ASP B 53 16.47 29.80 -10.18
CA ASP B 53 17.71 29.16 -10.57
C ASP B 53 17.50 27.71 -11.05
N ASN B 54 18.01 27.40 -12.23
CA ASN B 54 18.13 26.02 -12.70
C ASN B 54 19.59 25.58 -12.64
N ILE B 55 20.00 24.99 -11.53
CA ILE B 55 21.39 24.61 -11.26
C ILE B 55 21.85 23.38 -12.09
N PRO B 56 22.76 23.58 -13.08
CA PRO B 56 23.08 22.43 -13.92
C PRO B 56 23.87 21.40 -13.11
N TYR B 57 23.67 20.13 -13.42
CA TYR B 57 24.45 19.12 -12.73
C TYR B 57 25.93 19.37 -13.01
N GLY B 58 26.22 19.78 -14.23
CA GLY B 58 27.58 20.09 -14.64
C GLY B 58 28.45 18.86 -14.76
N LYS B 59 29.73 19.08 -14.97
CA LYS B 59 30.70 17.99 -14.96
C LYS B 59 31.69 18.16 -13.79
N PRO B 60 32.43 17.08 -13.47
CA PRO B 60 32.31 15.72 -14.03
C PRO B 60 31.10 14.99 -13.38
N LYS B 61 30.91 13.70 -13.67
CA LYS B 61 29.76 12.96 -13.10
C LYS B 61 29.88 12.72 -11.59
N TRP B 62 31.08 12.39 -11.12
CA TRP B 62 31.36 12.22 -9.70
C TRP B 62 32.62 13.01 -9.40
N ASN B 63 32.62 13.75 -8.28
CA ASN B 63 33.87 14.36 -7.79
C ASN B 63 34.53 13.62 -6.60
N SER B 64 34.00 12.45 -6.27
CA SER B 64 34.79 11.50 -5.48
C SER B 64 34.26 10.11 -5.77
N GLU B 65 34.92 9.07 -5.21
CA GLU B 65 34.44 7.71 -5.36
C GLU B 65 33.05 7.53 -4.75
N LEU B 66 32.68 8.44 -3.84
CA LEU B 66 31.42 8.37 -3.08
C LEU B 66 30.21 9.05 -3.76
N GLY B 67 30.44 9.88 -4.77
CA GLY B 67 29.35 10.59 -5.44
C GLY B 67 29.80 11.94 -5.94
N LYS B 68 28.88 12.90 -5.98
CA LYS B 68 29.25 14.27 -6.29
C LYS B 68 28.58 15.25 -5.30
N SER B 69 29.38 16.11 -4.65
CA SER B 69 28.87 17.13 -3.75
C SER B 69 28.68 18.46 -4.49
N PHE B 70 27.83 19.33 -3.95
CA PHE B 70 27.48 20.57 -4.60
C PHE B 70 27.44 21.70 -3.59
N THR B 71 27.63 22.92 -4.09
CA THR B 71 27.54 24.14 -3.29
C THR B 71 26.76 25.16 -4.13
N ALA B 72 25.74 25.80 -3.55
CA ALA B 72 24.98 26.83 -4.26
C ALA B 72 24.41 27.82 -3.26
N SER B 73 24.30 29.09 -3.67
CA SER B 73 23.75 30.17 -2.83
C SER B 73 22.27 30.44 -3.11
N VAL B 74 21.54 30.86 -2.08
CA VAL B 74 20.16 31.26 -2.30
C VAL B 74 20.10 32.68 -1.80
N THR B 75 19.62 33.59 -2.64
CA THR B 75 19.66 34.99 -2.31
C THR B 75 18.21 35.52 -2.22
N ASP B 76 18.04 36.81 -1.93
CA ASP B 76 16.69 37.41 -1.96
C ASP B 76 15.73 36.87 -0.88
N LEU B 77 16.24 36.26 0.19
CA LEU B 77 15.38 35.75 1.26
C LEU B 77 14.90 36.89 2.15
N LYS B 78 13.74 36.73 2.77
CA LYS B 78 13.27 37.73 3.72
C LYS B 78 14.08 37.55 5.03
N PRO B 79 14.67 38.64 5.56
CA PRO B 79 15.49 38.49 6.77
C PRO B 79 14.64 38.12 7.99
N GLN B 80 15.26 37.49 8.99
CA GLN B 80 14.61 37.27 10.31
C GLN B 80 13.38 36.36 10.31
N HIS B 81 13.45 35.29 9.55
CA HIS B 81 12.45 34.26 9.60
C HIS B 81 13.18 32.92 9.66
N THR B 82 12.46 31.91 10.13
CA THR B 82 12.95 30.53 10.11
C THR B 82 12.55 29.86 8.78
N TYR B 83 13.49 29.14 8.18
CA TYR B 83 13.28 28.49 6.90
C TYR B 83 13.65 27.03 7.01
N ARG B 84 13.05 26.22 6.15
CA ARG B 84 13.54 24.90 5.84
C ARG B 84 13.84 24.94 4.36
N PHE B 85 14.78 24.11 3.93
CA PHE B 85 15.23 24.07 2.54
C PHE B 85 15.26 22.62 2.05
N ARG B 86 15.04 22.45 0.75
CA ARG B 86 15.22 21.15 0.13
C ARG B 86 15.70 21.28 -1.31
N ILE B 87 16.35 20.22 -1.78
CA ILE B 87 16.90 20.13 -3.15
C ILE B 87 16.06 19.17 -3.97
N LEU B 88 15.76 19.54 -5.21
CA LEU B 88 15.06 18.63 -6.14
C LEU B 88 15.85 18.39 -7.44
N ALA B 89 16.07 17.12 -7.74
CA ALA B 89 16.83 16.74 -8.89
C ALA B 89 15.86 16.46 -10.00
N VAL B 90 16.20 16.95 -11.19
CA VAL B 90 15.48 16.59 -12.41
C VAL B 90 16.34 15.58 -13.18
N TYR B 91 15.77 14.41 -13.42
CA TYR B 91 16.49 13.33 -14.06
C TYR B 91 16.39 13.41 -15.58
N SER B 92 17.11 12.53 -16.29
CA SER B 92 17.12 12.57 -17.75
C SER B 92 15.76 12.20 -18.37
N ASN B 93 14.91 11.54 -17.59
CA ASN B 93 13.58 11.21 -18.06
C ASN B 93 12.56 12.29 -17.70
N ASN B 94 13.03 13.41 -17.13
CA ASN B 94 12.17 14.54 -16.75
C ASN B 94 11.31 14.33 -15.50
N ASP B 95 11.50 13.19 -14.84
CA ASP B 95 10.94 13.00 -13.50
C ASP B 95 11.78 13.84 -12.53
N ASN B 96 11.24 14.08 -11.34
CA ASN B 96 11.99 14.78 -10.30
C ASN B 96 11.89 14.04 -8.99
N LYS B 97 12.91 14.16 -8.15
CA LYS B 97 12.84 13.63 -6.80
C LYS B 97 13.37 14.67 -5.85
N GLU B 98 12.65 14.90 -4.75
CA GLU B 98 13.08 15.83 -3.72
C GLU B 98 13.91 15.17 -2.63
N SER B 99 14.80 15.93 -2.02
CA SER B 99 15.50 15.49 -0.81
C SER B 99 14.55 15.63 0.38
N ASN B 100 14.93 15.01 1.49
CA ASN B 100 14.36 15.38 2.77
C ASN B 100 14.68 16.86 3.04
N THR B 101 13.88 17.51 3.88
CA THR B 101 14.12 18.92 4.10
C THR B 101 15.23 19.08 5.13
N SER B 102 15.95 20.18 5.04
CA SER B 102 16.95 20.55 6.04
C SER B 102 16.33 20.79 7.43
N ALA B 103 17.21 20.94 8.41
CA ALA B 103 16.85 21.46 9.71
C ALA B 103 16.29 22.87 9.60
N LYS B 104 15.52 23.27 10.61
CA LYS B 104 15.00 24.63 10.70
C LYS B 104 16.21 25.53 10.71
N PHE B 105 16.13 26.61 9.95
CA PHE B 105 17.24 27.57 9.90
C PHE B 105 16.75 28.99 10.05
N TYR B 106 17.12 29.67 11.14
CA TYR B 106 16.73 31.07 11.34
C TYR B 106 17.72 32.08 10.72
N LEU B 107 17.22 32.95 9.86
CA LEU B 107 18.11 33.87 9.16
C LEU B 107 18.40 35.11 10.00
N GLN B 108 19.54 35.07 10.68
CA GLN B 108 19.98 36.07 11.64
C GLN B 108 20.32 37.39 10.96
N PRO B 109 20.08 38.52 11.67
CA PRO B 109 20.68 39.83 11.32
C PRO B 109 22.17 39.77 11.66
N GLY B 110 22.99 40.51 10.92
CA GLY B 110 24.43 40.43 11.10
C GLY B 110 24.96 41.09 12.36
N ALA B 111 24.15 41.91 13.02
CA ALA B 111 24.59 42.72 14.14
C ALA B 111 25.35 41.97 15.24
N ALA B 112 24.85 40.81 15.64
CA ALA B 112 25.40 40.08 16.80
C ALA B 112 26.57 39.18 16.43
N LEU B 113 26.85 39.12 15.14
CA LEU B 113 27.83 38.19 14.62
C LEU B 113 29.13 38.93 14.40
N ASP B 114 30.22 38.38 14.92
CA ASP B 114 31.53 38.96 14.69
C ASP B 114 31.93 38.71 13.23
N PRO B 115 32.58 39.71 12.60
CA PRO B 115 33.01 39.56 11.20
C PRO B 115 34.01 38.41 11.10
N MET B 116 33.98 37.68 9.99
CA MET B 116 34.89 36.56 9.77
C MET B 116 36.19 37.06 9.13
N PRO B 117 37.30 36.32 9.31
CA PRO B 117 38.58 36.68 8.69
C PRO B 117 38.50 36.63 7.16
N VAL B 118 38.73 37.77 6.52
CA VAL B 118 38.81 37.86 5.05
C VAL B 118 40.13 37.20 4.62
N PRO B 119 40.08 36.17 3.75
CA PRO B 119 41.32 35.63 3.20
C PRO B 119 41.99 36.63 2.26
N GLU B 120 43.32 36.58 2.19
CA GLU B 120 44.02 37.31 1.15
C GLU B 120 44.30 36.30 0.06
N LEU B 121 43.66 36.48 -1.09
CA LEU B 121 43.85 35.56 -2.22
C LEU B 121 45.13 35.91 -2.97
N LEU B 122 46.06 34.97 -3.02
CA LEU B 122 47.34 35.17 -3.70
C LEU B 122 47.20 34.75 -5.16
N GLU B 123 48.28 34.83 -5.92
CA GLU B 123 48.20 34.51 -7.35
C GLU B 123 47.78 33.07 -7.58
N ILE B 124 46.95 32.87 -8.61
CA ILE B 124 46.40 31.56 -8.98
C ILE B 124 47.47 30.64 -9.57
N GLU B 125 47.68 29.47 -8.97
CA GLU B 125 48.62 28.51 -9.53
C GLU B 125 48.01 27.81 -10.74
N GLU B 126 48.69 27.93 -11.88
CA GLU B 126 48.22 27.34 -13.13
C GLU B 126 48.69 25.90 -13.17
N TYR B 127 48.05 25.07 -12.34
CA TYR B 127 48.50 23.70 -12.05
C TYR B 127 48.60 22.75 -13.23
N SER B 128 47.61 22.78 -14.12
CA SER B 128 47.60 21.87 -15.26
C SER B 128 46.59 22.34 -16.30
N GLU B 129 46.46 21.59 -17.39
CA GLU B 129 45.50 21.85 -18.45
C GLU B 129 44.04 21.91 -18.01
N THR B 130 43.74 21.38 -16.82
CA THR B 130 42.34 21.21 -16.39
C THR B 130 42.15 21.50 -14.92
N ALA B 131 43.12 22.19 -14.32
CA ALA B 131 43.12 22.45 -12.88
C ALA B 131 43.92 23.70 -12.54
N VAL B 132 43.44 24.44 -11.56
CA VAL B 132 44.24 25.51 -10.93
C VAL B 132 44.23 25.26 -9.45
N VAL B 133 45.16 25.88 -8.74
CA VAL B 133 45.19 25.76 -7.29
C VAL B 133 45.19 27.15 -6.71
N LEU B 134 44.25 27.37 -5.78
CA LEU B 134 44.15 28.65 -5.08
C LEU B 134 45.07 28.67 -3.89
N HIS B 135 45.73 29.80 -3.67
CA HIS B 135 46.57 29.96 -2.48
C HIS B 135 46.16 31.21 -1.73
N TRP B 136 46.17 31.15 -0.42
CA TRP B 136 45.82 32.28 0.41
C TRP B 136 46.53 32.27 1.75
N SER B 137 46.40 33.38 2.47
CA SER B 137 46.90 33.46 3.82
C SER B 137 45.85 34.22 4.61
N LEU B 138 45.90 34.11 5.93
CA LEU B 138 45.04 34.92 6.82
C LEU B 138 45.91 35.88 7.61
N ALA B 139 45.32 36.98 8.06
CA ALA B 139 45.95 37.87 9.04
C ALA B 139 46.38 37.11 10.30
N SER B 140 47.39 37.63 10.99
CA SER B 140 47.85 37.00 12.22
C SER B 140 46.83 37.16 13.36
N ASP B 141 46.01 38.22 13.29
CA ASP B 141 44.97 38.47 14.28
C ASP B 141 43.65 37.74 13.97
N ALA B 142 43.72 36.69 13.15
CA ALA B 142 42.54 35.95 12.70
C ALA B 142 42.19 34.77 13.61
N ASP B 143 40.94 34.75 14.05
CA ASP B 143 40.43 33.71 14.94
C ASP B 143 39.99 32.54 14.07
N GLU B 144 40.89 31.57 13.95
CA GLU B 144 40.71 30.39 13.10
C GLU B 144 39.66 29.45 13.69
N HIS B 145 39.46 29.55 14.99
CA HIS B 145 38.50 28.72 15.69
C HIS B 145 37.09 28.99 15.21
N LEU B 146 36.85 30.17 14.66
CA LEU B 146 35.55 30.52 14.12
C LEU B 146 35.25 29.85 12.77
N ILE B 147 36.28 29.37 12.07
CA ILE B 147 36.19 29.02 10.65
C ILE B 147 35.90 27.54 10.44
N THR B 148 34.94 27.24 9.59
CA THR B 148 34.63 25.87 9.23
C THR B 148 35.41 25.50 7.96
N GLY B 149 35.47 26.43 7.03
CA GLY B 149 36.12 26.19 5.75
C GLY B 149 36.10 27.45 4.94
N TYR B 150 36.24 27.32 3.61
CA TYR B 150 36.19 28.47 2.71
C TYR B 150 35.29 28.16 1.51
N TYR B 151 34.57 29.16 1.02
CA TYR B 151 33.78 29.02 -0.17
C TYR B 151 34.47 29.76 -1.34
N ALA B 152 34.76 29.02 -2.42
CA ALA B 152 35.37 29.59 -3.61
C ALA B 152 34.26 29.94 -4.60
N TYR B 153 34.36 31.14 -5.19
CA TYR B 153 33.45 31.54 -6.24
C TYR B 153 34.32 31.74 -7.47
N TYR B 154 33.87 31.23 -8.61
CA TYR B 154 34.67 31.35 -9.82
C TYR B 154 33.79 31.21 -11.05
N ARG B 155 34.24 31.79 -12.16
CA ARG B 155 33.61 31.62 -13.47
C ARG B 155 34.64 31.97 -14.50
N PRO B 156 34.37 31.68 -15.79
CA PRO B 156 35.28 32.17 -16.85
C PRO B 156 35.37 33.71 -16.82
N SER B 157 36.55 34.29 -17.00
CA SER B 157 36.72 35.75 -16.97
C SER B 157 35.79 36.46 -17.91
N SER B 158 35.13 37.48 -17.37
CA SER B 158 34.25 38.37 -18.11
C SER B 158 32.88 37.76 -18.45
N SER B 159 32.67 36.49 -18.07
CA SER B 159 31.40 35.86 -18.37
C SER B 159 30.24 36.47 -17.57
N ALA B 160 29.05 36.41 -18.16
CA ALA B 160 27.87 37.05 -17.59
C ALA B 160 27.15 36.15 -16.60
N GLY B 161 27.42 34.84 -16.67
CA GLY B 161 26.72 33.85 -15.85
C GLY B 161 27.02 34.05 -14.38
N GLU B 162 26.30 33.32 -13.53
CA GLU B 162 26.56 33.36 -12.10
C GLU B 162 27.81 32.54 -11.74
N TYR B 163 28.38 32.82 -10.58
CA TYR B 163 29.57 32.12 -10.16
C TYR B 163 29.28 30.65 -9.88
N PHE B 164 30.16 29.75 -10.32
CA PHE B 164 30.24 28.44 -9.69
C PHE B 164 30.78 28.64 -8.28
N LYS B 165 30.36 27.74 -7.40
CA LYS B 165 30.78 27.76 -6.04
C LYS B 165 31.40 26.39 -5.71
N ALA B 166 32.35 26.39 -4.78
CA ALA B 166 33.05 25.18 -4.33
C ALA B 166 33.43 25.37 -2.88
N THR B 167 33.53 24.28 -2.13
CA THR B 167 33.75 24.39 -0.69
C THR B 167 34.93 23.55 -0.25
N ILE B 168 35.80 24.12 0.58
CA ILE B 168 36.84 23.33 1.21
C ILE B 168 36.72 23.48 2.72
N GLU B 169 36.75 22.34 3.41
CA GLU B 169 36.62 22.36 4.86
C GLU B 169 37.96 22.39 5.58
N GLY B 170 37.96 23.02 6.74
CA GLY B 170 39.12 23.07 7.60
C GLY B 170 39.71 24.46 7.64
N ALA B 171 39.72 25.03 8.83
CA ALA B 171 40.26 26.37 9.08
C ALA B 171 41.73 26.53 8.65
N HIS B 172 42.54 25.47 8.83
CA HIS B 172 43.97 25.51 8.51
C HIS B 172 44.29 25.44 7.02
N ALA B 173 43.29 25.20 6.18
CA ALA B 173 43.54 25.08 4.73
C ALA B 173 44.09 26.39 4.22
N ARG B 174 45.09 26.31 3.32
CA ARG B 174 45.67 27.52 2.70
C ARG B 174 45.77 27.39 1.18
N SER B 175 45.28 26.28 0.67
CA SER B 175 45.24 26.00 -0.76
C SER B 175 44.07 25.05 -1.09
N PHE B 176 43.72 24.95 -2.36
CA PHE B 176 42.49 24.34 -2.81
C PHE B 176 42.61 24.15 -4.31
N LYS B 177 42.76 22.91 -4.75
CA LYS B 177 42.77 22.59 -6.16
C LYS B 177 41.34 22.66 -6.68
N ILE B 178 41.14 23.40 -7.76
CA ILE B 178 39.84 23.49 -8.39
C ILE B 178 39.98 22.78 -9.74
N ALA B 179 39.23 21.69 -9.87
CA ALA B 179 39.31 20.79 -11.01
C ALA B 179 38.00 20.01 -11.14
N PRO B 180 37.65 19.57 -12.37
CA PRO B 180 38.30 19.91 -13.62
C PRO B 180 37.74 21.22 -14.17
N LEU B 181 38.59 21.98 -14.83
CA LEU B 181 38.17 23.18 -15.53
C LEU B 181 38.53 22.99 -16.99
N GLU B 182 38.12 23.91 -17.85
CA GLU B 182 38.44 23.76 -19.26
C GLU B 182 39.88 24.19 -19.57
N THR B 183 40.40 23.64 -20.66
CA THR B 183 41.77 23.87 -21.08
C THR B 183 41.99 25.25 -21.70
N ALA B 184 43.12 25.86 -21.36
CA ALA B 184 43.53 27.16 -21.90
C ALA B 184 42.45 28.23 -21.70
N THR B 185 41.77 28.15 -20.55
CA THR B 185 40.66 29.02 -20.25
C THR B 185 40.99 29.88 -19.05
N MET B 186 40.76 31.16 -19.19
CA MET B 186 40.91 32.14 -18.12
C MET B 186 39.68 32.19 -17.23
N TYR B 187 39.89 31.98 -15.93
CA TYR B 187 38.84 32.09 -14.91
C TYR B 187 39.13 33.23 -13.95
N GLU B 188 38.07 33.73 -13.32
CA GLU B 188 38.18 34.68 -12.19
C GLU B 188 37.75 33.97 -10.90
N PHE B 189 38.52 34.17 -9.83
CA PHE B 189 38.29 33.51 -8.54
C PHE B 189 38.25 34.51 -7.40
N LYS B 190 37.35 34.30 -6.45
CA LYS B 190 37.41 35.00 -5.15
C LYS B 190 37.03 34.05 -4.02
N LEU B 191 37.45 34.39 -2.81
CA LEU B 191 37.36 33.46 -1.69
C LEU B 191 36.79 34.16 -0.47
N GLN B 192 36.07 33.40 0.36
CA GLN B 192 35.61 33.88 1.68
C GLN B 192 35.74 32.73 2.68
N SER B 193 35.99 33.04 3.94
CA SER B 193 35.89 32.03 5.01
C SER B 193 34.43 31.96 5.42
N PHE B 194 34.03 30.88 6.06
CA PHE B 194 32.67 30.75 6.54
C PHE B 194 32.55 29.97 7.83
N SER B 195 31.42 30.17 8.49
CA SER B 195 31.01 29.37 9.63
C SER B 195 29.54 29.05 9.37
N ALA B 196 28.88 28.40 10.32
CA ALA B 196 27.45 28.19 10.18
C ALA B 196 26.70 29.52 10.24
N ALA B 197 27.20 30.46 11.04
CA ALA B 197 26.47 31.71 11.27
C ALA B 197 26.80 32.86 10.34
N SER B 198 27.96 32.82 9.71
CA SER B 198 28.37 33.91 8.84
C SER B 198 29.49 33.55 7.87
N ALA B 199 29.78 34.49 6.98
CA ALA B 199 30.82 34.36 5.99
C ALA B 199 31.57 35.69 5.93
N SER B 200 32.80 35.68 5.43
CA SER B 200 33.58 36.92 5.43
C SER B 200 33.27 37.76 4.20
N GLU B 201 33.80 38.98 4.19
CA GLU B 201 33.90 39.75 2.97
C GLU B 201 34.82 38.96 2.06
N PHE B 202 34.68 39.17 0.75
CA PHE B 202 35.52 38.42 -0.19
C PHE B 202 36.98 38.92 -0.24
N SER B 203 37.89 37.99 -0.52
CA SER B 203 39.23 38.34 -1.04
C SER B 203 39.10 39.18 -2.29
N ALA B 204 40.22 39.71 -2.78
CA ALA B 204 40.31 40.24 -4.14
C ALA B 204 39.93 39.17 -5.16
N LEU B 205 39.38 39.63 -6.29
CA LEU B 205 39.08 38.79 -7.44
C LEU B 205 40.35 38.63 -8.27
N LYS B 206 40.93 37.44 -8.22
CA LYS B 206 42.13 37.12 -8.97
C LYS B 206 41.81 36.27 -10.20
N GLN B 207 42.59 36.45 -11.26
CA GLN B 207 42.41 35.67 -12.48
C GLN B 207 43.55 34.69 -12.68
N GLY B 208 43.23 33.59 -13.35
CA GLY B 208 44.23 32.60 -13.70
C GLY B 208 43.71 31.68 -14.77
N ARG B 209 44.63 31.17 -15.56
CA ARG B 209 44.30 30.39 -16.73
C ARG B 209 44.74 28.96 -16.46
N THR B 210 43.99 27.96 -16.95
CA THR B 210 44.55 26.60 -17.05
C THR B 210 45.59 26.60 -18.18
N GLN B 211 46.52 25.65 -18.13
CA GLN B 211 47.60 25.58 -19.10
C GLN B 211 47.09 25.26 -20.50
N ARG B 212 47.83 25.73 -21.50
CA ARG B 212 47.48 25.45 -22.88
C ARG B 212 47.79 23.98 -23.19
N PRO B 213 47.06 23.40 -24.18
CA PRO B 213 47.23 21.96 -24.47
C PRO B 213 48.67 21.57 -24.85
N SER C 1 12.72 8.09 12.67
CA SER C 1 13.40 8.48 11.40
C SER C 1 14.80 7.84 11.30
N THR C 2 14.98 6.96 10.32
CA THR C 2 16.26 6.29 10.08
C THR C 2 16.75 6.52 8.62
N TYR C 3 17.93 7.13 8.46
CA TYR C 3 18.53 7.35 7.14
C TYR C 3 19.47 6.22 6.73
N PRO C 4 19.24 5.65 5.53
CA PRO C 4 20.02 4.47 5.17
C PRO C 4 21.42 4.89 4.81
N PRO C 5 22.38 3.96 4.90
CA PRO C 5 23.66 4.38 4.37
C PRO C 5 23.56 4.36 2.84
N THR C 6 24.55 4.95 2.17
CA THR C 6 24.56 4.92 0.71
C THR C 6 25.11 3.57 0.18
N PRO C 7 24.81 3.24 -1.09
CA PRO C 7 25.33 2.02 -1.73
C PRO C 7 26.87 2.03 -1.70
N PRO C 8 27.50 0.95 -1.21
CA PRO C 8 28.94 0.97 -1.04
C PRO C 8 29.69 0.90 -2.39
N ASN C 9 30.82 1.58 -2.46
CA ASN C 9 31.63 1.56 -3.68
C ASN C 9 32.79 0.60 -3.46
N VAL C 10 33.16 -0.20 -4.46
CA VAL C 10 34.08 -1.35 -4.29
C VAL C 10 35.43 -1.21 -5.04
N THR C 11 36.52 -1.50 -4.35
CA THR C 11 37.78 -1.67 -5.03
C THR C 11 38.43 -2.97 -4.56
N ARG C 12 39.16 -3.62 -5.47
CA ARG C 12 39.75 -4.91 -5.21
C ARG C 12 41.04 -4.66 -4.46
N LEU C 13 41.20 -5.40 -3.36
CA LEU C 13 42.41 -5.33 -2.52
C LEU C 13 43.32 -6.52 -2.80
N SER C 14 42.74 -7.70 -2.98
CA SER C 14 43.52 -8.87 -3.30
C SER C 14 42.59 -9.86 -3.97
N ASP C 15 43.07 -11.06 -4.23
CA ASP C 15 42.24 -12.06 -4.90
C ASP C 15 41.00 -12.40 -4.09
N GLU C 16 41.04 -12.15 -2.79
CA GLU C 16 39.92 -12.51 -1.91
C GLU C 16 39.36 -11.37 -1.07
N SER C 17 39.76 -10.15 -1.38
CA SER C 17 39.24 -9.03 -0.59
C SER C 17 38.98 -7.77 -1.39
N VAL C 18 38.09 -6.95 -0.85
CA VAL C 18 37.73 -5.71 -1.45
C VAL C 18 37.59 -4.67 -0.36
N MET C 19 37.65 -3.40 -0.76
CA MET C 19 37.44 -2.36 0.19
C MET C 19 36.15 -1.68 -0.23
N LEU C 20 35.33 -1.41 0.77
CA LEU C 20 34.03 -0.79 0.60
C LEU C 20 34.08 0.61 1.16
N ARG C 21 33.51 1.55 0.41
CA ARG C 21 33.33 2.90 0.93
C ARG C 21 31.86 3.28 0.81
N TRP C 22 31.33 3.97 1.81
CA TRP C 22 29.93 4.41 1.80
C TRP C 22 29.78 5.63 2.67
N MET C 23 28.63 6.25 2.65
CA MET C 23 28.43 7.33 3.58
C MET C 23 27.06 7.36 4.28
N VAL C 24 27.00 8.13 5.35
CA VAL C 24 25.73 8.53 5.96
C VAL C 24 25.56 10.05 5.84
N PRO C 25 24.53 10.51 5.08
CA PRO C 25 24.25 11.93 4.94
C PRO C 25 23.90 12.51 6.28
N ARG C 26 24.34 13.75 6.52
CA ARG C 26 23.99 14.49 7.72
C ARG C 26 22.49 14.49 7.87
N ASN C 27 22.01 14.06 9.03
CA ASN C 27 20.57 13.93 9.25
C ASN C 27 20.13 14.09 10.71
N ASP C 28 18.86 14.49 10.86
CA ASP C 28 18.22 14.73 12.16
C ASP C 28 17.68 13.43 12.76
N GLY C 29 17.83 12.32 12.03
CA GLY C 29 17.22 11.05 12.41
C GLY C 29 18.00 10.37 13.51
N LEU C 30 17.64 9.12 13.79
CA LEU C 30 18.31 8.35 14.84
C LEU C 30 19.78 8.10 14.52
N PRO C 31 20.64 8.20 15.55
CA PRO C 31 22.04 7.87 15.40
C PRO C 31 22.25 6.37 15.11
N ILE C 32 23.44 6.07 14.62
CA ILE C 32 23.82 4.73 14.18
C ILE C 32 24.90 4.24 15.14
N VAL C 33 24.75 2.99 15.59
CA VAL C 33 25.66 2.42 16.55
C VAL C 33 26.73 1.60 15.82
N ILE C 34 26.30 0.67 14.97
CA ILE C 34 27.25 -0.10 14.13
C ILE C 34 26.77 -0.24 12.68
N PHE C 35 27.65 -0.79 11.82
CA PHE C 35 27.24 -1.25 10.49
C PHE C 35 27.53 -2.73 10.35
N LYS C 36 26.77 -3.38 9.48
CA LYS C 36 27.09 -4.72 9.06
C LYS C 36 27.30 -4.71 7.56
N VAL C 37 28.07 -5.66 7.06
CA VAL C 37 28.27 -5.80 5.63
C VAL C 37 27.72 -7.13 5.11
N GLN C 38 27.02 -7.06 3.99
CA GLN C 38 26.59 -8.26 3.30
C GLN C 38 27.02 -8.28 1.83
N TYR C 39 27.19 -9.48 1.30
CA TYR C 39 27.44 -9.65 -0.11
C TYR C 39 26.69 -10.85 -0.63
N ARG C 40 26.39 -10.86 -1.92
CA ARG C 40 25.81 -12.03 -2.53
C ARG C 40 26.44 -12.31 -3.87
N MET C 41 26.61 -13.59 -4.17
CA MET C 41 26.93 -14.02 -5.52
C MET C 41 25.74 -13.64 -6.40
N VAL C 42 25.98 -13.52 -7.69
CA VAL C 42 25.01 -12.96 -8.60
C VAL C 42 24.38 -14.08 -9.44
N GLY C 43 23.19 -13.85 -9.99
CA GLY C 43 22.55 -14.81 -10.87
C GLY C 43 21.93 -16.01 -10.19
N LYS C 44 22.72 -17.08 -10.05
CA LYS C 44 22.19 -18.43 -9.77
C LYS C 44 21.43 -18.60 -8.42
N ARG C 45 22.20 -18.67 -7.33
CA ARG C 45 21.63 -18.71 -5.97
C ARG C 45 22.00 -17.39 -5.26
N LYS C 46 21.01 -16.52 -5.15
CA LYS C 46 21.21 -15.14 -4.72
C LYS C 46 21.06 -14.91 -3.19
N ASN C 47 21.57 -15.85 -2.38
CA ASN C 47 21.52 -15.69 -0.93
C ASN C 47 22.52 -14.66 -0.38
N TRP C 48 22.00 -13.61 0.28
CA TRP C 48 22.85 -12.68 1.05
C TRP C 48 23.66 -13.38 2.15
N GLN C 49 24.96 -13.10 2.16
CA GLN C 49 25.86 -13.55 3.19
C GLN C 49 26.16 -12.37 4.06
N THR C 50 26.37 -12.60 5.35
CA THR C 50 26.74 -11.55 6.29
C THR C 50 28.10 -11.82 6.91
N THR C 51 28.95 -10.80 6.92
CA THR C 51 30.27 -10.92 7.52
C THR C 51 30.24 -10.82 9.04
N ASN C 52 31.32 -11.29 9.67
CA ASN C 52 31.43 -11.26 11.12
C ASN C 52 31.76 -9.91 11.73
N ASP C 53 32.32 -9.01 10.94
CA ASP C 53 32.68 -7.66 11.43
C ASP C 53 31.46 -6.93 11.91
N ASN C 54 31.56 -6.26 13.06
CA ASN C 54 30.60 -5.25 13.44
C ASN C 54 31.34 -3.93 13.34
N ILE C 55 31.07 -3.14 12.30
CA ILE C 55 31.79 -1.89 12.11
C ILE C 55 31.24 -0.81 13.06
N PRO C 56 32.10 -0.34 14.00
CA PRO C 56 31.72 0.76 14.91
C PRO C 56 31.51 2.06 14.13
N TYR C 57 30.47 2.80 14.47
CA TYR C 57 30.21 4.07 13.78
C TYR C 57 31.28 5.08 14.14
N GLY C 58 31.67 5.06 15.41
CA GLY C 58 32.85 5.76 15.88
C GLY C 58 32.67 7.24 16.11
N LYS C 59 33.80 7.92 16.16
CA LYS C 59 33.87 9.36 16.48
C LYS C 59 34.43 10.10 15.27
N PRO C 60 33.99 11.37 15.05
CA PRO C 60 32.85 12.04 15.68
C PRO C 60 31.58 11.66 14.89
N LYS C 61 30.47 12.37 15.07
CA LYS C 61 29.24 11.98 14.38
C LYS C 61 29.33 12.23 12.86
N TRP C 62 29.96 13.33 12.48
CA TRP C 62 30.07 13.75 11.08
C TRP C 62 31.51 14.11 10.80
N ASN C 63 32.07 13.60 9.71
CA ASN C 63 33.42 14.04 9.33
C ASN C 63 33.46 15.10 8.22
N SER C 64 32.28 15.64 7.88
CA SER C 64 32.17 16.83 7.07
C SER C 64 30.78 17.41 7.27
N GLU C 65 30.56 18.62 6.79
CA GLU C 65 29.23 19.19 6.89
C GLU C 65 28.21 18.35 6.13
N LEU C 66 28.68 17.37 5.33
CA LEU C 66 27.79 16.60 4.46
C LEU C 66 27.27 15.32 5.09
N GLY C 67 28.00 14.79 6.07
CA GLY C 67 27.62 13.53 6.68
C GLY C 67 28.86 12.85 7.18
N LYS C 68 28.88 11.53 7.24
CA LYS C 68 30.11 10.82 7.61
C LYS C 68 30.45 9.73 6.59
N SER C 69 31.67 9.74 6.03
CA SER C 69 32.12 8.65 5.16
C SER C 69 32.85 7.53 5.91
N PHE C 70 32.85 6.32 5.33
CA PHE C 70 33.43 5.16 5.95
C PHE C 70 34.24 4.34 4.97
N THR C 71 35.26 3.64 5.47
CA THR C 71 36.05 2.69 4.70
C THR C 71 36.14 1.40 5.46
N ALA C 72 35.92 0.26 4.82
CA ALA C 72 36.04 -1.00 5.50
C ALA C 72 36.33 -2.12 4.48
N SER C 73 37.04 -3.15 4.90
CA SER C 73 37.44 -4.21 3.98
C SER C 73 36.61 -5.47 4.22
N VAL C 74 36.54 -6.30 3.19
CA VAL C 74 35.82 -7.56 3.28
C VAL C 74 36.83 -8.59 2.88
N THR C 75 37.07 -9.59 3.72
CA THR C 75 37.99 -10.67 3.35
C THR C 75 37.28 -12.04 3.17
N ASP C 76 38.07 -13.06 2.80
CA ASP C 76 37.57 -14.41 2.59
C ASP C 76 36.46 -14.51 1.56
N LEU C 77 36.55 -13.72 0.50
CA LEU C 77 35.65 -13.89 -0.61
C LEU C 77 36.29 -14.94 -1.52
N LYS C 78 35.46 -15.79 -2.13
CA LYS C 78 35.90 -16.75 -3.14
C LYS C 78 36.39 -16.00 -4.37
N PRO C 79 37.59 -16.36 -4.85
CA PRO C 79 38.10 -15.63 -5.99
C PRO C 79 37.31 -15.91 -7.27
N GLN C 80 37.41 -14.97 -8.20
CA GLN C 80 36.90 -15.09 -9.57
C GLN C 80 35.39 -15.38 -9.69
N HIS C 81 34.61 -14.65 -8.88
CA HIS C 81 33.15 -14.64 -8.91
C HIS C 81 32.65 -13.21 -8.94
N THR C 82 31.39 -13.03 -9.37
CA THR C 82 30.74 -11.72 -9.36
C THR C 82 29.86 -11.56 -8.10
N TYR C 83 30.00 -10.40 -7.45
CA TYR C 83 29.31 -10.08 -6.20
C TYR C 83 28.54 -8.77 -6.26
N ARG C 84 27.61 -8.63 -5.33
CA ARG C 84 27.05 -7.33 -5.02
C ARG C 84 27.22 -7.17 -3.52
N PHE C 85 27.42 -5.95 -3.07
CA PHE C 85 27.62 -5.69 -1.65
C PHE C 85 26.55 -4.71 -1.19
N ARG C 86 26.26 -4.73 0.11
CA ARG C 86 25.43 -3.68 0.73
C ARG C 86 25.77 -3.49 2.20
N ILE C 87 25.37 -2.35 2.74
CA ILE C 87 25.69 -1.95 4.11
C ILE C 87 24.40 -1.82 4.85
N LEU C 88 24.33 -2.44 6.03
CA LEU C 88 23.19 -2.28 6.88
C LEU C 88 23.61 -1.51 8.11
N ALA C 89 22.86 -0.45 8.42
CA ALA C 89 23.12 0.33 9.61
C ALA C 89 22.21 -0.14 10.75
N VAL C 90 22.77 -0.29 11.96
CA VAL C 90 21.98 -0.55 13.16
C VAL C 90 21.82 0.78 13.91
N TYR C 91 20.58 1.16 14.20
CA TYR C 91 20.28 2.42 14.88
C TYR C 91 20.15 2.29 16.40
N SER C 92 19.98 3.43 17.08
CA SER C 92 20.00 3.45 18.53
C SER C 92 18.79 2.72 19.09
N ASN C 93 17.68 2.70 18.34
CA ASN C 93 16.50 1.93 18.73
C ASN C 93 16.65 0.44 18.43
N ASN C 94 17.83 0.02 17.98
CA ASN C 94 18.12 -1.39 17.63
C ASN C 94 17.56 -1.87 16.28
N ASP C 95 16.96 -0.97 15.54
CA ASP C 95 16.37 -1.32 14.28
C ASP C 95 17.49 -1.22 13.23
N ASN C 96 17.24 -1.67 12.01
CA ASN C 96 18.27 -1.61 10.99
C ASN C 96 17.69 -1.20 9.63
N LYS C 97 18.48 -0.45 8.84
CA LYS C 97 18.14 -0.15 7.43
C LYS C 97 19.29 -0.55 6.51
N GLU C 98 18.98 -1.22 5.41
CA GLU C 98 20.00 -1.56 4.41
C GLU C 98 20.11 -0.46 3.36
N SER C 99 21.32 -0.29 2.82
CA SER C 99 21.58 0.53 1.66
C SER C 99 21.09 -0.21 0.41
N ASN C 100 21.00 0.49 -0.72
CA ASN C 100 20.83 -0.22 -2.00
C ASN C 100 22.09 -1.05 -2.26
N THR C 101 21.99 -2.04 -3.14
CA THR C 101 23.15 -2.86 -3.38
C THR C 101 24.10 -2.16 -4.37
N SER C 102 25.37 -2.54 -4.30
CA SER C 102 26.36 -2.04 -5.23
C SER C 102 26.10 -2.58 -6.63
N ALA C 103 26.78 -1.99 -7.60
CA ALA C 103 26.87 -2.53 -8.94
C ALA C 103 27.52 -3.91 -8.86
N LYS C 104 27.26 -4.74 -9.86
CA LYS C 104 27.97 -6.02 -10.00
C LYS C 104 29.49 -5.80 -9.96
N PHE C 105 30.21 -6.66 -9.23
CA PHE C 105 31.66 -6.55 -9.15
C PHE C 105 32.34 -7.90 -9.39
N TYR C 106 33.07 -8.02 -10.48
CA TYR C 106 33.81 -9.25 -10.73
C TYR C 106 35.12 -9.19 -9.92
N LEU C 107 35.34 -10.19 -9.07
CA LEU C 107 36.57 -10.25 -8.28
C LEU C 107 37.69 -10.87 -9.09
N GLN C 108 38.49 -9.98 -9.66
CA GLN C 108 39.53 -10.33 -10.64
C GLN C 108 40.68 -11.11 -9.98
N PRO C 109 41.29 -12.08 -10.68
CA PRO C 109 42.59 -12.57 -10.21
C PRO C 109 43.62 -11.48 -10.40
N GLY C 110 44.70 -11.49 -9.61
CA GLY C 110 45.75 -10.49 -9.74
C GLY C 110 46.77 -10.71 -10.85
N ALA C 111 46.85 -11.93 -11.38
CA ALA C 111 47.86 -12.27 -12.39
C ALA C 111 48.03 -11.21 -13.50
N ALA C 112 46.91 -10.75 -14.09
CA ALA C 112 46.97 -9.78 -15.20
C ALA C 112 47.07 -8.31 -14.77
N LEU C 113 47.10 -8.07 -13.48
CA LEU C 113 47.10 -6.70 -12.93
C LEU C 113 48.52 -6.24 -12.59
N ASP C 114 48.89 -5.04 -13.00
CA ASP C 114 50.23 -4.51 -12.68
C ASP C 114 50.32 -4.15 -11.19
N PRO C 115 51.49 -4.33 -10.58
CA PRO C 115 51.64 -3.96 -9.18
C PRO C 115 51.58 -2.44 -8.99
N MET C 116 50.82 -2.01 -8.00
CA MET C 116 50.68 -0.62 -7.66
C MET C 116 51.92 -0.14 -6.90
N PRO C 117 52.28 1.15 -7.05
CA PRO C 117 53.41 1.65 -6.25
C PRO C 117 53.14 1.62 -4.76
N VAL C 118 54.12 1.10 -4.02
CA VAL C 118 54.16 0.99 -2.56
C VAL C 118 54.64 2.32 -1.99
N PRO C 119 53.81 2.97 -1.14
CA PRO C 119 54.31 4.20 -0.54
C PRO C 119 55.46 3.90 0.42
N GLU C 120 56.34 4.88 0.61
CA GLU C 120 57.33 4.86 1.68
C GLU C 120 56.83 5.79 2.77
N LEU C 121 56.39 5.19 3.90
CA LEU C 121 55.83 5.95 5.01
C LEU C 121 56.96 6.50 5.85
N LEU C 122 57.01 7.83 5.96
CA LEU C 122 58.03 8.51 6.74
C LEU C 122 57.56 8.60 8.19
N GLU C 123 58.40 9.09 9.09
CA GLU C 123 58.02 9.22 10.50
C GLU C 123 56.71 9.99 10.69
N ILE C 124 55.88 9.48 11.58
CA ILE C 124 54.54 10.00 11.84
C ILE C 124 54.57 11.34 12.56
N GLU C 125 53.89 12.34 12.00
CA GLU C 125 53.93 13.68 12.59
C GLU C 125 52.92 13.81 13.74
N GLU C 126 53.44 14.00 14.94
CA GLU C 126 52.62 14.08 16.15
C GLU C 126 52.05 15.48 16.27
N TYR C 127 50.96 15.69 15.53
CA TYR C 127 50.45 17.01 15.17
C TYR C 127 49.72 17.72 16.29
N SER C 128 48.92 17.00 17.08
CA SER C 128 48.23 17.56 18.25
C SER C 128 47.80 16.47 19.23
N GLU C 129 47.06 16.86 20.26
CA GLU C 129 46.50 15.93 21.23
C GLU C 129 45.47 14.96 20.63
N THR C 130 44.90 15.29 19.48
CA THR C 130 43.88 14.44 18.90
C THR C 130 44.09 14.19 17.42
N ALA C 131 45.27 14.50 16.90
CA ALA C 131 45.54 14.18 15.48
C ALA C 131 47.00 13.84 15.27
N VAL C 132 47.28 13.13 14.16
CA VAL C 132 48.65 12.97 13.64
C VAL C 132 48.62 13.19 12.11
N VAL C 133 49.78 13.46 11.50
CA VAL C 133 49.83 13.51 10.05
C VAL C 133 50.77 12.46 9.48
N LEU C 134 50.24 11.68 8.55
CA LEU C 134 51.06 10.70 7.87
C LEU C 134 51.73 11.36 6.68
N HIS C 135 53.03 11.14 6.54
CA HIS C 135 53.79 11.62 5.37
C HIS C 135 54.39 10.49 4.62
N TRP C 136 54.43 10.60 3.30
CA TRP C 136 55.04 9.55 2.48
C TRP C 136 55.63 10.04 1.17
N SER C 137 56.38 9.18 0.50
CA SER C 137 56.90 9.50 -0.83
C SER C 137 56.66 8.34 -1.77
N LEU C 138 56.68 8.64 -3.07
CA LEU C 138 56.65 7.60 -4.10
C LEU C 138 58.00 7.52 -4.80
N ALA C 139 58.39 6.30 -5.20
CA ALA C 139 59.59 6.12 -6.00
C ALA C 139 59.49 6.92 -7.30
N SER C 140 60.64 7.22 -7.89
CA SER C 140 60.68 7.98 -9.14
C SER C 140 60.01 7.22 -10.29
N ASP C 141 59.84 5.91 -10.12
CA ASP C 141 59.32 5.02 -11.15
C ASP C 141 57.80 4.79 -11.01
N ALA C 142 57.17 5.50 -10.08
CA ALA C 142 55.76 5.30 -9.76
C ALA C 142 54.80 5.92 -10.78
N ASP C 143 53.98 5.06 -11.39
CA ASP C 143 52.96 5.54 -12.29
C ASP C 143 51.77 6.06 -11.52
N GLU C 144 51.78 7.37 -11.31
CA GLU C 144 50.79 8.07 -10.52
C GLU C 144 49.44 8.13 -11.21
N HIS C 145 49.42 7.84 -12.51
CA HIS C 145 48.17 7.84 -13.25
C HIS C 145 47.35 6.57 -12.99
N LEU C 146 48.01 5.57 -12.41
CA LEU C 146 47.33 4.35 -11.99
C LEU C 146 46.61 4.52 -10.67
N ILE C 147 46.96 5.58 -9.93
CA ILE C 147 46.56 5.69 -8.54
C ILE C 147 45.30 6.52 -8.35
N THR C 148 44.30 5.96 -7.66
CA THR C 148 43.10 6.70 -7.29
C THR C 148 43.30 7.46 -5.97
N GLY C 149 43.99 6.80 -5.05
CA GLY C 149 44.25 7.36 -3.74
C GLY C 149 45.02 6.38 -2.90
N TYR C 150 44.93 6.55 -1.58
CA TYR C 150 45.65 5.72 -0.60
C TYR C 150 44.69 5.26 0.49
N TYR C 151 44.81 4.01 0.90
CA TYR C 151 44.10 3.54 2.07
C TYR C 151 45.04 3.52 3.31
N ALA C 152 44.62 4.16 4.40
CA ALA C 152 45.41 4.11 5.64
C ALA C 152 44.81 3.12 6.60
N TYR C 153 45.66 2.31 7.23
CA TYR C 153 45.24 1.31 8.21
C TYR C 153 45.89 1.71 9.51
N TYR C 154 45.10 1.81 10.57
CA TYR C 154 45.61 2.20 11.86
C TYR C 154 44.82 1.63 13.04
N ARG C 155 45.51 1.40 14.15
CA ARG C 155 44.87 1.03 15.40
C ARG C 155 45.77 1.40 16.56
N PRO C 156 45.22 1.39 17.78
CA PRO C 156 46.09 1.56 18.93
C PRO C 156 47.15 0.48 18.92
N SER C 157 48.40 0.85 19.15
CA SER C 157 49.46 -0.12 18.99
C SER C 157 49.38 -1.17 20.07
N SER C 158 49.60 -2.42 19.65
CA SER C 158 49.51 -3.60 20.52
C SER C 158 48.08 -4.11 20.76
N SER C 159 47.08 -3.38 20.27
CA SER C 159 45.72 -3.89 20.33
C SER C 159 45.54 -5.03 19.33
N ALA C 160 44.70 -5.99 19.70
CA ALA C 160 44.44 -7.16 18.90
C ALA C 160 43.24 -7.02 17.95
N GLY C 161 42.55 -5.87 17.96
CA GLY C 161 41.38 -5.63 17.12
C GLY C 161 41.78 -5.28 15.69
N GLU C 162 40.83 -5.34 14.76
CA GLU C 162 41.09 -5.10 13.34
C GLU C 162 41.54 -3.67 13.09
N TYR C 163 42.27 -3.44 12.02
CA TYR C 163 42.68 -2.09 11.68
C TYR C 163 41.46 -1.22 11.38
N PHE C 164 41.44 0.03 11.86
CA PHE C 164 40.58 1.05 11.31
C PHE C 164 41.16 1.39 9.93
N LYS C 165 40.27 1.65 8.97
CA LYS C 165 40.69 2.09 7.66
C LYS C 165 40.26 3.54 7.44
N ALA C 166 41.02 4.28 6.63
CA ALA C 166 40.62 5.63 6.21
C ALA C 166 41.11 5.79 4.78
N THR C 167 40.42 6.62 4.00
CA THR C 167 40.78 6.81 2.59
C THR C 167 41.14 8.24 2.28
N ILE C 168 42.23 8.44 1.54
CA ILE C 168 42.45 9.74 0.94
C ILE C 168 42.54 9.63 -0.57
N GLU C 169 41.76 10.46 -1.29
CA GLU C 169 41.76 10.46 -2.75
C GLU C 169 42.80 11.41 -3.38
N GLY C 170 43.39 10.97 -4.49
CA GLY C 170 44.25 11.85 -5.27
C GLY C 170 45.69 11.35 -5.27
N ALA C 171 46.18 10.99 -6.44
CA ALA C 171 47.50 10.36 -6.60
C ALA C 171 48.63 11.21 -6.07
N HIS C 172 48.46 12.52 -6.13
CA HIS C 172 49.52 13.48 -5.79
C HIS C 172 49.60 13.71 -4.30
N ALA C 173 48.62 13.22 -3.53
CA ALA C 173 48.63 13.40 -2.07
C ALA C 173 49.87 12.80 -1.48
N ARG C 174 50.47 13.49 -0.51
CA ARG C 174 51.69 13.03 0.15
C ARG C 174 51.60 13.12 1.66
N SER C 175 50.47 13.64 2.15
CA SER C 175 50.18 13.70 3.57
C SER C 175 48.70 13.48 3.82
N PHE C 176 48.38 13.02 5.04
CA PHE C 176 47.01 12.70 5.42
C PHE C 176 46.85 12.91 6.93
N LYS C 177 46.04 13.90 7.33
CA LYS C 177 45.72 14.02 8.75
C LYS C 177 44.73 12.95 9.16
N ILE C 178 45.11 12.16 10.15
CA ILE C 178 44.20 11.22 10.80
C ILE C 178 43.74 11.83 12.11
N ALA C 179 42.47 12.21 12.14
CA ALA C 179 41.84 12.88 13.27
C ALA C 179 40.35 12.50 13.26
N PRO C 180 39.69 12.44 14.44
CA PRO C 180 40.22 12.63 15.78
C PRO C 180 40.72 11.31 16.38
N LEU C 181 41.79 11.40 17.15
CA LEU C 181 42.37 10.26 17.81
C LEU C 181 42.36 10.52 19.31
N GLU C 182 42.49 9.46 20.11
CA GLU C 182 42.48 9.68 21.55
C GLU C 182 43.77 10.34 21.98
N THR C 183 43.68 11.15 23.04
CA THR C 183 44.84 11.86 23.54
C THR C 183 45.86 10.90 24.13
N ALA C 184 47.13 11.26 23.99
CA ALA C 184 48.26 10.55 24.63
C ALA C 184 48.33 9.05 24.32
N THR C 185 47.83 8.67 23.15
CA THR C 185 47.75 7.27 22.73
C THR C 185 48.72 6.93 21.61
N MET C 186 49.45 5.82 21.77
CA MET C 186 50.30 5.25 20.74
C MET C 186 49.47 4.50 19.69
N TYR C 187 49.66 4.91 18.44
CA TYR C 187 49.00 4.32 17.32
C TYR C 187 50.02 3.72 16.32
N GLU C 188 49.62 2.66 15.62
CA GLU C 188 50.43 2.09 14.56
C GLU C 188 49.70 2.27 13.23
N PHE C 189 50.45 2.68 12.20
CA PHE C 189 49.88 3.05 10.91
C PHE C 189 50.64 2.37 9.78
N LYS C 190 49.91 1.94 8.75
CA LYS C 190 50.55 1.54 7.48
C LYS C 190 49.64 1.98 6.32
N LEU C 191 50.21 2.10 5.13
CA LEU C 191 49.51 2.71 3.99
C LEU C 191 49.78 1.91 2.72
N GLN C 192 48.80 1.85 1.82
CA GLN C 192 48.98 1.34 0.46
C GLN C 192 48.33 2.30 -0.51
N SER C 193 48.80 2.32 -1.77
CA SER C 193 48.09 3.03 -2.84
C SER C 193 47.03 2.09 -3.37
N PHE C 194 45.99 2.62 -4.03
CA PHE C 194 44.90 1.77 -4.54
C PHE C 194 44.34 2.33 -5.84
N SER C 195 43.74 1.46 -6.62
CA SER C 195 42.99 1.85 -7.82
C SER C 195 41.76 0.98 -7.74
N ALA C 196 40.84 1.07 -8.70
CA ALA C 196 39.68 0.18 -8.67
C ALA C 196 40.04 -1.30 -8.77
N ALA C 197 41.08 -1.62 -9.54
CA ALA C 197 41.39 -3.01 -9.84
C ALA C 197 42.38 -3.62 -8.89
N SER C 198 43.18 -2.81 -8.18
CA SER C 198 44.12 -3.34 -7.18
C SER C 198 44.64 -2.34 -6.16
N ALA C 199 45.45 -2.85 -5.25
CA ALA C 199 46.08 -2.07 -4.19
C ALA C 199 47.52 -2.54 -3.93
N SER C 200 48.41 -1.61 -3.62
CA SER C 200 49.81 -2.01 -3.41
C SER C 200 50.02 -2.89 -2.16
N GLU C 201 51.22 -3.45 -2.08
CA GLU C 201 51.79 -3.97 -0.84
C GLU C 201 51.86 -2.79 0.15
N PHE C 202 51.83 -3.09 1.44
CA PHE C 202 51.82 -2.05 2.45
C PHE C 202 53.17 -1.36 2.64
N SER C 203 53.12 -0.09 3.03
CA SER C 203 54.28 0.60 3.59
C SER C 203 54.73 -0.16 4.86
N ALA C 204 55.80 0.30 5.51
CA ALA C 204 56.17 -0.24 6.81
C ALA C 204 55.13 0.18 7.85
N LEU C 205 55.02 -0.58 8.93
CA LEU C 205 54.17 -0.18 10.04
C LEU C 205 54.94 0.84 10.88
N LYS C 206 54.45 2.07 10.90
CA LYS C 206 55.10 3.10 11.69
C LYS C 206 54.26 3.45 12.91
N GLN C 207 54.94 3.81 13.98
CA GLN C 207 54.26 4.17 15.23
C GLN C 207 54.36 5.67 15.52
N GLY C 208 53.35 6.18 16.21
CA GLY C 208 53.30 7.57 16.60
C GLY C 208 52.25 7.83 17.64
N ARG C 209 52.50 8.80 18.49
CA ARG C 209 51.63 9.07 19.61
C ARG C 209 51.03 10.45 19.47
N THR C 210 49.75 10.61 19.80
CA THR C 210 49.18 11.95 19.94
C THR C 210 49.82 12.62 21.14
N GLN C 211 49.86 13.96 21.14
CA GLN C 211 50.47 14.70 22.23
C GLN C 211 49.66 14.58 23.50
N ARG C 212 50.31 14.81 24.64
CA ARG C 212 49.69 14.73 25.96
C ARG C 212 49.03 16.05 26.32
N PRO C 213 47.98 16.02 27.19
CA PRO C 213 47.39 17.28 27.65
C PRO C 213 48.39 18.10 28.44
N SER D 1 -17.81 1.40 -12.71
CA SER D 1 -17.63 0.79 -11.37
C SER D 1 -18.31 -0.58 -11.33
N THR D 2 -17.69 -1.48 -10.59
CA THR D 2 -17.99 -2.88 -10.69
C THR D 2 -18.21 -3.48 -9.30
N TYR D 3 -19.42 -3.99 -9.08
CA TYR D 3 -19.74 -4.64 -7.83
C TYR D 3 -19.63 -6.18 -7.95
N PRO D 4 -18.77 -6.80 -7.11
CA PRO D 4 -18.48 -8.25 -7.10
C PRO D 4 -19.62 -9.14 -6.61
N PRO D 5 -19.71 -10.39 -7.12
CA PRO D 5 -20.71 -11.25 -6.51
C PRO D 5 -20.27 -11.65 -5.07
N THR D 6 -21.22 -12.16 -4.27
CA THR D 6 -20.90 -12.65 -2.93
C THR D 6 -20.14 -13.95 -3.09
N PRO D 7 -19.44 -14.43 -2.03
CA PRO D 7 -18.79 -15.75 -2.14
C PRO D 7 -19.81 -16.88 -2.33
N PRO D 8 -19.48 -17.88 -3.13
CA PRO D 8 -20.52 -18.95 -3.30
C PRO D 8 -20.67 -19.83 -2.06
N ASN D 9 -21.85 -20.45 -1.86
CA ASN D 9 -22.13 -21.50 -0.84
C ASN D 9 -22.29 -22.79 -1.57
N VAL D 10 -21.85 -23.85 -0.94
CA VAL D 10 -21.70 -25.09 -1.63
C VAL D 10 -22.61 -26.13 -1.01
N THR D 11 -23.32 -26.90 -1.84
CA THR D 11 -23.92 -28.16 -1.37
C THR D 11 -23.43 -29.32 -2.22
N ARG D 12 -23.38 -30.52 -1.67
CA ARG D 12 -22.85 -31.64 -2.41
C ARG D 12 -23.97 -32.28 -3.22
N LEU D 13 -23.72 -32.47 -4.50
CA LEU D 13 -24.67 -33.19 -5.39
C LEU D 13 -24.35 -34.67 -5.49
N SER D 14 -23.07 -35.02 -5.51
CA SER D 14 -22.68 -36.41 -5.78
C SER D 14 -21.23 -36.54 -5.43
N ASP D 15 -20.67 -37.74 -5.63
CA ASP D 15 -19.29 -37.99 -5.27
C ASP D 15 -18.35 -37.01 -6.00
N GLU D 16 -18.77 -36.52 -7.15
CA GLU D 16 -17.89 -35.77 -8.06
C GLU D 16 -18.43 -34.38 -8.43
N SER D 17 -19.46 -33.91 -7.72
CA SER D 17 -20.05 -32.65 -8.13
C SER D 17 -20.74 -31.94 -7.01
N VAL D 18 -20.79 -30.60 -7.11
CA VAL D 18 -21.40 -29.73 -6.12
C VAL D 18 -22.31 -28.71 -6.83
N MET D 19 -23.19 -28.08 -6.05
CA MET D 19 -23.96 -26.93 -6.51
C MET D 19 -23.45 -25.70 -5.79
N LEU D 20 -23.30 -24.60 -6.53
CA LEU D 20 -22.89 -23.34 -5.95
C LEU D 20 -24.03 -22.33 -6.03
N ARG D 21 -24.20 -21.58 -4.96
CA ARG D 21 -25.23 -20.56 -4.89
C ARG D 21 -24.56 -19.25 -4.46
N TRP D 22 -24.93 -18.14 -5.12
CA TRP D 22 -24.33 -16.85 -4.84
C TRP D 22 -25.28 -15.71 -5.21
N MET D 23 -24.96 -14.49 -4.84
CA MET D 23 -25.75 -13.41 -5.38
C MET D 23 -24.93 -12.22 -5.77
N VAL D 24 -25.55 -11.34 -6.55
CA VAL D 24 -24.95 -10.06 -6.83
C VAL D 24 -25.86 -9.04 -6.12
N PRO D 25 -25.33 -8.32 -5.11
CA PRO D 25 -26.08 -7.30 -4.38
C PRO D 25 -26.60 -6.20 -5.34
N ARG D 26 -27.78 -5.63 -5.04
CA ARG D 26 -28.33 -4.57 -5.86
C ARG D 26 -27.33 -3.43 -5.79
N ASN D 27 -26.98 -2.88 -6.94
CA ASN D 27 -25.97 -1.81 -7.05
C ASN D 27 -26.14 -1.10 -8.37
N ASP D 28 -25.57 0.12 -8.45
CA ASP D 28 -25.69 1.02 -9.59
C ASP D 28 -24.42 0.97 -10.45
N GLY D 29 -23.57 -0.04 -10.22
CA GLY D 29 -22.38 -0.26 -11.03
C GLY D 29 -22.73 -0.78 -12.41
N LEU D 30 -21.71 -1.27 -13.11
CA LEU D 30 -21.91 -1.80 -14.46
C LEU D 30 -22.68 -3.11 -14.40
N PRO D 31 -23.55 -3.35 -15.40
CA PRO D 31 -24.22 -4.64 -15.55
C PRO D 31 -23.24 -5.77 -15.78
N ILE D 32 -23.63 -6.97 -15.37
CA ILE D 32 -22.82 -8.18 -15.51
C ILE D 32 -23.44 -8.96 -16.65
N VAL D 33 -22.61 -9.50 -17.53
CA VAL D 33 -23.11 -10.24 -18.68
C VAL D 33 -23.07 -11.76 -18.46
N ILE D 34 -21.98 -12.25 -17.86
CA ILE D 34 -21.81 -13.67 -17.56
C ILE D 34 -20.93 -13.83 -16.31
N PHE D 35 -21.02 -15.03 -15.70
CA PHE D 35 -20.11 -15.44 -14.62
C PHE D 35 -19.28 -16.59 -15.10
N LYS D 36 -18.07 -16.70 -14.54
CA LYS D 36 -17.26 -17.89 -14.68
C LYS D 36 -17.05 -18.49 -13.29
N VAL D 37 -16.84 -19.81 -13.22
CA VAL D 37 -16.68 -20.48 -11.94
C VAL D 37 -15.29 -21.02 -11.82
N GLN D 38 -14.68 -20.78 -10.66
CA GLN D 38 -13.35 -21.32 -10.38
C GLN D 38 -13.33 -22.17 -9.13
N TYR D 39 -12.47 -23.16 -9.13
CA TYR D 39 -12.27 -23.89 -7.91
C TYR D 39 -10.83 -24.22 -7.77
N ARG D 40 -10.41 -24.52 -6.54
CA ARG D 40 -9.09 -25.11 -6.34
C ARG D 40 -9.05 -26.03 -5.13
N MET D 41 -8.23 -27.08 -5.17
CA MET D 41 -8.14 -27.88 -3.96
C MET D 41 -7.05 -27.41 -3.02
N VAL D 42 -7.31 -27.48 -1.73
CA VAL D 42 -6.30 -27.13 -0.74
C VAL D 42 -5.34 -28.31 -0.64
N GLY D 43 -4.05 -28.01 -0.58
CA GLY D 43 -2.97 -28.98 -0.78
C GLY D 43 -1.85 -28.32 -1.56
N LYS D 44 -0.99 -29.13 -2.18
CA LYS D 44 0.11 -28.60 -2.98
C LYS D 44 -0.39 -27.99 -4.29
N ARG D 45 -1.46 -28.56 -4.84
CA ARG D 45 -2.12 -28.04 -6.05
C ARG D 45 -2.92 -26.78 -5.74
N LYS D 46 -2.32 -25.60 -5.91
CA LYS D 46 -3.07 -24.39 -5.59
C LYS D 46 -3.46 -23.54 -6.80
N ASN D 47 -3.29 -24.12 -8.00
CA ASN D 47 -3.80 -23.48 -9.22
C ASN D 47 -5.33 -23.44 -9.25
N TRP D 48 -5.88 -22.25 -9.31
CA TRP D 48 -7.28 -22.07 -9.65
C TRP D 48 -7.61 -22.77 -10.98
N GLN D 49 -8.72 -23.50 -11.01
CA GLN D 49 -9.22 -24.14 -12.23
C GLN D 49 -10.47 -23.39 -12.64
N THR D 50 -10.68 -23.24 -13.95
CA THR D 50 -11.83 -22.53 -14.49
C THR D 50 -12.65 -23.50 -15.32
N THR D 51 -13.94 -23.59 -15.01
CA THR D 51 -14.82 -24.46 -15.77
C THR D 51 -15.22 -23.84 -17.14
N ASN D 52 -15.71 -24.69 -18.04
CA ASN D 52 -16.16 -24.27 -19.38
C ASN D 52 -17.39 -23.40 -19.44
N ASP D 53 -18.28 -23.59 -18.49
CA ASP D 53 -19.57 -22.94 -18.53
C ASP D 53 -19.48 -21.40 -18.43
N ASN D 54 -20.28 -20.73 -19.25
CA ASN D 54 -20.42 -19.28 -19.20
C ASN D 54 -21.82 -19.02 -18.73
N ILE D 55 -22.00 -18.90 -17.41
CA ILE D 55 -23.29 -18.66 -16.82
C ILE D 55 -23.73 -17.25 -17.22
N PRO D 56 -24.85 -17.13 -17.96
CA PRO D 56 -25.34 -15.79 -18.33
C PRO D 56 -26.10 -15.19 -17.16
N TYR D 57 -26.03 -13.88 -17.04
CA TYR D 57 -26.69 -13.18 -15.98
C TYR D 57 -28.22 -13.27 -16.14
N GLY D 58 -28.67 -13.29 -17.41
CA GLY D 58 -30.05 -13.47 -17.79
C GLY D 58 -30.96 -12.33 -17.40
N LYS D 59 -32.25 -12.63 -17.32
CA LYS D 59 -33.24 -11.62 -16.96
C LYS D 59 -34.13 -12.11 -15.82
N PRO D 60 -34.71 -11.17 -15.02
CA PRO D 60 -34.49 -9.75 -15.11
C PRO D 60 -33.20 -9.38 -14.35
N LYS D 61 -33.01 -8.10 -14.16
CA LYS D 61 -31.80 -7.57 -13.56
C LYS D 61 -31.68 -7.96 -12.08
N TRP D 62 -32.76 -7.78 -11.33
CA TRP D 62 -32.83 -8.19 -9.94
C TRP D 62 -34.05 -9.08 -9.72
N ASN D 63 -33.87 -10.21 -9.01
CA ASN D 63 -35.00 -11.08 -8.64
C ASN D 63 -35.42 -10.90 -7.18
N SER D 64 -34.98 -9.81 -6.57
CA SER D 64 -35.48 -9.36 -5.26
C SER D 64 -34.94 -7.98 -4.97
N GLU D 65 -35.38 -7.39 -3.88
CA GLU D 65 -34.95 -6.03 -3.54
C GLU D 65 -33.45 -5.99 -3.19
N LEU D 66 -32.91 -7.15 -2.78
CA LEU D 66 -31.52 -7.27 -2.35
C LEU D 66 -30.51 -7.44 -3.47
N GLY D 67 -30.96 -7.87 -4.65
CA GLY D 67 -30.05 -8.21 -5.71
C GLY D 67 -30.58 -9.34 -6.56
N LYS D 68 -29.69 -10.19 -7.06
CA LYS D 68 -30.10 -11.35 -7.83
C LYS D 68 -29.29 -12.57 -7.41
N SER D 69 -29.97 -13.69 -7.16
CA SER D 69 -29.35 -15.00 -6.78
C SER D 69 -29.18 -15.91 -7.97
N PHE D 70 -28.23 -16.85 -7.89
CA PHE D 70 -27.86 -17.69 -8.99
C PHE D 70 -27.48 -19.06 -8.45
N THR D 71 -27.48 -20.05 -9.33
CA THR D 71 -27.29 -21.45 -8.98
C THR D 71 -26.53 -22.01 -10.18
N ALA D 72 -25.40 -22.65 -9.93
CA ALA D 72 -24.74 -23.39 -11.00
C ALA D 72 -23.99 -24.53 -10.38
N SER D 73 -23.69 -25.56 -11.17
CA SER D 73 -23.03 -26.76 -10.71
C SER D 73 -21.55 -26.87 -11.11
N VAL D 74 -20.77 -27.60 -10.33
CA VAL D 74 -19.41 -27.95 -10.74
C VAL D 74 -19.31 -29.45 -10.68
N THR D 75 -18.89 -30.05 -11.78
CA THR D 75 -18.80 -31.48 -11.94
C THR D 75 -17.35 -31.88 -12.27
N ASP D 76 -17.11 -33.17 -12.47
CA ASP D 76 -15.74 -33.72 -12.68
C ASP D 76 -14.77 -33.34 -11.55
N LEU D 77 -15.28 -33.30 -10.32
CA LEU D 77 -14.38 -33.06 -9.20
C LEU D 77 -13.88 -34.39 -8.67
N LYS D 78 -12.70 -34.39 -8.04
CA LYS D 78 -12.16 -35.59 -7.42
C LYS D 78 -12.73 -35.78 -6.02
N PRO D 79 -13.27 -36.98 -5.75
CA PRO D 79 -13.88 -37.27 -4.46
C PRO D 79 -12.80 -37.29 -3.38
N GLN D 80 -13.19 -36.92 -2.15
CA GLN D 80 -12.30 -37.10 -0.99
C GLN D 80 -11.18 -36.07 -0.91
N HIS D 81 -11.41 -34.88 -1.47
CA HIS D 81 -10.46 -33.79 -1.34
C HIS D 81 -11.24 -32.55 -0.92
N THR D 82 -10.51 -31.57 -0.42
CA THR D 82 -11.07 -30.32 0.03
C THR D 82 -10.90 -29.25 -1.05
N TYR D 83 -11.98 -28.52 -1.32
CA TYR D 83 -11.97 -27.42 -2.28
C TYR D 83 -12.38 -26.08 -1.70
N ARG D 84 -12.02 -25.05 -2.47
CA ARG D 84 -12.53 -23.71 -2.29
C ARG D 84 -13.04 -23.27 -3.64
N PHE D 85 -14.10 -22.45 -3.63
CA PHE D 85 -14.74 -22.00 -4.88
C PHE D 85 -14.91 -20.51 -4.88
N ARG D 86 -14.88 -19.91 -6.07
CA ARG D 86 -15.21 -18.50 -6.20
C ARG D 86 -15.91 -18.17 -7.51
N ILE D 87 -16.61 -17.05 -7.54
CA ILE D 87 -17.33 -16.66 -8.74
C ILE D 87 -16.62 -15.43 -9.32
N LEU D 88 -16.53 -15.34 -10.64
CA LEU D 88 -16.03 -14.14 -11.30
C LEU D 88 -17.07 -13.59 -12.25
N ALA D 89 -17.42 -12.31 -12.07
CA ALA D 89 -18.38 -11.68 -12.95
C ALA D 89 -17.63 -11.04 -14.08
N VAL D 90 -18.13 -11.22 -15.30
CA VAL D 90 -17.65 -10.46 -16.43
C VAL D 90 -18.67 -9.36 -16.70
N TYR D 91 -18.19 -8.11 -16.77
CA TYR D 91 -19.07 -6.93 -16.89
C TYR D 91 -19.22 -6.50 -18.34
N SER D 92 -20.10 -5.53 -18.59
CA SER D 92 -20.46 -5.14 -19.94
C SER D 92 -19.27 -4.53 -20.70
N ASN D 93 -18.28 -4.05 -19.94
CA ASN D 93 -17.06 -3.46 -20.50
C ASN D 93 -15.94 -4.51 -20.63
N ASN D 94 -16.32 -5.79 -20.51
CA ASN D 94 -15.38 -6.92 -20.59
C ASN D 94 -14.34 -7.06 -19.47
N ASP D 95 -14.36 -6.16 -18.48
CA ASP D 95 -13.59 -6.36 -17.24
C ASP D 95 -14.18 -7.54 -16.44
N ASN D 96 -13.51 -7.96 -15.37
CA ASN D 96 -14.03 -9.03 -14.49
C ASN D 96 -13.64 -8.80 -13.05
N LYS D 97 -14.48 -9.25 -12.11
CA LYS D 97 -14.20 -9.15 -10.64
C LYS D 97 -14.44 -10.46 -9.94
N GLU D 98 -13.56 -10.87 -9.05
CA GLU D 98 -13.78 -12.12 -8.34
C GLU D 98 -14.52 -11.90 -7.01
N SER D 99 -15.42 -12.83 -6.66
CA SER D 99 -15.93 -12.92 -5.30
C SER D 99 -14.80 -13.35 -4.36
N ASN D 100 -14.99 -13.17 -3.05
CA ASN D 100 -14.12 -13.85 -2.09
C ASN D 100 -14.40 -15.36 -2.22
N THR D 101 -13.48 -16.17 -1.74
CA THR D 101 -13.59 -17.61 -1.91
C THR D 101 -14.55 -18.18 -0.90
N SER D 102 -15.09 -19.36 -1.19
CA SER D 102 -15.87 -20.11 -0.22
C SER D 102 -14.98 -20.54 0.95
N ALA D 103 -15.63 -20.90 2.06
CA ALA D 103 -15.06 -21.78 3.07
C ALA D 103 -14.52 -23.06 2.41
N LYS D 104 -13.61 -23.76 3.10
CA LYS D 104 -13.17 -25.07 2.67
C LYS D 104 -14.32 -26.05 2.62
N PHE D 105 -14.34 -26.87 1.57
CA PHE D 105 -15.41 -27.83 1.41
C PHE D 105 -14.83 -29.22 1.13
N TYR D 106 -15.02 -30.14 2.10
CA TYR D 106 -14.61 -31.51 1.91
C TYR D 106 -15.65 -32.28 1.13
N LEU D 107 -15.26 -32.77 -0.04
CA LEU D 107 -16.14 -33.56 -0.91
C LEU D 107 -16.31 -35.02 -0.46
N GLN D 108 -17.35 -35.20 0.34
CA GLN D 108 -17.69 -36.43 1.04
C GLN D 108 -18.03 -37.58 0.08
N PRO D 109 -17.53 -38.81 0.37
CA PRO D 109 -18.03 -40.03 -0.31
C PRO D 109 -19.46 -40.30 0.14
N GLY D 110 -20.26 -40.95 -0.69
CA GLY D 110 -21.69 -41.01 -0.44
C GLY D 110 -22.12 -42.19 0.42
N ALA D 111 -21.15 -42.97 0.87
CA ALA D 111 -21.45 -44.24 1.54
C ALA D 111 -22.22 -44.03 2.85
N ALA D 112 -21.85 -43.00 3.60
CA ALA D 112 -22.47 -42.69 4.88
C ALA D 112 -23.79 -41.94 4.73
N LEU D 113 -24.04 -41.40 3.53
CA LEU D 113 -25.20 -40.51 3.36
C LEU D 113 -26.44 -41.25 2.88
N ASP D 114 -27.56 -40.99 3.57
CA ASP D 114 -28.86 -41.52 3.20
C ASP D 114 -29.31 -40.99 1.83
N PRO D 115 -30.03 -41.83 1.05
CA PRO D 115 -30.64 -41.39 -0.23
C PRO D 115 -31.64 -40.26 -0.03
N MET D 116 -31.70 -39.36 -0.99
CA MET D 116 -32.65 -38.26 -0.92
C MET D 116 -33.90 -38.65 -1.71
N PRO D 117 -35.09 -38.20 -1.26
CA PRO D 117 -36.33 -38.54 -1.94
C PRO D 117 -36.36 -37.92 -3.33
N VAL D 118 -36.60 -38.75 -4.33
CA VAL D 118 -36.71 -38.33 -5.73
C VAL D 118 -38.10 -37.76 -5.93
N PRO D 119 -38.20 -36.53 -6.48
CA PRO D 119 -39.54 -35.98 -6.67
C PRO D 119 -40.20 -36.53 -7.93
N GLU D 120 -41.50 -36.78 -7.87
CA GLU D 120 -42.23 -37.12 -9.09
C GLU D 120 -42.72 -35.83 -9.74
N LEU D 121 -42.12 -35.48 -10.87
CA LEU D 121 -42.42 -34.25 -11.60
C LEU D 121 -43.67 -34.42 -12.45
N LEU D 122 -44.71 -33.69 -12.11
CA LEU D 122 -45.99 -33.89 -12.77
C LEU D 122 -46.07 -32.97 -14.00
N GLU D 123 -47.28 -32.52 -14.35
CA GLU D 123 -47.47 -31.60 -15.47
C GLU D 123 -46.50 -30.43 -15.41
N ILE D 124 -46.00 -30.03 -16.57
CA ILE D 124 -45.35 -28.73 -16.71
C ILE D 124 -46.47 -27.77 -17.12
N GLU D 125 -46.84 -26.86 -16.23
CA GLU D 125 -47.97 -25.98 -16.47
C GLU D 125 -47.57 -24.87 -17.44
N GLU D 126 -48.34 -24.72 -18.52
CA GLU D 126 -48.05 -23.69 -19.53
C GLU D 126 -48.77 -22.39 -19.12
N TYR D 127 -48.07 -21.62 -18.27
CA TYR D 127 -48.68 -20.59 -17.42
C TYR D 127 -48.97 -19.26 -18.13
N SER D 128 -47.99 -18.73 -18.84
CA SER D 128 -48.17 -17.52 -19.63
C SER D 128 -47.20 -17.61 -20.80
N GLU D 129 -47.10 -16.53 -21.58
CA GLU D 129 -46.09 -16.40 -22.62
C GLU D 129 -44.63 -16.36 -22.14
N THR D 130 -44.39 -16.05 -20.88
CA THR D 130 -43.02 -15.90 -20.42
C THR D 130 -42.72 -16.74 -19.22
N ALA D 131 -43.61 -17.66 -18.87
CA ALA D 131 -43.47 -18.40 -17.62
C ALA D 131 -44.09 -19.77 -17.65
N VAL D 132 -43.58 -20.60 -16.75
CA VAL D 132 -44.01 -21.98 -16.65
C VAL D 132 -44.08 -22.30 -15.14
N VAL D 133 -44.94 -23.23 -14.75
CA VAL D 133 -45.03 -23.66 -13.36
C VAL D 133 -44.82 -25.17 -13.26
N LEU D 134 -43.76 -25.56 -12.56
CA LEU D 134 -43.51 -26.95 -12.23
C LEU D 134 -44.39 -27.38 -11.07
N HIS D 135 -44.84 -28.63 -11.12
CA HIS D 135 -45.63 -29.27 -10.07
C HIS D 135 -45.04 -30.65 -9.82
N TRP D 136 -44.93 -31.02 -8.55
CA TRP D 136 -44.36 -32.30 -8.19
C TRP D 136 -44.98 -32.83 -6.92
N SER D 137 -44.62 -34.06 -6.58
CA SER D 137 -45.06 -34.66 -5.34
C SER D 137 -43.94 -35.57 -4.86
N LEU D 138 -44.03 -35.98 -3.59
CA LEU D 138 -43.10 -36.92 -3.00
C LEU D 138 -43.86 -38.14 -2.49
N ALA D 139 -43.11 -39.22 -2.28
CA ALA D 139 -43.64 -40.45 -1.68
C ALA D 139 -44.02 -40.21 -0.21
N SER D 140 -45.14 -40.80 0.22
CA SER D 140 -45.62 -40.62 1.61
C SER D 140 -44.53 -41.00 2.61
N ASP D 141 -43.62 -41.84 2.14
CA ASP D 141 -42.46 -42.35 2.87
C ASP D 141 -41.44 -41.25 3.24
N ALA D 142 -41.19 -40.34 2.28
CA ALA D 142 -40.12 -39.33 2.33
C ALA D 142 -40.06 -38.45 3.58
N ASP D 143 -38.83 -38.16 4.00
CA ASP D 143 -38.59 -37.37 5.21
C ASP D 143 -38.10 -35.95 4.89
N GLU D 144 -39.06 -35.02 4.90
CA GLU D 144 -38.86 -33.61 4.62
C GLU D 144 -37.93 -32.89 5.59
N HIS D 145 -37.79 -33.42 6.81
CA HIS D 145 -36.78 -32.92 7.75
C HIS D 145 -35.36 -33.05 7.18
N LEU D 146 -35.14 -33.98 6.24
CA LEU D 146 -33.85 -34.08 5.54
C LEU D 146 -33.70 -33.18 4.31
N ILE D 147 -34.83 -32.72 3.75
CA ILE D 147 -34.85 -31.89 2.54
C ILE D 147 -34.71 -30.37 2.84
N THR D 148 -33.77 -29.73 2.15
CA THR D 148 -33.63 -28.28 2.23
C THR D 148 -34.48 -27.60 1.16
N GLY D 149 -34.57 -28.25 0.00
CA GLY D 149 -35.38 -27.80 -1.11
C GLY D 149 -35.08 -28.62 -2.34
N TYR D 150 -35.17 -27.98 -3.49
CA TYR D 150 -35.15 -28.66 -4.77
C TYR D 150 -34.35 -27.85 -5.76
N TYR D 151 -33.60 -28.54 -6.63
CA TYR D 151 -32.92 -27.87 -7.72
C TYR D 151 -33.59 -28.21 -9.05
N ALA D 152 -34.09 -27.17 -9.74
CA ALA D 152 -34.67 -27.30 -11.05
C ALA D 152 -33.61 -27.14 -12.15
N TYR D 153 -33.58 -28.04 -13.10
CA TYR D 153 -32.67 -27.93 -14.25
C TYR D 153 -33.52 -27.71 -15.50
N TYR D 154 -33.16 -26.72 -16.30
CA TYR D 154 -33.92 -26.51 -17.54
C TYR D 154 -33.12 -25.83 -18.63
N ARG D 155 -33.49 -26.15 -19.84
CA ARG D 155 -32.92 -25.54 -21.01
C ARG D 155 -33.91 -25.70 -22.17
N PRO D 156 -33.73 -24.88 -23.23
CA PRO D 156 -34.58 -25.04 -24.40
C PRO D 156 -34.47 -26.47 -24.97
N SER D 157 -35.61 -27.03 -25.37
CA SER D 157 -35.69 -28.37 -25.85
C SER D 157 -34.68 -28.60 -26.95
N SER D 158 -33.89 -29.66 -26.80
CA SER D 158 -32.83 -30.04 -27.74
C SER D 158 -31.65 -29.05 -27.77
N SER D 159 -31.61 -28.08 -26.85
CA SER D 159 -30.39 -27.30 -26.69
C SER D 159 -29.23 -28.22 -26.28
N ALA D 160 -28.08 -28.00 -26.90
CA ALA D 160 -26.85 -28.67 -26.50
C ALA D 160 -26.23 -28.03 -25.26
N GLY D 161 -26.64 -26.80 -24.95
CA GLY D 161 -26.06 -26.02 -23.84
C GLY D 161 -26.27 -26.62 -22.47
N GLU D 162 -25.53 -26.13 -21.48
CA GLU D 162 -25.67 -26.63 -20.12
C GLU D 162 -27.04 -26.22 -19.59
N TYR D 163 -27.63 -27.05 -18.73
CA TYR D 163 -28.88 -26.73 -18.07
C TYR D 163 -28.76 -25.44 -17.24
N PHE D 164 -29.73 -24.55 -17.35
CA PHE D 164 -29.88 -23.50 -16.34
C PHE D 164 -30.39 -24.17 -15.08
N LYS D 165 -30.06 -23.57 -13.94
CA LYS D 165 -30.42 -24.08 -12.62
C LYS D 165 -31.11 -23.03 -11.83
N ALA D 166 -32.08 -23.47 -11.03
CA ALA D 166 -32.73 -22.64 -10.04
C ALA D 166 -32.85 -23.42 -8.74
N THR D 167 -32.86 -22.68 -7.63
CA THR D 167 -33.04 -23.25 -6.30
C THR D 167 -34.41 -22.85 -5.78
N ILE D 168 -35.19 -23.84 -5.38
CA ILE D 168 -36.45 -23.64 -4.70
C ILE D 168 -36.25 -24.03 -3.23
N GLU D 169 -36.47 -23.12 -2.29
CA GLU D 169 -36.25 -23.44 -0.88
C GLU D 169 -37.51 -23.97 -0.18
N GLY D 170 -37.32 -24.89 0.77
CA GLY D 170 -38.44 -25.44 1.55
C GLY D 170 -38.86 -26.82 1.10
N ALA D 171 -38.84 -27.77 2.03
CA ALA D 171 -39.20 -29.15 1.72
C ALA D 171 -40.67 -29.26 1.33
N HIS D 172 -41.49 -28.38 1.91
CA HIS D 172 -42.93 -28.36 1.68
C HIS D 172 -43.34 -28.05 0.25
N ALA D 173 -42.51 -27.29 -0.48
CA ALA D 173 -42.81 -26.86 -1.85
C ALA D 173 -43.19 -28.01 -2.80
N ARG D 174 -44.24 -27.78 -3.57
CA ARG D 174 -44.80 -28.74 -4.52
C ARG D 174 -45.08 -28.08 -5.85
N SER D 175 -44.81 -26.78 -5.96
CA SER D 175 -44.88 -26.07 -7.22
C SER D 175 -43.79 -25.01 -7.23
N PHE D 176 -43.45 -24.53 -8.43
CA PHE D 176 -42.47 -23.46 -8.62
C PHE D 176 -42.59 -22.84 -9.99
N LYS D 177 -42.77 -21.53 -9.98
CA LYS D 177 -42.80 -20.78 -11.19
C LYS D 177 -41.39 -20.48 -11.69
N ILE D 178 -41.13 -20.89 -12.93
CA ILE D 178 -39.89 -20.54 -13.63
C ILE D 178 -40.19 -19.42 -14.62
N ALA D 179 -39.62 -18.24 -14.36
CA ALA D 179 -39.82 -17.09 -15.22
C ALA D 179 -38.67 -16.11 -15.01
N PRO D 180 -38.40 -15.20 -15.96
CA PRO D 180 -38.91 -15.06 -17.32
C PRO D 180 -38.24 -16.04 -18.32
N LEU D 181 -39.06 -16.59 -19.22
CA LEU D 181 -38.64 -17.47 -20.31
C LEU D 181 -39.08 -16.83 -21.61
N GLU D 182 -38.51 -17.30 -22.72
CA GLU D 182 -38.86 -16.80 -24.04
C GLU D 182 -40.24 -17.29 -24.47
N THR D 183 -40.95 -16.49 -25.26
CA THR D 183 -42.32 -16.81 -25.55
C THR D 183 -42.34 -17.89 -26.63
N ALA D 184 -43.41 -18.68 -26.63
CA ALA D 184 -43.61 -19.75 -27.62
C ALA D 184 -42.40 -20.68 -27.74
N THR D 185 -41.76 -20.95 -26.61
CA THR D 185 -40.55 -21.73 -26.57
C THR D 185 -40.72 -23.03 -25.79
N MET D 186 -40.37 -24.15 -26.45
CA MET D 186 -40.28 -25.45 -25.79
C MET D 186 -39.03 -25.59 -24.90
N TYR D 187 -39.26 -25.92 -23.63
CA TYR D 187 -38.22 -26.23 -22.64
C TYR D 187 -38.34 -27.65 -22.11
N GLU D 188 -37.22 -28.18 -21.60
CA GLU D 188 -37.22 -29.46 -20.90
C GLU D 188 -36.73 -29.20 -19.49
N PHE D 189 -37.36 -29.87 -18.52
CA PHE D 189 -37.12 -29.62 -17.10
C PHE D 189 -36.92 -30.94 -16.38
N LYS D 190 -36.01 -30.99 -15.41
CA LYS D 190 -35.99 -32.10 -14.47
C LYS D 190 -35.72 -31.53 -13.10
N LEU D 191 -35.98 -32.30 -12.04
CA LEU D 191 -35.93 -31.78 -10.69
C LEU D 191 -35.34 -32.79 -9.72
N GLN D 192 -34.48 -32.32 -8.83
CA GLN D 192 -34.02 -33.19 -7.74
C GLN D 192 -34.28 -32.44 -6.44
N SER D 193 -34.43 -33.19 -5.37
CA SER D 193 -34.44 -32.58 -4.04
C SER D 193 -32.99 -32.49 -3.55
N PHE D 194 -32.72 -31.59 -2.60
CA PHE D 194 -31.36 -31.42 -2.06
C PHE D 194 -31.35 -31.06 -0.59
N SER D 195 -30.24 -31.47 0.05
CA SER D 195 -29.82 -31.04 1.38
C SER D 195 -28.40 -30.57 1.21
N ALA D 196 -27.81 -30.10 2.31
CA ALA D 196 -26.43 -29.62 2.26
C ALA D 196 -25.50 -30.73 1.80
N ALA D 197 -25.82 -31.96 2.20
CA ALA D 197 -24.90 -33.08 2.11
C ALA D 197 -25.09 -33.97 0.89
N SER D 198 -26.22 -33.86 0.21
CA SER D 198 -26.49 -34.64 -0.99
C SER D 198 -27.70 -34.13 -1.72
N ALA D 199 -27.93 -34.68 -2.92
CA ALA D 199 -29.11 -34.40 -3.71
C ALA D 199 -29.67 -35.70 -4.24
N SER D 200 -30.95 -35.72 -4.53
CA SER D 200 -31.60 -36.91 -5.03
C SER D 200 -31.22 -37.22 -6.49
N GLU D 201 -31.51 -38.46 -6.91
CA GLU D 201 -31.64 -38.77 -8.32
C GLU D 201 -32.72 -37.86 -8.93
N PHE D 202 -32.69 -37.70 -10.25
CA PHE D 202 -33.60 -36.76 -10.93
C PHE D 202 -34.97 -37.34 -11.11
N SER D 203 -35.96 -36.45 -11.17
CA SER D 203 -37.26 -36.82 -11.69
C SER D 203 -37.14 -37.18 -13.20
N ALA D 204 -38.26 -37.56 -13.80
CA ALA D 204 -38.32 -37.64 -15.26
C ALA D 204 -38.07 -36.27 -15.89
N LEU D 205 -37.46 -36.26 -17.06
CA LEU D 205 -37.32 -35.05 -17.87
C LEU D 205 -38.64 -34.74 -18.58
N LYS D 206 -39.20 -33.58 -18.27
CA LYS D 206 -40.52 -33.25 -18.80
C LYS D 206 -40.45 -32.00 -19.63
N GLN D 207 -41.14 -32.00 -20.77
CA GLN D 207 -41.18 -30.83 -21.67
C GLN D 207 -42.41 -29.95 -21.52
N GLY D 208 -42.22 -28.66 -21.74
CA GLY D 208 -43.34 -27.74 -21.75
C GLY D 208 -43.06 -26.48 -22.52
N ARG D 209 -44.11 -25.96 -23.13
CA ARG D 209 -44.03 -24.75 -23.92
C ARG D 209 -44.56 -23.58 -23.14
N THR D 210 -43.88 -22.44 -23.21
CA THR D 210 -44.51 -21.16 -22.84
C THR D 210 -45.57 -20.92 -23.91
N GLN D 211 -46.58 -20.11 -23.59
CA GLN D 211 -47.67 -19.87 -24.54
C GLN D 211 -47.22 -19.03 -25.74
N ARG D 212 -47.92 -19.17 -26.87
CA ARG D 212 -47.63 -18.34 -28.03
C ARG D 212 -48.50 -17.09 -28.05
N PRO D 213 -47.90 -15.93 -28.36
CA PRO D 213 -48.59 -14.65 -28.56
C PRO D 213 -49.78 -14.77 -29.50
N TYR E 2 11.97 22.59 -19.65
CA TYR E 2 12.11 21.86 -18.37
C TYR E 2 10.74 21.52 -17.79
N PRO E 3 10.63 20.31 -17.24
CA PRO E 3 9.40 19.96 -16.53
C PRO E 3 9.38 20.68 -15.20
N LEU E 4 8.18 20.88 -14.65
CA LEU E 4 8.09 21.42 -13.30
C LEU E 4 8.49 20.32 -12.30
N VAL E 5 8.83 20.73 -11.08
CA VAL E 5 9.13 19.79 -10.00
C VAL E 5 8.00 19.89 -8.96
N LEU E 6 7.96 18.99 -8.01
CA LEU E 6 6.90 18.98 -7.02
C LEU E 6 6.78 20.33 -6.29
N LYS E 7 5.52 20.79 -6.20
CA LYS E 7 5.10 22.03 -5.53
C LYS E 7 5.54 23.30 -6.23
N GLN E 8 6.15 23.16 -7.40
CA GLN E 8 6.42 24.33 -8.24
C GLN E 8 5.11 24.79 -8.85
N THR E 9 4.96 26.09 -9.06
CA THR E 9 3.80 26.62 -9.76
C THR E 9 4.28 27.60 -10.84
N ILE E 10 3.55 27.68 -11.96
CA ILE E 10 3.79 28.73 -12.99
C ILE E 10 2.45 29.34 -13.41
N PRO E 11 2.34 30.68 -13.38
CA PRO E 11 3.40 31.62 -12.97
C PRO E 11 3.72 31.46 -11.50
N ASN E 12 4.87 31.99 -11.10
CA ASN E 12 5.38 31.87 -9.72
C ASN E 12 4.73 32.92 -8.81
N LEU E 13 3.42 32.79 -8.65
CA LEU E 13 2.64 33.73 -7.84
C LEU E 13 1.45 32.95 -7.33
N SER E 14 0.70 33.53 -6.40
CA SER E 14 -0.50 32.87 -5.91
C SER E 14 -1.59 32.87 -6.98
N GLU E 15 -2.39 31.81 -6.97
CA GLU E 15 -3.39 31.55 -8.01
C GLU E 15 -4.38 32.69 -8.34
N TYR E 16 -4.81 33.45 -7.34
CA TYR E 16 -5.87 34.43 -7.56
C TYR E 16 -5.41 35.83 -7.98
N THR E 17 -4.10 35.98 -8.24
CA THR E 17 -3.60 37.25 -8.75
C THR E 17 -4.03 37.41 -10.20
N ASN E 18 -4.10 38.64 -10.66
CA ASN E 18 -4.71 38.96 -11.96
C ASN E 18 -3.91 38.33 -13.07
N SER E 19 -2.59 38.48 -12.97
CA SER E 19 -1.68 37.94 -13.97
C SER E 19 -1.69 36.41 -14.00
N ALA E 20 -2.26 35.80 -12.95
CA ALA E 20 -2.46 34.36 -12.89
C ALA E 20 -3.90 33.97 -13.33
N SER E 21 -4.69 33.45 -12.40
CA SER E 21 -6.08 33.07 -12.72
C SER E 21 -7.15 34.12 -12.42
N GLY E 22 -6.80 35.15 -11.67
CA GLY E 22 -7.80 36.12 -11.18
C GLY E 22 -8.56 35.58 -9.98
N PRO E 23 -9.45 36.40 -9.39
CA PRO E 23 -10.08 36.02 -8.12
C PRO E 23 -11.26 35.05 -8.28
N LEU E 24 -11.66 34.41 -7.18
CA LEU E 24 -12.90 33.61 -7.15
C LEU E 24 -14.04 34.51 -7.60
N GLU E 25 -15.02 33.93 -8.28
CA GLU E 25 -16.15 34.71 -8.80
C GLU E 25 -17.49 34.17 -8.34
N GLY E 26 -17.47 33.31 -7.32
CA GLY E 26 -18.69 32.77 -6.75
C GLY E 26 -18.99 31.39 -7.28
N VAL E 27 -19.55 30.55 -6.39
CA VAL E 27 -19.91 29.17 -6.67
C VAL E 27 -20.95 29.05 -7.81
N ILE E 28 -20.75 28.08 -8.70
CA ILE E 28 -21.79 27.76 -9.67
C ILE E 28 -22.45 26.39 -9.40
N ARG E 29 -23.74 26.42 -9.10
CA ARG E 29 -24.50 25.20 -8.83
C ARG E 29 -25.60 25.01 -9.87
N ARG E 30 -26.17 23.81 -9.92
CA ARG E 30 -27.24 23.47 -10.87
C ARG E 30 -28.38 24.48 -10.76
N ASP E 31 -28.46 25.04 -9.56
CA ASP E 31 -29.52 25.95 -9.14
C ASP E 31 -29.32 27.34 -9.76
N SER E 32 -28.08 27.83 -9.75
CA SER E 32 -27.76 29.21 -10.15
C SER E 32 -27.87 29.43 -11.66
N PRO E 33 -28.08 30.70 -12.09
CA PRO E 33 -28.24 31.04 -13.50
C PRO E 33 -26.96 30.88 -14.31
N LYS E 34 -25.81 30.81 -13.64
CA LYS E 34 -24.55 30.63 -14.36
C LYS E 34 -24.29 29.18 -14.74
N PHE E 35 -25.17 28.26 -14.33
CA PHE E 35 -25.05 26.85 -14.72
C PHE E 35 -25.17 26.66 -16.23
N LYS E 36 -26.04 27.46 -16.85
CA LYS E 36 -26.25 27.46 -18.29
C LYS E 36 -24.98 27.91 -19.04
N ASP E 37 -24.10 28.61 -18.34
CA ASP E 37 -22.84 29.07 -18.92
C ASP E 37 -21.80 27.97 -19.06
N LEU E 38 -21.79 27.05 -18.09
CA LEU E 38 -20.84 25.93 -18.10
C LEU E 38 -21.05 25.06 -19.33
N VAL E 39 -19.96 24.81 -20.05
CA VAL E 39 -20.03 24.03 -21.28
C VAL E 39 -19.50 22.62 -21.08
N PRO E 40 -20.16 21.61 -21.68
CA PRO E 40 -19.54 20.30 -21.69
C PRO E 40 -18.40 20.24 -22.71
N ASN E 41 -17.36 19.51 -22.33
CA ASN E 41 -16.25 19.18 -23.21
C ASN E 41 -16.57 17.79 -23.74
N TYR E 42 -16.72 17.67 -25.05
CA TYR E 42 -17.06 16.42 -25.70
C TYR E 42 -15.89 15.78 -26.47
N ASN E 43 -14.68 16.28 -26.21
CA ASN E 43 -13.45 15.77 -26.80
C ASN E 43 -13.26 14.28 -26.56
N ARG E 44 -13.22 13.52 -27.65
CA ARG E 44 -13.05 12.07 -27.62
C ARG E 44 -11.72 11.72 -26.94
N ASP E 45 -10.73 12.57 -27.17
CA ASP E 45 -9.35 12.27 -26.78
C ASP E 45 -8.94 12.65 -25.36
N ILE E 46 -9.88 13.13 -24.56
CA ILE E 46 -9.64 13.36 -23.14
C ILE E 46 -10.48 12.39 -22.33
N LEU E 47 -9.83 11.65 -21.43
CA LEU E 47 -10.53 10.67 -20.59
C LEU E 47 -10.97 11.32 -19.27
N PHE E 48 -12.25 11.21 -18.93
CA PHE E 48 -12.78 11.78 -17.68
C PHE E 48 -13.10 10.68 -16.69
N ARG E 49 -12.39 10.64 -15.57
CA ARG E 49 -12.65 9.61 -14.56
C ARG E 49 -14.05 9.76 -13.97
N ASP E 57 -18.38 15.95 -14.32
CA ASP E 57 -16.96 15.80 -14.64
C ASP E 57 -16.64 16.46 -16.01
N ARG E 58 -17.53 16.29 -16.99
CA ARG E 58 -17.36 16.88 -18.33
C ARG E 58 -17.72 18.36 -18.45
N LEU E 59 -18.41 18.89 -17.45
CA LEU E 59 -18.75 20.32 -17.42
C LEU E 59 -17.59 21.18 -16.93
N MET E 60 -17.35 22.28 -17.63
CA MET E 60 -16.32 23.27 -17.29
C MET E 60 -16.65 24.62 -17.92
N SER E 61 -15.75 25.59 -17.77
CA SER E 61 -15.90 26.88 -18.40
C SER E 61 -15.45 26.83 -19.86
N LYS E 62 -15.81 27.85 -20.62
CA LYS E 62 -15.38 27.94 -22.01
C LYS E 62 -13.86 28.06 -22.14
N ARG E 63 -13.23 28.90 -21.32
CA ARG E 63 -11.78 29.06 -21.32
C ARG E 63 -11.08 27.79 -20.83
N CYS E 64 -11.68 27.16 -19.81
CA CYS E 64 -11.17 25.88 -19.28
C CYS E 64 -11.18 24.80 -20.35
N LYS E 65 -12.31 24.65 -21.06
CA LYS E 65 -12.46 23.71 -22.18
C LYS E 65 -11.42 23.97 -23.28
N GLU E 66 -11.39 25.21 -23.77
CA GLU E 66 -10.44 25.68 -24.78
C GLU E 66 -9.01 25.24 -24.48
N LYS E 67 -8.58 25.47 -23.25
CA LYS E 67 -7.21 25.20 -22.83
C LYS E 67 -6.95 23.72 -22.62
N LEU E 68 -7.99 23.02 -22.12
CA LEU E 68 -7.91 21.60 -21.87
C LEU E 68 -7.86 20.86 -23.19
N ASN E 69 -8.48 21.43 -24.21
CA ASN E 69 -8.43 20.86 -25.56
C ASN E 69 -7.06 20.97 -26.22
N VAL E 70 -6.41 22.11 -26.09
CA VAL E 70 -5.03 22.28 -26.58
C VAL E 70 -4.10 21.28 -25.89
N LEU E 71 -4.32 21.05 -24.60
CA LEU E 71 -3.49 20.14 -23.80
C LEU E 71 -3.69 18.69 -24.22
N ALA E 72 -4.93 18.33 -24.50
CA ALA E 72 -5.30 17.04 -25.09
C ALA E 72 -4.35 16.60 -26.19
N TYR E 73 -4.16 17.46 -27.18
CA TYR E 73 -3.36 17.10 -28.35
C TYR E 73 -1.87 17.17 -28.11
N SER E 74 -1.43 18.02 -27.18
CA SER E 74 0.00 18.07 -26.89
C SER E 74 0.47 16.84 -26.09
N VAL E 75 -0.42 16.28 -25.26
CA VAL E 75 -0.14 14.99 -24.59
C VAL E 75 0.10 13.88 -25.61
N MET E 76 -0.85 13.72 -26.54
CA MET E 76 -0.78 12.71 -27.61
C MET E 76 0.44 12.93 -28.51
N ASN E 77 0.74 14.20 -28.75
CA ASN E 77 1.91 14.61 -29.53
C ASN E 77 3.20 14.19 -28.83
N GLU E 78 3.16 14.14 -27.50
CA GLU E 78 4.32 13.93 -26.64
C GLU E 78 4.65 12.47 -26.34
N TRP E 79 3.61 11.66 -26.08
CA TRP E 79 3.76 10.24 -25.79
C TRP E 79 2.77 9.42 -26.59
N PRO E 80 3.19 8.26 -27.12
CA PRO E 80 2.29 7.38 -27.88
C PRO E 80 1.40 6.52 -26.97
N GLY E 81 0.20 6.21 -27.44
CA GLY E 81 -0.65 5.27 -26.71
C GLY E 81 -1.35 5.76 -25.45
N ILE E 82 -1.15 7.04 -25.09
CA ILE E 82 -1.77 7.62 -23.89
C ILE E 82 -2.52 8.93 -24.19
N ARG E 83 -3.34 9.34 -23.23
CA ARG E 83 -4.24 10.50 -23.37
C ARG E 83 -4.27 11.30 -22.07
N LEU E 84 -4.69 12.57 -22.18
CA LEU E 84 -4.99 13.41 -21.03
C LEU E 84 -6.10 12.79 -20.17
N LEU E 85 -5.89 12.77 -18.85
CA LEU E 85 -6.89 12.28 -17.90
C LEU E 85 -7.30 13.42 -16.99
N VAL E 86 -8.60 13.65 -16.85
CA VAL E 86 -9.12 14.65 -15.94
C VAL E 86 -9.78 13.94 -14.74
N THR E 87 -9.24 14.17 -13.54
CA THR E 87 -9.75 13.51 -12.35
C THR E 87 -10.79 14.38 -11.63
N GLU E 88 -10.75 15.67 -11.92
CA GLU E 88 -11.73 16.58 -11.38
C GLU E 88 -11.85 17.80 -12.29
N SER E 89 -13.07 18.19 -12.52
CA SER E 89 -13.35 19.41 -13.23
C SER E 89 -14.29 20.23 -12.35
N TRP E 90 -15.55 20.34 -12.76
CA TRP E 90 -16.53 21.11 -12.00
C TRP E 90 -17.01 20.27 -10.82
N ASP E 91 -17.05 20.87 -9.63
CA ASP E 91 -17.44 20.14 -8.43
C ASP E 91 -18.69 20.69 -7.80
N GLU E 92 -19.60 19.78 -7.44
CA GLU E 92 -20.89 20.14 -6.90
C GLU E 92 -21.01 19.73 -5.42
N ASP E 93 -20.17 18.76 -5.01
CA ASP E 93 -20.26 18.13 -3.68
C ASP E 93 -19.31 18.67 -2.60
N TYR E 94 -18.68 19.82 -2.84
CA TYR E 94 -17.81 20.45 -1.84
C TYR E 94 -16.65 19.52 -1.41
N HIS E 95 -15.87 19.09 -2.40
CA HIS E 95 -14.73 18.20 -2.18
C HIS E 95 -13.40 18.96 -2.08
N HIS E 96 -13.48 20.30 -2.07
CA HIS E 96 -12.25 21.10 -2.06
C HIS E 96 -12.28 22.25 -1.07
N GLY E 97 -12.72 21.96 0.16
CA GLY E 97 -12.80 22.95 1.20
C GLY E 97 -13.90 23.95 0.92
N GLN E 98 -13.82 25.10 1.58
CA GLN E 98 -14.91 26.07 1.46
C GLN E 98 -14.84 26.88 0.17
N GLU E 99 -13.63 27.17 -0.28
CA GLU E 99 -13.40 27.94 -1.49
C GLU E 99 -12.58 27.10 -2.47
N SER E 100 -13.02 27.07 -3.73
CA SER E 100 -12.33 26.37 -4.81
C SER E 100 -12.82 26.81 -6.18
N LEU E 101 -11.88 26.94 -7.11
CA LEU E 101 -12.21 27.28 -8.49
C LEU E 101 -12.97 26.14 -9.17
N HIS E 102 -12.73 24.91 -8.70
CA HIS E 102 -13.49 23.72 -9.12
C HIS E 102 -15.01 23.95 -9.07
N TYR E 103 -15.45 24.70 -8.05
CA TYR E 103 -16.88 25.00 -7.89
C TYR E 103 -17.47 25.86 -9.04
N GLU E 104 -16.61 26.34 -9.93
CA GLU E 104 -17.09 27.12 -11.05
C GLU E 104 -16.52 26.73 -12.40
N GLY E 105 -16.13 25.45 -12.52
CA GLY E 105 -15.59 24.88 -13.76
C GLY E 105 -14.31 25.54 -14.24
N ARG E 106 -13.54 26.10 -13.31
CA ARG E 106 -12.36 26.90 -13.63
C ARG E 106 -11.03 26.24 -13.23
N ALA E 107 -11.11 25.00 -12.75
CA ALA E 107 -9.98 24.25 -12.27
C ALA E 107 -10.11 22.81 -12.72
N VAL E 108 -8.98 22.17 -12.97
CA VAL E 108 -8.93 20.74 -13.18
C VAL E 108 -7.76 20.12 -12.45
N THR E 109 -7.94 18.87 -12.06
CA THR E 109 -6.81 18.05 -11.69
C THR E 109 -6.67 17.02 -12.80
N ILE E 110 -5.42 16.85 -13.27
CA ILE E 110 -5.14 16.08 -14.47
C ILE E 110 -3.98 15.08 -14.23
N ALA E 111 -3.94 14.04 -15.03
CA ALA E 111 -2.85 13.09 -15.02
C ALA E 111 -2.76 12.61 -16.45
N THR E 112 -1.77 11.79 -16.76
CA THR E 112 -1.85 11.01 -17.99
C THR E 112 -2.71 9.80 -17.67
N SER E 113 -3.33 9.23 -18.70
CA SER E 113 -4.24 8.13 -18.53
C SER E 113 -3.57 6.83 -18.04
N ASP E 114 -2.25 6.73 -18.23
CA ASP E 114 -1.52 5.54 -17.74
C ASP E 114 -1.09 5.68 -16.29
N ARG E 115 -1.42 6.82 -15.68
CA ARG E 115 -1.14 7.09 -14.26
C ARG E 115 0.36 6.95 -13.95
N ASP E 116 1.19 7.22 -14.96
CA ASP E 116 2.64 7.14 -14.82
C ASP E 116 3.11 8.47 -14.22
N GLN E 117 3.21 8.50 -12.89
CA GLN E 117 3.59 9.68 -12.10
C GLN E 117 4.87 10.37 -12.55
N SER E 118 5.77 9.60 -13.16
CA SER E 118 7.03 10.14 -13.63
C SER E 118 6.88 11.09 -14.81
N LYS E 119 5.73 11.07 -15.47
CA LYS E 119 5.42 12.00 -16.57
C LYS E 119 4.89 13.38 -16.14
N TYR E 120 4.50 13.53 -14.87
CA TYR E 120 3.63 14.66 -14.51
C TYR E 120 4.36 16.00 -14.53
N GLY E 121 5.67 15.93 -14.30
CA GLY E 121 6.55 17.06 -14.49
C GLY E 121 6.35 17.67 -15.85
N MET E 122 6.41 16.84 -16.88
CA MET E 122 6.25 17.28 -18.25
C MET E 122 4.81 17.68 -18.57
N LEU E 123 3.85 16.87 -18.12
CA LEU E 123 2.43 17.21 -18.23
C LEU E 123 2.19 18.63 -17.73
N ALA E 124 2.82 18.98 -16.60
CA ALA E 124 2.66 20.31 -16.00
C ALA E 124 3.17 21.40 -16.94
N ARG E 125 4.34 21.16 -17.54
CA ARG E 125 4.89 22.03 -18.57
C ARG E 125 3.95 22.09 -19.79
N LEU E 126 3.46 20.93 -20.26
CA LEU E 126 2.55 20.95 -21.38
C LEU E 126 1.33 21.84 -21.04
N ALA E 127 0.82 21.72 -19.81
CA ALA E 127 -0.33 22.51 -19.36
C ALA E 127 -0.03 24.01 -19.36
N VAL E 128 1.18 24.40 -18.95
CA VAL E 128 1.64 25.79 -19.10
C VAL E 128 1.67 26.23 -20.58
N GLU E 129 2.26 25.40 -21.45
CA GLU E 129 2.32 25.69 -22.89
C GLU E 129 0.92 25.72 -23.54
N ALA E 130 0.01 24.87 -23.07
CA ALA E 130 -1.37 24.85 -23.56
C ALA E 130 -2.10 26.17 -23.31
N GLY E 131 -1.69 26.87 -22.26
CA GLY E 131 -2.23 28.20 -21.98
C GLY E 131 -3.12 28.26 -20.75
N PHE E 132 -3.02 27.25 -19.88
CA PHE E 132 -3.67 27.35 -18.58
C PHE E 132 -3.10 28.54 -17.81
N ASP E 133 -3.96 29.23 -17.06
CA ASP E 133 -3.55 30.48 -16.43
C ASP E 133 -2.68 30.29 -15.17
N TRP E 134 -2.91 29.20 -14.45
CA TRP E 134 -2.09 28.86 -13.30
C TRP E 134 -1.92 27.34 -13.24
N VAL E 135 -0.67 26.89 -13.08
CA VAL E 135 -0.36 25.46 -13.01
C VAL E 135 0.50 25.13 -11.79
N SER E 136 0.04 24.14 -11.04
CA SER E 136 0.64 23.77 -9.80
C SER E 136 0.85 22.26 -9.73
N TYR E 137 2.09 21.85 -9.47
CA TYR E 137 2.46 20.45 -9.32
C TYR E 137 2.22 20.09 -7.83
N VAL E 138 0.93 20.02 -7.48
CA VAL E 138 0.52 19.99 -6.06
C VAL E 138 0.80 18.65 -5.40
N SER E 139 0.89 17.58 -6.21
CA SER E 139 1.00 16.23 -5.69
C SER E 139 1.70 15.32 -6.69
N ARG E 140 2.32 14.25 -6.19
CA ARG E 140 2.79 13.18 -7.09
C ARG E 140 1.63 12.57 -7.87
N ARG E 141 0.43 12.58 -7.27
CA ARG E 141 -0.73 11.87 -7.83
C ARG E 141 -1.44 12.65 -8.93
N HIS E 142 -1.28 13.99 -8.97
CA HIS E 142 -1.91 14.83 -9.98
C HIS E 142 -1.38 16.27 -10.08
N ILE E 143 -1.59 16.86 -11.25
CA ILE E 143 -1.32 18.26 -11.51
C ILE E 143 -2.63 19.04 -11.36
N TYR E 144 -2.57 20.20 -10.71
CA TYR E 144 -3.71 21.14 -10.66
C TYR E 144 -3.51 22.28 -11.68
N CYS E 145 -4.55 22.55 -12.50
CA CYS E 145 -4.53 23.66 -13.49
C CYS E 145 -5.79 24.50 -13.40
N SER E 146 -5.64 25.81 -13.43
CA SER E 146 -6.81 26.71 -13.42
C SER E 146 -6.74 27.80 -14.50
N VAL E 147 -7.88 28.40 -14.81
CA VAL E 147 -7.95 29.43 -15.85
C VAL E 147 -8.61 30.70 -15.33
N LYS E 148 -8.41 31.82 -16.03
CA LYS E 148 -9.17 33.04 -15.78
C LYS E 148 -10.62 32.79 -16.14
N SER E 149 -11.52 33.58 -15.57
CA SER E 149 -12.92 33.51 -15.95
C SER E 149 -13.15 34.14 -17.33
N ASP E 150 -14.18 33.66 -18.03
CA ASP E 150 -14.64 34.28 -19.26
C ASP E 150 -15.43 35.54 -18.89
N LEU F 1 -22.85 -3.42 27.13
CA LEU F 1 -21.88 -2.35 26.75
C LEU F 1 -21.26 -2.71 25.41
N TYR F 2 -21.91 -2.32 24.33
CA TYR F 2 -21.37 -2.60 23.00
C TYR F 2 -20.15 -1.73 22.69
N PRO F 3 -19.22 -2.25 21.89
CA PRO F 3 -18.10 -1.44 21.40
C PRO F 3 -18.62 -0.43 20.39
N LEU F 4 -17.88 0.66 20.17
CA LEU F 4 -18.28 1.63 19.17
C LEU F 4 -17.94 1.06 17.80
N VAL F 5 -18.68 1.47 16.76
CA VAL F 5 -18.31 1.15 15.40
C VAL F 5 -17.60 2.35 14.75
N LEU F 6 -16.89 2.09 13.65
CA LEU F 6 -16.29 3.14 12.85
C LEU F 6 -17.20 4.39 12.73
N LYS F 7 -16.64 5.52 13.17
CA LYS F 7 -17.26 6.85 13.03
C LYS F 7 -18.34 7.11 14.08
N GLN F 8 -18.55 6.14 14.97
CA GLN F 8 -19.48 6.32 16.07
C GLN F 8 -18.90 7.25 17.13
N THR F 9 -19.82 7.91 17.82
CA THR F 9 -19.50 8.93 18.77
C THR F 9 -20.40 8.77 19.98
N ILE F 10 -19.80 8.79 21.17
CA ILE F 10 -20.53 8.75 22.43
C ILE F 10 -20.09 9.93 23.29
N PRO F 11 -21.05 10.78 23.74
CA PRO F 11 -22.49 10.68 23.48
C PRO F 11 -22.81 10.93 22.00
N ASN F 12 -23.99 10.51 21.56
CA ASN F 12 -24.32 10.65 20.14
C ASN F 12 -24.70 12.10 19.78
N LEU F 13 -23.70 12.99 19.83
CA LEU F 13 -23.88 14.40 19.46
C LEU F 13 -22.53 15.11 19.25
N SER F 14 -22.57 16.38 18.85
CA SER F 14 -21.38 17.16 18.49
C SER F 14 -20.41 17.30 19.67
N GLU F 15 -19.09 17.40 19.30
CA GLU F 15 -18.03 17.47 20.30
C GLU F 15 -18.14 18.67 21.24
N TYR F 16 -18.14 19.85 20.65
CA TYR F 16 -18.06 21.12 21.39
C TYR F 16 -19.37 21.50 22.11
N THR F 17 -20.41 20.70 21.96
CA THR F 17 -21.68 20.98 22.66
C THR F 17 -21.56 20.69 24.16
N ASN F 18 -22.65 21.00 24.89
CA ASN F 18 -22.66 21.03 26.35
C ASN F 18 -22.43 19.64 26.99
N SER F 19 -23.51 18.75 26.75
CA SER F 19 -23.53 17.38 27.31
C SER F 19 -22.27 16.49 27.06
N ALA F 20 -21.37 17.19 26.02
CA ALA F 20 -20.15 16.47 25.61
C ALA F 20 -18.90 17.04 26.28
N SER F 21 -17.98 17.58 25.48
CA SER F 21 -16.73 18.15 26.02
C SER F 21 -16.76 19.68 26.15
N GLY F 22 -17.94 20.28 26.01
CA GLY F 22 -18.12 21.73 26.18
C GLY F 22 -17.38 22.57 25.14
N PRO F 23 -17.31 23.90 25.34
CA PRO F 23 -16.68 24.73 24.30
C PRO F 23 -15.11 24.58 24.25
N LEU F 24 -14.72 25.10 22.70
CA LEU F 24 -13.31 25.36 22.41
C LEU F 24 -12.85 26.68 23.10
N GLU F 25 -11.41 26.79 23.12
CA GLU F 25 -10.83 27.95 23.77
C GLU F 25 -9.50 28.40 23.12
N GLY F 26 -8.53 28.82 23.93
CA GLY F 26 -7.26 29.35 23.43
C GLY F 26 -6.26 28.27 23.02
N VAL F 27 -5.75 28.52 21.82
CA VAL F 27 -4.71 27.67 21.28
C VAL F 27 -3.43 27.93 22.09
N ILE F 28 -2.92 26.85 22.71
CA ILE F 28 -1.76 26.99 23.64
C ILE F 28 -0.41 26.85 22.93
N ARG F 29 0.40 27.92 23.00
CA ARG F 29 1.73 27.96 22.41
C ARG F 29 2.81 27.90 23.53
N ARG F 30 4.10 27.87 23.04
CA ARG F 30 5.25 27.89 23.96
C ARG F 30 5.34 29.17 24.79
N ASP F 31 4.94 30.30 24.16
CA ASP F 31 4.95 31.61 24.82
C ASP F 31 3.72 31.82 25.70
N SER F 32 2.65 31.04 25.39
CA SER F 32 1.36 31.18 26.07
C SER F 32 1.53 31.27 27.67
N PRO F 33 0.67 32.18 28.29
CA PRO F 33 0.58 32.22 29.78
C PRO F 33 -0.11 30.96 30.33
N LYS F 34 -0.77 30.20 29.40
CA LYS F 34 -1.49 28.95 29.72
C LYS F 34 -0.54 27.76 29.84
N PHE F 35 0.56 27.86 29.02
CA PHE F 35 1.52 26.77 28.83
C PHE F 35 1.97 26.05 30.11
N LYS F 36 1.98 26.81 31.25
CA LYS F 36 2.42 26.26 32.55
C LYS F 36 1.43 25.23 33.15
N ASP F 37 0.17 25.28 32.60
CA ASP F 37 -0.89 24.44 33.15
C ASP F 37 -0.95 23.01 32.55
N LEU F 38 -0.40 22.87 31.33
CA LEU F 38 -0.32 21.56 30.65
C LEU F 38 0.64 20.61 31.40
N VAL F 39 0.07 19.61 32.05
CA VAL F 39 0.85 18.71 32.91
C VAL F 39 1.43 17.51 32.16
N PRO F 40 2.59 17.00 32.62
CA PRO F 40 3.07 15.74 32.06
C PRO F 40 2.41 14.53 32.72
N ASN F 41 2.26 13.46 31.94
CA ASN F 41 1.79 12.20 32.47
C ASN F 41 2.97 11.22 32.48
N TYR F 42 3.49 10.94 33.67
CA TYR F 42 4.56 9.95 33.84
C TYR F 42 4.04 8.61 34.35
N ASN F 43 2.76 8.33 34.12
CA ASN F 43 2.28 6.96 34.31
C ASN F 43 3.13 6.04 33.44
N ARG F 44 3.77 5.10 34.12
CA ARG F 44 4.67 4.12 33.50
C ARG F 44 3.89 3.06 32.67
N ASP F 45 2.63 2.85 33.00
CA ASP F 45 1.79 1.84 32.33
C ASP F 45 1.05 2.43 31.13
N ILE F 46 1.38 3.68 30.76
CA ILE F 46 0.89 4.23 29.51
C ILE F 46 2.06 4.41 28.58
N LEU F 47 1.94 3.87 27.37
CA LEU F 47 2.96 4.02 26.35
C LEU F 47 2.70 5.26 25.55
N PHE F 48 3.75 6.05 25.34
CA PHE F 48 3.67 7.21 24.47
C PHE F 48 4.51 7.00 23.21
N ARG F 49 3.92 7.29 22.06
CA ARG F 49 4.62 7.22 20.78
C ARG F 49 5.52 8.45 20.61
N ASP F 57 3.95 15.45 23.76
CA ASP F 57 3.39 14.10 23.75
C ASP F 57 2.97 13.64 25.15
N ARG F 58 3.80 13.91 26.15
CA ARG F 58 3.47 13.59 27.55
C ARG F 58 2.63 14.69 28.20
N LEU F 59 2.57 15.82 27.51
CA LEU F 59 1.99 17.07 27.98
C LEU F 59 0.49 17.15 27.67
N MET F 60 -0.32 17.24 28.73
CA MET F 60 -1.79 17.16 28.64
C MET F 60 -2.46 18.14 29.58
N SER F 61 -3.75 18.34 29.40
CA SER F 61 -4.56 19.11 30.34
C SER F 61 -4.83 18.27 31.61
N LYS F 62 -5.46 18.88 32.60
CA LYS F 62 -5.61 18.26 33.91
C LYS F 62 -6.60 17.11 33.91
N ARG F 63 -7.80 17.36 33.38
CA ARG F 63 -8.86 16.35 33.27
C ARG F 63 -8.48 15.20 32.32
N CYS F 64 -7.81 15.57 31.23
CA CYS F 64 -7.19 14.62 30.31
C CYS F 64 -6.39 13.54 31.07
N LYS F 65 -5.48 13.95 31.96
CA LYS F 65 -4.68 13.01 32.77
C LYS F 65 -5.53 12.11 33.66
N GLU F 66 -6.47 12.72 34.38
CA GLU F 66 -7.39 12.02 35.28
C GLU F 66 -8.01 10.83 34.57
N LYS F 67 -8.70 11.11 33.45
CA LYS F 67 -9.39 10.07 32.69
C LYS F 67 -8.42 9.15 31.95
N LEU F 68 -7.33 9.69 31.43
CA LEU F 68 -6.34 8.86 30.71
C LEU F 68 -5.73 7.82 31.63
N ASN F 69 -5.64 8.15 32.91
CA ASN F 69 -5.10 7.22 33.89
C ASN F 69 -6.10 6.12 34.24
N VAL F 70 -7.37 6.48 34.41
CA VAL F 70 -8.37 5.46 34.67
C VAL F 70 -8.47 4.49 33.48
N LEU F 71 -8.46 5.05 32.27
CA LEU F 71 -8.50 4.26 31.04
C LEU F 71 -7.27 3.36 30.90
N ALA F 72 -6.11 3.87 31.30
CA ALA F 72 -4.87 3.11 31.25
C ALA F 72 -5.01 1.83 32.06
N TYR F 73 -5.53 1.96 33.28
CA TYR F 73 -5.71 0.80 34.14
C TYR F 73 -6.96 0.03 33.79
N SER F 74 -7.86 0.66 33.06
CA SER F 74 -9.05 -0.03 32.55
C SER F 74 -8.71 -0.97 31.38
N VAL F 75 -7.78 -0.54 30.53
CA VAL F 75 -7.27 -1.35 29.43
C VAL F 75 -6.60 -2.59 29.98
N MET F 76 -5.67 -2.36 30.91
CA MET F 76 -5.02 -3.43 31.63
C MET F 76 -6.05 -4.32 32.34
N ASN F 77 -7.11 -3.70 32.86
CA ASN F 77 -8.18 -4.45 33.51
C ASN F 77 -8.92 -5.36 32.53
N GLU F 78 -9.38 -4.80 31.40
CA GLU F 78 -10.09 -5.56 30.36
C GLU F 78 -9.20 -6.65 29.75
N TRP F 79 -7.94 -6.30 29.53
CA TRP F 79 -6.96 -7.23 29.00
C TRP F 79 -5.67 -7.18 29.83
N PRO F 80 -5.52 -8.13 30.76
CA PRO F 80 -4.32 -8.20 31.62
C PRO F 80 -3.05 -8.41 30.81
N GLY F 81 -2.12 -7.47 30.93
CA GLY F 81 -0.88 -7.53 30.15
C GLY F 81 -0.82 -6.58 28.96
N ILE F 82 -1.96 -6.00 28.60
CA ILE F 82 -2.01 -5.05 27.50
C ILE F 82 -1.76 -3.62 28.05
N ARG F 83 -1.14 -2.75 27.24
CA ARG F 83 -0.99 -1.34 27.63
C ARG F 83 -1.62 -0.35 26.66
N LEU F 84 -2.09 0.77 27.20
CA LEU F 84 -2.67 1.85 26.42
C LEU F 84 -1.56 2.63 25.73
N LEU F 85 -1.82 3.06 24.51
CA LEU F 85 -0.84 3.81 23.76
C LEU F 85 -1.39 5.18 23.39
N VAL F 86 -0.71 6.22 23.80
CA VAL F 86 -1.02 7.58 23.34
C VAL F 86 -0.10 7.90 22.17
N THR F 87 -0.71 8.23 21.03
CA THR F 87 0.02 8.49 19.80
C THR F 87 0.08 9.97 19.48
N GLU F 88 -0.71 10.77 20.21
CA GLU F 88 -0.74 12.22 20.06
C GLU F 88 -1.47 12.83 21.22
N SER F 89 -0.90 13.88 21.82
CA SER F 89 -1.55 14.59 22.91
C SER F 89 -1.62 16.08 22.62
N GLU F 99 -7.93 21.49 13.59
CA GLU F 99 -8.04 22.76 14.48
C GLU F 99 -8.63 22.55 15.97
N SER F 100 -8.70 21.15 16.18
CA SER F 100 -9.31 20.68 17.45
C SER F 100 -8.50 21.01 18.73
N LEU F 101 -8.79 20.22 19.79
CA LEU F 101 -8.30 20.50 21.15
C LEU F 101 -6.87 20.02 21.44
N HIS F 102 -6.21 19.47 20.32
CA HIS F 102 -4.82 18.98 20.45
C HIS F 102 -3.82 20.08 20.78
N TYR F 103 -4.06 21.30 20.28
CA TYR F 103 -3.17 22.43 20.58
C TYR F 103 -3.50 23.07 21.94
N GLU F 104 -4.49 22.48 22.62
CA GLU F 104 -4.94 22.92 23.95
C GLU F 104 -4.67 21.85 25.01
N GLY F 105 -4.20 20.68 24.57
CA GLY F 105 -3.93 19.55 25.47
C GLY F 105 -5.16 18.78 25.96
N ARG F 106 -6.32 19.05 25.35
CA ARG F 106 -7.60 18.54 25.85
C ARG F 106 -8.16 17.37 25.03
N ALA F 107 -7.36 16.95 24.03
CA ALA F 107 -7.71 15.82 23.16
C ALA F 107 -6.57 14.80 23.07
N VAL F 108 -6.90 13.51 23.07
CA VAL F 108 -5.91 12.46 22.80
C VAL F 108 -6.25 11.54 21.62
N THR F 109 -5.21 11.08 20.95
CA THR F 109 -5.30 10.05 19.94
C THR F 109 -4.64 8.79 20.52
N ILE F 110 -5.40 7.69 20.54
CA ILE F 110 -5.00 6.49 21.28
C ILE F 110 -5.16 5.16 20.50
N ALA F 111 -4.42 4.15 20.94
CA ALA F 111 -4.56 2.78 20.45
C ALA F 111 -4.20 1.84 21.60
N THR F 112 -3.95 0.57 21.28
CA THR F 112 -3.43 -0.39 22.27
C THR F 112 -1.98 -0.71 21.92
N SER F 113 -1.26 -1.25 22.90
CA SER F 113 0.15 -1.64 22.80
C SER F 113 0.37 -2.84 21.87
N ASP F 114 -0.62 -3.72 21.78
CA ASP F 114 -0.53 -4.86 20.88
C ASP F 114 -1.10 -4.56 19.48
N ARG F 115 -1.51 -3.31 19.26
CA ARG F 115 -1.91 -2.82 17.93
C ARG F 115 -3.11 -3.55 17.33
N ASP F 116 -3.91 -4.16 18.21
CA ASP F 116 -5.06 -4.95 17.77
C ASP F 116 -6.22 -4.02 17.47
N GLN F 117 -6.26 -3.61 16.20
CA GLN F 117 -7.34 -2.79 15.65
C GLN F 117 -8.74 -3.35 15.93
N SER F 118 -8.85 -4.66 16.14
CA SER F 118 -10.13 -5.25 16.49
C SER F 118 -10.58 -4.88 17.90
N LYS F 119 -9.62 -4.48 18.75
CA LYS F 119 -9.91 -3.97 20.12
C LYS F 119 -10.36 -2.50 20.16
N TYR F 120 -10.19 -1.78 19.05
CA TYR F 120 -10.38 -0.32 19.06
C TYR F 120 -11.81 0.13 19.44
N GLY F 121 -12.82 -0.56 18.90
CA GLY F 121 -14.19 -0.34 19.27
C GLY F 121 -14.38 -0.56 20.76
N MET F 122 -13.72 -1.59 21.27
CA MET F 122 -13.76 -1.91 22.70
C MET F 122 -13.03 -0.83 23.52
N LEU F 123 -11.85 -0.43 23.03
CA LEU F 123 -11.07 0.66 23.62
C LEU F 123 -11.87 1.96 23.73
N ALA F 124 -12.57 2.31 22.64
CA ALA F 124 -13.51 3.41 22.57
C ALA F 124 -14.56 3.33 23.68
N ARG F 125 -15.20 2.17 23.82
CA ARG F 125 -16.12 1.94 24.91
C ARG F 125 -15.40 2.16 26.26
N LEU F 126 -14.19 1.61 26.40
CA LEU F 126 -13.43 1.82 27.65
C LEU F 126 -13.09 3.28 27.91
N ALA F 127 -12.84 4.06 26.86
CA ALA F 127 -12.63 5.49 27.05
C ALA F 127 -13.91 6.19 27.56
N VAL F 128 -15.08 5.77 27.06
CA VAL F 128 -16.36 6.28 27.60
C VAL F 128 -16.51 5.90 29.08
N GLU F 129 -16.35 4.61 29.37
CA GLU F 129 -16.43 4.09 30.73
C GLU F 129 -15.48 4.83 31.67
N ALA F 130 -14.25 5.00 31.20
CA ALA F 130 -13.22 5.74 31.93
C ALA F 130 -13.58 7.22 32.09
N GLY F 131 -14.68 7.64 31.47
CA GLY F 131 -15.28 8.93 31.78
C GLY F 131 -14.79 10.12 30.98
N PHE F 132 -14.31 9.84 29.76
CA PHE F 132 -14.02 10.91 28.80
C PHE F 132 -15.34 11.53 28.36
N ASP F 133 -15.34 12.86 28.19
CA ASP F 133 -16.60 13.58 27.91
C ASP F 133 -17.12 13.38 26.47
N TRP F 134 -16.24 12.96 25.56
CA TRP F 134 -16.58 12.76 24.15
C TRP F 134 -15.53 11.88 23.48
N VAL F 135 -15.98 10.74 22.95
CA VAL F 135 -15.10 9.74 22.31
C VAL F 135 -15.55 9.61 20.87
N SER F 136 -14.60 9.45 19.96
CA SER F 136 -14.93 9.42 18.55
C SER F 136 -14.11 8.36 17.86
N TYR F 137 -14.77 7.41 17.20
CA TYR F 137 -14.05 6.34 16.51
C TYR F 137 -13.67 6.82 15.12
N VAL F 138 -12.64 7.66 15.07
CA VAL F 138 -12.34 8.45 13.87
C VAL F 138 -11.73 7.62 12.75
N SER F 139 -11.00 6.57 13.09
CA SER F 139 -10.38 5.74 12.05
C SER F 139 -10.10 4.33 12.57
N ARG F 140 -9.77 3.44 11.65
CA ARG F 140 -9.35 2.09 12.02
C ARG F 140 -7.98 2.14 12.70
N ARG F 141 -7.22 3.19 12.41
CA ARG F 141 -5.87 3.37 13.00
C ARG F 141 -5.87 3.70 14.49
N HIS F 142 -6.84 4.52 14.94
CA HIS F 142 -6.83 5.11 16.29
C HIS F 142 -8.18 5.71 16.76
N ILE F 143 -8.32 5.88 18.07
CA ILE F 143 -9.49 6.51 18.67
C ILE F 143 -9.16 7.92 19.16
N TYR F 144 -10.10 8.83 18.96
CA TYR F 144 -9.97 10.17 19.45
C TYR F 144 -10.82 10.30 20.71
N CYS F 145 -10.24 10.88 21.75
CA CYS F 145 -10.97 11.22 22.98
C CYS F 145 -10.72 12.67 23.39
N SER F 146 -11.67 13.24 24.14
CA SER F 146 -11.54 14.61 24.64
C SER F 146 -12.32 14.79 25.94
N VAL F 147 -11.99 15.88 26.63
CA VAL F 147 -12.64 16.25 27.88
C VAL F 147 -13.11 17.71 27.79
N LYS F 148 -14.03 18.08 28.69
CA LYS F 148 -14.42 19.49 28.82
C LYS F 148 -13.38 20.28 29.59
N LEU G 1 -16.47 -11.46 -28.89
CA LEU G 1 -15.56 -12.41 -28.17
C LEU G 1 -15.68 -12.30 -26.64
N TYR G 2 -15.51 -13.43 -25.96
CA TYR G 2 -15.47 -13.46 -24.49
C TYR G 2 -14.06 -13.27 -23.97
N PRO G 3 -13.86 -12.31 -23.04
CA PRO G 3 -12.55 -12.05 -22.49
C PRO G 3 -12.11 -13.17 -21.54
N LEU G 4 -10.82 -13.32 -21.30
CA LEU G 4 -10.41 -14.20 -20.22
C LEU G 4 -10.76 -13.54 -18.89
N VAL G 5 -10.82 -14.38 -17.87
CA VAL G 5 -11.05 -13.96 -16.49
C VAL G 5 -9.73 -14.18 -15.70
N LEU G 6 -9.58 -13.54 -14.55
CA LEU G 6 -8.36 -13.72 -13.72
C LEU G 6 -8.04 -15.18 -13.40
N LYS G 7 -6.77 -15.54 -13.57
CA LYS G 7 -6.25 -16.91 -13.30
C LYS G 7 -6.62 -17.94 -14.36
N GLN G 8 -7.36 -17.48 -15.37
CA GLN G 8 -7.74 -18.35 -16.44
C GLN G 8 -6.58 -18.50 -17.43
N THR G 9 -6.41 -19.72 -17.95
CA THR G 9 -5.36 -20.00 -18.94
C THR G 9 -5.92 -20.70 -20.16
N ILE G 10 -5.42 -20.30 -21.34
CA ILE G 10 -5.81 -20.91 -22.60
C ILE G 10 -4.53 -21.25 -23.37
N PRO G 11 -4.35 -22.54 -23.73
CA PRO G 11 -5.35 -23.58 -23.47
C PRO G 11 -5.51 -23.89 -21.97
N ASN G 12 -6.65 -24.50 -21.62
CA ASN G 12 -6.87 -25.01 -20.28
C ASN G 12 -6.03 -26.25 -19.96
N LEU G 13 -4.72 -26.14 -20.20
CA LEU G 13 -3.75 -27.19 -19.89
C LEU G 13 -2.50 -26.53 -19.32
N SER G 14 -1.58 -27.33 -18.80
CA SER G 14 -0.30 -26.81 -18.31
C SER G 14 0.57 -26.24 -19.42
N GLU G 15 1.41 -25.29 -19.05
CA GLU G 15 2.19 -24.52 -20.03
C GLU G 15 3.10 -25.38 -20.91
N TYR G 16 3.75 -26.37 -20.30
CA TYR G 16 4.80 -27.13 -20.97
C TYR G 16 4.31 -28.34 -21.75
N THR G 17 2.99 -28.47 -21.90
CA THR G 17 2.43 -29.55 -22.72
C THR G 17 2.61 -29.26 -24.20
N ASN G 18 2.57 -30.30 -25.03
CA ASN G 18 2.81 -30.19 -26.47
C ASN G 18 1.89 -29.21 -27.20
N SER G 19 0.61 -29.23 -26.86
CA SER G 19 -0.40 -28.38 -27.50
C SER G 19 -0.50 -26.99 -26.84
N ALA G 20 0.26 -26.78 -25.77
CA ALA G 20 0.51 -25.45 -25.23
C ALA G 20 1.78 -24.90 -25.88
N SER G 21 2.84 -24.77 -25.08
CA SER G 21 4.14 -24.29 -25.58
C SER G 21 5.19 -25.39 -25.81
N GLY G 22 5.17 -26.43 -24.98
CA GLY G 22 6.20 -27.47 -25.02
C GLY G 22 7.19 -27.33 -23.88
N PRO G 23 8.05 -28.33 -23.69
CA PRO G 23 9.01 -28.34 -22.57
C PRO G 23 10.06 -27.23 -22.66
N LEU G 24 10.72 -26.96 -21.54
CA LEU G 24 11.85 -26.02 -21.45
C LEU G 24 13.07 -26.55 -22.21
N GLU G 25 13.73 -25.69 -23.00
CA GLU G 25 14.87 -26.12 -23.81
C GLU G 25 16.21 -25.86 -23.14
N GLY G 26 16.54 -24.58 -22.95
CA GLY G 26 17.82 -24.17 -22.38
C GLY G 26 17.87 -22.70 -22.01
N VAL G 27 18.54 -22.41 -20.91
CA VAL G 27 18.74 -21.05 -20.45
C VAL G 27 19.87 -20.36 -21.25
N PHE G 35 21.62 -18.54 -28.51
CA PHE G 35 21.62 -17.08 -28.35
C PHE G 35 21.52 -16.34 -29.69
N LYS G 36 22.19 -16.88 -30.72
CA LYS G 36 22.12 -16.34 -32.08
C LYS G 36 20.73 -16.54 -32.69
N ASP G 37 19.98 -17.48 -32.11
CA ASP G 37 18.63 -17.84 -32.55
C ASP G 37 17.61 -16.73 -32.28
N LEU G 38 17.80 -16.02 -31.17
CA LEU G 38 16.94 -14.89 -30.79
C LEU G 38 17.08 -13.73 -31.78
N VAL G 39 16.15 -12.78 -31.71
CA VAL G 39 16.10 -11.67 -32.65
C VAL G 39 15.47 -10.43 -32.00
N PRO G 40 16.00 -9.22 -32.30
CA PRO G 40 15.38 -8.02 -31.73
C PRO G 40 14.04 -7.69 -32.40
N ASN G 41 13.05 -7.31 -31.61
CA ASN G 41 11.80 -6.86 -32.19
C ASN G 41 11.76 -5.35 -32.28
N TYR G 42 11.77 -4.85 -33.52
CA TYR G 42 11.76 -3.42 -33.78
C TYR G 42 10.40 -2.89 -34.25
N ASN G 43 9.35 -3.68 -34.12
CA ASN G 43 8.00 -3.20 -34.41
C ASN G 43 7.72 -1.93 -33.60
N ARG G 44 7.40 -0.88 -34.35
CA ARG G 44 7.13 0.44 -33.81
C ARG G 44 5.73 0.49 -33.17
N ASP G 45 4.91 -0.50 -33.51
CA ASP G 45 3.58 -0.64 -32.98
C ASP G 45 3.59 -1.16 -31.53
N ILE G 46 4.76 -1.65 -31.09
CA ILE G 46 4.92 -2.17 -29.74
C ILE G 46 5.79 -1.25 -28.88
N LEU G 47 5.34 -1.03 -27.65
CA LEU G 47 6.11 -0.32 -26.63
C LEU G 47 6.80 -1.33 -25.69
N PHE G 48 8.02 -0.99 -25.26
CA PHE G 48 8.77 -1.83 -24.34
C PHE G 48 9.18 -0.99 -23.15
N ARG G 49 8.77 -1.39 -21.94
CA ARG G 49 9.00 -0.59 -20.72
C ARG G 49 10.44 -0.67 -20.24
N ARG G 58 13.05 -6.35 -25.55
CA ARG G 58 13.89 -6.13 -26.73
C ARG G 58 14.08 -7.40 -27.56
N LEU G 59 14.63 -8.44 -26.93
CA LEU G 59 15.04 -9.67 -27.61
C LEU G 59 14.09 -10.83 -27.28
N MET G 60 13.90 -11.72 -28.25
CA MET G 60 12.92 -12.82 -28.16
C MET G 60 13.14 -13.87 -29.25
N SER G 61 12.44 -15.00 -29.15
CA SER G 61 12.44 -15.99 -30.23
C SER G 61 11.67 -15.45 -31.43
N LYS G 62 11.89 -16.04 -32.60
CA LYS G 62 11.23 -15.64 -33.85
C LYS G 62 9.71 -15.85 -33.79
N ARG G 63 9.29 -16.97 -33.21
CA ARG G 63 7.88 -17.26 -33.07
C ARG G 63 7.25 -16.20 -32.18
N CYS G 64 7.91 -15.94 -31.06
CA CYS G 64 7.49 -14.94 -30.08
C CYS G 64 7.21 -13.61 -30.75
N LYS G 65 8.17 -13.14 -31.56
CA LYS G 65 8.05 -11.93 -32.37
C LYS G 65 6.87 -11.98 -33.33
N GLU G 66 6.78 -13.05 -34.14
CA GLU G 66 5.68 -13.18 -35.11
C GLU G 66 4.35 -12.97 -34.46
N LYS G 67 4.07 -13.79 -33.44
CA LYS G 67 2.80 -13.75 -32.75
C LYS G 67 2.61 -12.49 -31.90
N LEU G 68 3.72 -11.88 -31.48
CA LEU G 68 3.68 -10.60 -30.80
C LEU G 68 3.34 -9.51 -31.80
N ASN G 69 3.85 -9.66 -33.03
CA ASN G 69 3.55 -8.68 -34.07
C ASN G 69 2.09 -8.72 -34.51
N VAL G 70 1.51 -9.91 -34.54
CA VAL G 70 0.07 -10.06 -34.82
C VAL G 70 -0.76 -9.43 -33.68
N LEU G 71 -0.37 -9.69 -32.44
CA LEU G 71 -1.07 -9.14 -31.28
C LEU G 71 -1.03 -7.61 -31.30
N ALA G 72 0.13 -7.05 -31.65
CA ALA G 72 0.36 -5.60 -31.61
C ALA G 72 -0.58 -4.85 -32.53
N TYR G 73 -0.76 -5.39 -33.73
CA TYR G 73 -1.65 -4.80 -34.71
C TYR G 73 -3.11 -4.85 -34.24
N SER G 74 -3.53 -6.00 -33.71
CA SER G 74 -4.93 -6.14 -33.32
C SER G 74 -5.29 -5.28 -32.11
N VAL G 75 -4.32 -5.04 -31.21
CA VAL G 75 -4.52 -4.14 -30.07
C VAL G 75 -4.85 -2.71 -30.54
N MET G 76 -4.10 -2.21 -31.52
CA MET G 76 -4.29 -0.82 -31.98
C MET G 76 -5.53 -0.62 -32.84
N ASN G 77 -6.10 -1.71 -33.35
CA ASN G 77 -7.31 -1.63 -34.15
C ASN G 77 -8.54 -1.90 -33.29
N GLU G 78 -8.34 -2.68 -32.22
CA GLU G 78 -9.38 -2.91 -31.22
C GLU G 78 -9.63 -1.62 -30.45
N TRP G 79 -8.56 -1.02 -29.95
CA TRP G 79 -8.63 0.24 -29.24
C TRP G 79 -7.73 1.26 -29.93
N PRO G 80 -8.33 2.10 -30.80
CA PRO G 80 -7.59 3.17 -31.47
C PRO G 80 -6.85 4.04 -30.45
N GLY G 81 -5.58 4.34 -30.73
CA GLY G 81 -4.76 5.15 -29.82
C GLY G 81 -4.15 4.41 -28.63
N ILE G 82 -4.33 3.09 -28.59
CA ILE G 82 -3.68 2.21 -27.61
C ILE G 82 -2.64 1.30 -28.31
N ARG G 83 -1.54 1.04 -27.62
CA ARG G 83 -0.48 0.15 -28.12
C ARG G 83 -0.17 -0.96 -27.14
N LEU G 84 0.15 -2.13 -27.67
CA LEU G 84 0.69 -3.23 -26.90
C LEU G 84 1.94 -2.78 -26.12
N LEU G 85 2.03 -3.18 -24.87
CA LEU G 85 3.19 -2.85 -24.02
C LEU G 85 3.81 -4.14 -23.44
N VAL G 86 5.04 -4.42 -23.82
CA VAL G 86 5.74 -5.58 -23.27
C VAL G 86 6.46 -5.11 -22.01
N THR G 87 6.17 -5.76 -20.89
CA THR G 87 6.84 -5.41 -19.64
C THR G 87 8.06 -6.32 -19.39
N GLU G 88 8.14 -7.41 -20.16
CA GLU G 88 9.28 -8.32 -20.11
C GLU G 88 9.27 -9.37 -21.22
N SER G 89 10.45 -9.71 -21.74
CA SER G 89 10.62 -10.89 -22.59
C SER G 89 11.84 -11.73 -22.10
N TRP G 90 12.93 -11.73 -22.85
CA TRP G 90 14.12 -12.49 -22.46
C TRP G 90 14.77 -12.03 -21.13
N ASP G 91 15.01 -12.99 -20.24
CA ASP G 91 15.67 -12.76 -18.94
C ASP G 91 16.95 -13.62 -18.76
N GLU G 92 18.06 -12.98 -18.41
CA GLU G 92 19.27 -13.72 -18.02
C GLU G 92 19.70 -13.40 -16.58
N ASP G 93 18.94 -12.50 -15.94
CA ASP G 93 19.20 -12.08 -14.56
C ASP G 93 18.44 -12.94 -13.53
N TYR G 94 17.94 -14.09 -13.99
CA TYR G 94 17.19 -15.06 -13.17
C TYR G 94 16.16 -14.43 -12.23
N HIS G 95 15.28 -13.61 -12.80
CA HIS G 95 14.24 -12.95 -12.01
C HIS G 95 12.93 -13.73 -12.07
N HIS G 96 13.03 -15.02 -12.40
CA HIS G 96 11.87 -15.88 -12.60
C HIS G 96 12.06 -17.31 -12.10
N GLY G 97 12.74 -17.45 -10.96
CA GLY G 97 12.92 -18.74 -10.30
C GLY G 97 13.86 -19.68 -11.03
N GLN G 98 13.80 -20.96 -10.69
CA GLN G 98 14.67 -21.96 -11.28
C GLN G 98 14.41 -22.23 -12.78
N GLU G 99 13.16 -22.43 -13.17
CA GLU G 99 12.80 -22.67 -14.57
C GLU G 99 12.12 -21.43 -15.11
N SER G 100 12.25 -21.17 -16.41
CA SER G 100 11.46 -20.13 -17.08
C SER G 100 11.63 -20.09 -18.60
N LEU G 101 10.52 -19.84 -19.30
CA LEU G 101 10.57 -19.66 -20.75
C LEU G 101 11.05 -18.25 -21.10
N HIS G 102 11.04 -17.37 -20.11
CA HIS G 102 11.68 -16.05 -20.23
C HIS G 102 13.17 -16.18 -20.57
N TYR G 103 13.81 -17.21 -20.02
CA TYR G 103 15.26 -17.45 -20.20
C TYR G 103 15.57 -17.92 -21.62
N GLU G 104 14.51 -18.07 -22.40
CA GLU G 104 14.59 -18.64 -23.73
C GLU G 104 14.02 -17.68 -24.77
N GLY G 105 13.50 -16.54 -24.31
CA GLY G 105 12.78 -15.61 -25.18
C GLY G 105 11.51 -16.23 -25.73
N ARG G 106 10.92 -17.12 -24.94
CA ARG G 106 9.71 -17.85 -25.31
C ARG G 106 8.52 -17.41 -24.47
N ALA G 107 8.76 -16.52 -23.51
CA ALA G 107 7.72 -15.96 -22.63
C ALA G 107 7.73 -14.44 -22.63
N VAL G 108 6.55 -13.86 -22.44
CA VAL G 108 6.37 -12.42 -22.40
C VAL G 108 5.30 -12.02 -21.39
N THR G 109 5.54 -10.91 -20.69
CA THR G 109 4.49 -10.30 -19.91
C THR G 109 4.04 -9.03 -20.63
N ILE G 110 2.74 -8.92 -20.85
CA ILE G 110 2.17 -7.80 -21.61
C ILE G 110 1.09 -7.04 -20.86
N ALA G 111 0.93 -5.78 -21.25
CA ALA G 111 -0.16 -4.94 -20.82
C ALA G 111 -0.54 -4.01 -21.98
N THR G 112 -1.31 -2.97 -21.68
CA THR G 112 -1.63 -1.95 -22.67
C THR G 112 -0.90 -0.67 -22.32
N SER G 113 -0.69 0.17 -23.31
CA SER G 113 0.03 1.42 -23.14
C SER G 113 -0.64 2.36 -22.13
N ASP G 114 -1.96 2.28 -21.99
CA ASP G 114 -2.69 3.12 -21.06
C ASP G 114 -2.83 2.50 -19.68
N ARG G 115 -2.21 1.33 -19.48
CA ARG G 115 -2.25 0.60 -18.23
C ARG G 115 -3.67 0.46 -17.68
N ASP G 116 -4.63 0.35 -18.58
CA ASP G 116 -6.03 0.18 -18.17
C ASP G 116 -6.26 -1.32 -17.95
N GLN G 117 -6.20 -1.73 -16.68
CA GLN G 117 -6.29 -3.15 -16.27
C GLN G 117 -7.59 -3.84 -16.68
N SER G 118 -8.66 -3.08 -16.82
CA SER G 118 -9.95 -3.61 -17.22
C SER G 118 -9.96 -4.10 -18.68
N LYS G 119 -8.91 -3.77 -19.43
CA LYS G 119 -8.79 -4.21 -20.81
C LYS G 119 -8.17 -5.59 -20.91
N TYR G 120 -7.59 -6.06 -19.81
CA TYR G 120 -6.68 -7.22 -19.84
C TYR G 120 -7.31 -8.58 -20.19
N GLY G 121 -8.56 -8.78 -19.80
CA GLY G 121 -9.33 -9.91 -20.26
C GLY G 121 -9.40 -9.97 -21.78
N MET G 122 -9.71 -8.83 -22.41
CA MET G 122 -9.79 -8.72 -23.87
C MET G 122 -8.38 -8.93 -24.39
N LEU G 123 -7.45 -8.17 -23.83
CA LEU G 123 -6.06 -8.27 -24.24
C LEU G 123 -5.66 -9.75 -24.29
N ALA G 124 -6.02 -10.51 -23.24
CA ALA G 124 -5.69 -11.96 -23.16
C ALA G 124 -6.34 -12.78 -24.30
N ARG G 125 -7.61 -12.49 -24.57
CA ARG G 125 -8.31 -13.09 -25.70
C ARG G 125 -7.61 -12.76 -27.03
N LEU G 126 -7.16 -11.50 -27.20
CA LEU G 126 -6.47 -11.12 -28.42
C LEU G 126 -5.17 -11.89 -28.59
N ALA G 127 -4.49 -12.19 -27.49
CA ALA G 127 -3.22 -12.93 -27.54
C ALA G 127 -3.44 -14.39 -27.94
N VAL G 128 -4.65 -14.88 -27.68
CA VAL G 128 -5.05 -16.20 -28.12
C VAL G 128 -5.33 -16.17 -29.63
N GLU G 129 -6.11 -15.19 -30.10
CA GLU G 129 -6.33 -15.03 -31.55
C GLU G 129 -4.99 -14.74 -32.25
N ALA G 130 -4.13 -13.94 -31.63
CA ALA G 130 -2.80 -13.66 -32.18
C ALA G 130 -1.99 -14.93 -32.43
N GLY G 131 -2.31 -15.98 -31.67
CA GLY G 131 -1.77 -17.28 -31.93
C GLY G 131 -0.71 -17.69 -30.92
N PHE G 132 -0.68 -17.03 -29.75
CA PHE G 132 0.23 -17.44 -28.68
C PHE G 132 -0.16 -18.82 -28.21
N ASP G 133 0.84 -19.61 -27.87
CA ASP G 133 0.67 -21.04 -27.62
C ASP G 133 0.12 -21.38 -26.23
N TRP G 134 0.30 -20.45 -25.30
CA TRP G 134 -0.26 -20.57 -23.96
C TRP G 134 -0.38 -19.14 -23.43
N VAL G 135 -1.59 -18.75 -23.04
CA VAL G 135 -1.89 -17.40 -22.50
C VAL G 135 -2.53 -17.57 -21.13
N SER G 136 -1.94 -16.92 -20.12
CA SER G 136 -2.45 -17.05 -18.77
C SER G 136 -2.71 -15.68 -18.15
N TYR G 137 -3.92 -15.48 -17.65
CA TYR G 137 -4.29 -14.20 -17.01
C TYR G 137 -3.78 -14.26 -15.56
N VAL G 138 -2.46 -14.23 -15.42
CA VAL G 138 -1.81 -14.56 -14.15
C VAL G 138 -2.02 -13.52 -13.06
N SER G 139 -2.31 -12.29 -13.45
CA SER G 139 -2.47 -11.24 -12.46
C SER G 139 -3.18 -10.02 -13.01
N ARG G 140 -3.66 -9.15 -12.12
CA ARG G 140 -4.39 -7.97 -12.55
C ARG G 140 -3.52 -7.00 -13.35
N ARG G 141 -2.22 -7.01 -13.10
CA ARG G 141 -1.33 -5.98 -13.65
C ARG G 141 -0.73 -6.35 -15.00
N HIS G 142 -0.82 -7.62 -15.40
CA HIS G 142 -0.28 -8.07 -16.69
C HIS G 142 -0.74 -9.48 -17.13
N ILE G 143 -0.60 -9.75 -18.42
CA ILE G 143 -0.85 -11.08 -18.95
C ILE G 143 0.46 -11.78 -19.33
N TYR G 144 0.51 -13.09 -19.07
CA TYR G 144 1.66 -13.89 -19.46
C TYR G 144 1.33 -14.72 -20.70
N CYS G 145 2.19 -14.63 -21.72
CA CYS G 145 2.06 -15.41 -22.96
C CYS G 145 3.39 -16.08 -23.31
N SER G 146 3.32 -17.36 -23.66
CA SER G 146 4.47 -18.08 -24.17
C SER G 146 4.16 -18.69 -25.53
N VAL G 147 5.22 -19.00 -26.29
CA VAL G 147 5.09 -19.62 -27.59
C VAL G 147 5.85 -20.93 -27.60
N LYS G 148 5.54 -21.78 -28.58
CA LYS G 148 6.23 -23.05 -28.77
C LYS G 148 7.68 -22.81 -29.14
N SER G 149 8.55 -23.73 -28.72
CA SER G 149 9.94 -23.72 -29.16
C SER G 149 10.02 -23.75 -30.70
N TYR H 2 24.61 -6.29 18.19
CA TYR H 2 23.81 -7.08 19.19
C TYR H 2 22.52 -7.62 18.55
N PRO H 3 21.63 -6.74 18.01
CA PRO H 3 20.46 -7.24 17.27
C PRO H 3 20.90 -7.78 15.91
N LEU H 4 20.10 -8.65 15.31
CA LEU H 4 20.43 -9.14 13.95
C LEU H 4 19.99 -8.09 12.94
N VAL H 5 20.58 -8.12 11.74
CA VAL H 5 20.13 -7.26 10.65
C VAL H 5 19.39 -8.13 9.62
N LEU H 6 18.65 -7.49 8.72
CA LEU H 6 17.91 -8.21 7.69
C LEU H 6 18.76 -9.18 6.87
N LYS H 7 18.24 -10.41 6.81
CA LYS H 7 18.82 -11.48 6.04
C LYS H 7 19.93 -12.21 6.79
N GLN H 8 20.35 -11.69 7.94
CA GLN H 8 21.37 -12.35 8.73
C GLN H 8 20.79 -13.62 9.35
N THR H 9 21.62 -14.66 9.44
CA THR H 9 21.26 -15.89 10.13
C THR H 9 22.33 -16.27 11.18
N ILE H 10 21.87 -16.77 12.33
CA ILE H 10 22.74 -17.36 13.34
C ILE H 10 22.18 -18.74 13.71
N PRO H 11 22.99 -19.81 13.52
CA PRO H 11 24.39 -19.68 13.08
C PRO H 11 24.53 -19.22 11.64
N ASN H 12 25.69 -18.63 11.33
CA ASN H 12 26.04 -18.19 9.99
C ASN H 12 26.37 -19.39 9.10
N LEU H 13 25.39 -20.26 8.92
CA LEU H 13 25.45 -21.49 8.11
C LEU H 13 24.03 -21.77 7.62
N SER H 14 23.88 -22.57 6.56
CA SER H 14 22.52 -22.88 6.08
C SER H 14 21.77 -23.85 7.00
N GLU H 15 20.50 -23.55 7.22
CA GLU H 15 19.59 -24.29 8.12
C GLU H 15 19.86 -25.79 8.33
N TYR H 16 19.94 -26.53 7.23
CA TYR H 16 19.96 -27.99 7.29
C TYR H 16 21.33 -28.59 7.63
N THR H 17 22.36 -27.76 7.77
CA THR H 17 23.65 -28.24 8.27
C THR H 17 23.53 -28.64 9.74
N ASN H 18 24.27 -29.66 10.13
CA ASN H 18 24.01 -30.37 11.38
C ASN H 18 24.25 -29.57 12.66
N SER H 19 25.18 -28.61 12.59
CA SER H 19 25.46 -27.69 13.69
C SER H 19 24.41 -26.58 13.83
N ALA H 20 23.66 -26.36 12.75
CA ALA H 20 22.48 -25.51 12.77
C ALA H 20 21.29 -26.32 13.32
N SER H 21 20.29 -26.61 12.47
CA SER H 21 19.15 -27.44 12.90
C SER H 21 19.25 -28.91 12.44
N GLY H 22 19.83 -29.14 11.27
CA GLY H 22 19.92 -30.50 10.72
C GLY H 22 18.93 -30.72 9.59
N PRO H 23 18.94 -31.93 8.99
CA PRO H 23 18.17 -32.20 7.77
C PRO H 23 16.68 -32.48 8.01
N LEU H 24 15.88 -32.28 6.97
CA LEU H 24 14.45 -32.58 6.97
C LEU H 24 14.23 -34.06 7.24
N GLU H 25 13.17 -34.38 7.96
CA GLU H 25 12.92 -35.76 8.36
C GLU H 25 11.49 -36.22 8.06
N GLY H 26 10.93 -35.72 6.96
CA GLY H 26 9.61 -36.14 6.50
C GLY H 26 8.43 -35.39 7.12
N VAL H 27 7.43 -35.12 6.28
CA VAL H 27 6.21 -34.38 6.65
C VAL H 27 5.43 -35.10 7.76
N ILE H 28 4.82 -34.32 8.65
CA ILE H 28 3.95 -34.88 9.68
C ILE H 28 2.50 -34.46 9.44
N ARG H 29 1.67 -35.43 9.07
CA ARG H 29 0.24 -35.19 8.86
C ARG H 29 -0.56 -35.94 9.91
N ARG H 30 -1.88 -35.76 9.88
CA ARG H 30 -2.79 -36.35 10.85
C ARG H 30 -2.97 -37.87 10.72
N ASP H 31 -2.89 -38.40 9.49
CA ASP H 31 -2.96 -39.85 9.28
C ASP H 31 -1.66 -40.52 9.70
N SER H 32 -0.56 -39.76 9.66
CA SER H 32 0.79 -40.27 9.93
C SER H 32 1.00 -40.64 11.39
N PRO H 33 1.70 -41.78 11.64
CA PRO H 33 1.98 -42.19 13.02
C PRO H 33 2.83 -41.17 13.77
N LYS H 34 3.60 -40.37 13.02
CA LYS H 34 4.45 -39.32 13.59
C LYS H 34 3.68 -38.20 14.29
N PHE H 35 2.37 -38.13 14.07
CA PHE H 35 1.52 -37.04 14.60
C PHE H 35 1.42 -36.98 16.14
N LYS H 36 1.44 -38.15 16.76
CA LYS H 36 1.41 -38.27 18.21
C LYS H 36 2.67 -37.69 18.86
N ASP H 37 3.73 -37.59 18.08
CA ASP H 37 5.01 -37.08 18.53
C ASP H 37 5.01 -35.54 18.60
N LEU H 38 4.04 -34.92 17.94
CA LEU H 38 3.80 -33.47 18.09
C LEU H 38 3.12 -33.18 19.42
N VAL H 39 3.44 -32.01 19.99
CA VAL H 39 2.91 -31.61 21.29
C VAL H 39 2.19 -30.26 21.21
N PRO H 40 1.10 -30.10 21.98
CA PRO H 40 0.51 -28.77 22.04
C PRO H 40 1.34 -27.87 22.96
N ASN H 41 1.63 -26.65 22.50
CA ASN H 41 2.19 -25.66 23.39
C ASN H 41 1.07 -24.77 23.90
N TYR H 42 0.66 -25.03 25.14
CA TYR H 42 -0.45 -24.30 25.75
C TYR H 42 0.00 -23.09 26.56
N ASN H 43 1.29 -22.74 26.46
CA ASN H 43 1.79 -21.55 27.14
C ASN H 43 0.98 -20.30 26.75
N ARG H 44 0.27 -19.76 27.73
CA ARG H 44 -0.66 -18.66 27.50
C ARG H 44 0.02 -17.29 27.46
N ASP H 45 1.31 -17.26 27.78
CA ASP H 45 2.12 -16.04 27.66
C ASP H 45 2.67 -15.88 26.26
N ILE H 46 2.42 -16.87 25.40
CA ILE H 46 2.72 -16.76 23.99
C ILE H 46 1.41 -16.65 23.23
N LEU H 47 1.40 -15.82 22.18
CA LEU H 47 0.22 -15.68 21.32
C LEU H 47 0.41 -16.50 20.05
N PHE H 48 -0.69 -16.99 19.48
CA PHE H 48 -0.63 -17.73 18.23
C PHE H 48 -1.48 -17.13 17.10
N ARG H 58 -0.80 -24.18 17.68
CA ARG H 58 -0.20 -24.56 18.96
C ARG H 58 0.55 -25.91 18.94
N LEU H 59 0.24 -26.75 17.94
CA LEU H 59 0.99 -27.98 17.69
C LEU H 59 2.41 -27.71 17.16
N MET H 60 3.40 -28.34 17.78
CA MET H 60 4.84 -28.17 17.46
C MET H 60 5.64 -29.27 18.14
N SER H 61 6.92 -29.39 17.78
CA SER H 61 7.78 -30.38 18.40
C SER H 61 8.17 -30.00 19.83
N LYS H 62 8.58 -31.01 20.60
CA LYS H 62 9.04 -30.86 21.98
C LYS H 62 10.17 -29.83 22.06
N ARG H 63 11.21 -30.00 21.24
CA ARG H 63 12.37 -29.12 21.31
C ARG H 63 11.99 -27.67 21.00
N CYS H 64 11.09 -27.53 20.04
CA CYS H 64 10.60 -26.25 19.58
C CYS H 64 9.73 -25.59 20.67
N LYS H 65 8.92 -26.40 21.35
CA LYS H 65 8.16 -25.94 22.51
C LYS H 65 9.08 -25.51 23.66
N GLU H 66 10.12 -26.28 23.90
CA GLU H 66 11.06 -26.00 24.97
C GLU H 66 11.66 -24.62 24.75
N LYS H 67 12.24 -24.43 23.58
CA LYS H 67 12.96 -23.19 23.26
C LYS H 67 12.01 -22.00 23.18
N LEU H 68 10.85 -22.20 22.57
CA LEU H 68 9.83 -21.16 22.51
C LEU H 68 9.45 -20.68 23.91
N ASN H 69 9.36 -21.60 24.87
CA ASN H 69 9.05 -21.21 26.26
C ASN H 69 10.13 -20.38 26.99
N VAL H 70 11.39 -20.53 26.58
CA VAL H 70 12.45 -19.69 27.12
C VAL H 70 12.36 -18.27 26.54
N LEU H 71 12.10 -18.20 25.24
CA LEU H 71 11.98 -16.93 24.53
C LEU H 71 10.80 -16.10 25.05
N ALA H 72 9.72 -16.79 25.46
CA ALA H 72 8.48 -16.15 25.86
C ALA H 72 8.72 -15.09 26.92
N TYR H 73 9.62 -15.40 27.85
CA TYR H 73 9.85 -14.54 29.00
C TYR H 73 10.94 -13.51 28.77
N SER H 74 11.87 -13.81 27.87
CA SER H 74 12.86 -12.80 27.50
C SER H 74 12.16 -11.63 26.78
N VAL H 75 11.16 -11.95 25.98
CA VAL H 75 10.40 -10.94 25.23
C VAL H 75 9.62 -9.96 26.11
N MET H 76 8.89 -10.48 27.10
CA MET H 76 8.03 -9.67 27.96
C MET H 76 8.87 -8.70 28.79
N ASN H 77 10.03 -9.17 29.23
CA ASN H 77 11.00 -8.30 29.89
C ASN H 77 11.47 -7.16 28.97
N GLU H 78 11.73 -7.45 27.70
CA GLU H 78 12.21 -6.43 26.75
C GLU H 78 11.17 -5.35 26.44
N TRP H 79 9.97 -5.76 26.03
CA TRP H 79 8.90 -4.80 25.72
C TRP H 79 7.60 -5.08 26.47
N PRO H 80 7.37 -4.37 27.58
CA PRO H 80 6.10 -4.38 28.30
C PRO H 80 4.89 -4.02 27.42
N GLY H 81 3.77 -4.73 27.63
CA GLY H 81 2.56 -4.59 26.81
C GLY H 81 2.50 -5.56 25.64
N ILE H 82 3.65 -6.15 25.32
CA ILE H 82 3.83 -6.98 24.13
C ILE H 82 4.22 -8.41 24.51
N ARG H 83 3.70 -9.35 23.74
CA ARG H 83 4.03 -10.76 23.91
C ARG H 83 4.75 -11.29 22.69
N LEU H 84 5.44 -12.43 22.86
CA LEU H 84 5.94 -13.21 21.73
C LEU H 84 4.73 -13.68 20.93
N LEU H 85 4.76 -13.46 19.62
CA LEU H 85 3.69 -13.90 18.75
C LEU H 85 4.23 -15.00 17.86
N VAL H 86 3.47 -16.10 17.75
CA VAL H 86 3.75 -17.11 16.75
C VAL H 86 2.77 -16.92 15.58
N THR H 87 3.33 -16.64 14.41
CA THR H 87 2.51 -16.43 13.22
C THR H 87 2.32 -17.75 12.48
N GLU H 88 3.15 -18.74 12.84
CA GLU H 88 3.13 -20.03 12.15
C GLU H 88 4.05 -21.02 12.87
N SER H 89 3.55 -22.24 13.08
CA SER H 89 4.35 -23.38 13.51
C SER H 89 4.07 -24.53 12.56
N TRP H 90 3.35 -25.56 13.02
CA TRP H 90 2.99 -26.73 12.21
C TRP H 90 1.97 -26.41 11.14
N ASP H 91 2.32 -26.77 9.91
CA ASP H 91 1.48 -26.55 8.74
C ASP H 91 1.15 -27.88 8.08
N GLU H 92 -0.15 -28.12 7.88
CA GLU H 92 -0.59 -29.27 7.08
C GLU H 92 -1.08 -28.84 5.70
N ASP H 93 -1.21 -27.53 5.49
CA ASP H 93 -1.83 -26.98 4.30
C ASP H 93 -0.86 -26.37 3.28
N TYR H 94 0.35 -26.90 3.23
CA TYR H 94 1.37 -26.52 2.23
C TYR H 94 1.38 -25.04 1.86
N HIS H 95 1.79 -24.22 2.81
CA HIS H 95 1.94 -22.78 2.59
C HIS H 95 3.41 -22.39 2.44
N HIS H 96 4.31 -23.38 2.38
CA HIS H 96 5.77 -23.11 2.33
C HIS H 96 6.59 -23.94 1.31
N GLY H 97 6.00 -24.27 0.16
CA GLY H 97 6.70 -25.01 -0.88
C GLY H 97 6.73 -26.52 -0.67
N GLN H 98 7.61 -27.20 -1.40
CA GLN H 98 7.77 -28.66 -1.33
C GLN H 98 8.53 -29.10 -0.09
N GLU H 99 9.37 -28.20 0.44
CA GLU H 99 10.25 -28.48 1.56
C GLU H 99 10.06 -27.43 2.63
N SER H 100 9.58 -27.86 3.80
CA SER H 100 9.44 -26.97 4.94
C SER H 100 9.60 -27.73 6.24
N LEU H 101 10.20 -27.06 7.23
CA LEU H 101 10.27 -27.59 8.59
C LEU H 101 8.99 -27.27 9.38
N HIS H 102 8.19 -26.34 8.84
CA HIS H 102 6.84 -26.11 9.34
C HIS H 102 5.96 -27.37 9.29
N TYR H 103 6.13 -28.17 8.24
CA TYR H 103 5.32 -29.37 8.00
C TYR H 103 5.53 -30.47 9.05
N GLU H 104 6.42 -30.18 10.00
CA GLU H 104 6.75 -31.11 11.06
C GLU H 104 6.96 -30.42 12.41
N GLY H 105 6.38 -29.23 12.56
CA GLY H 105 6.45 -28.47 13.81
C GLY H 105 7.86 -28.30 14.35
N ARG H 106 8.82 -28.10 13.45
CA ARG H 106 10.22 -27.83 13.82
C ARG H 106 10.60 -26.41 13.46
N ALA H 107 9.75 -25.75 12.68
CA ALA H 107 9.97 -24.38 12.28
C ALA H 107 8.88 -23.49 12.85
N VAL H 108 9.29 -22.27 13.18
CA VAL H 108 8.37 -21.25 13.63
C VAL H 108 8.65 -19.92 12.94
N THR H 109 7.59 -19.21 12.63
CA THR H 109 7.78 -17.85 12.17
C THR H 109 7.27 -17.00 13.32
N ILE H 110 8.11 -16.09 13.85
CA ILE H 110 7.72 -15.26 15.01
C ILE H 110 7.80 -13.75 14.79
N ALA H 111 7.14 -13.04 15.70
CA ALA H 111 7.09 -11.59 15.70
C ALA H 111 6.78 -11.18 17.13
N THR H 112 6.85 -9.89 17.43
CA THR H 112 6.25 -9.35 18.64
C THR H 112 4.77 -9.18 18.31
N SER H 113 3.95 -9.02 19.35
CA SER H 113 2.48 -9.02 19.24
C SER H 113 1.90 -7.78 18.53
N ASP H 114 2.67 -6.69 18.50
CA ASP H 114 2.21 -5.45 17.89
C ASP H 114 2.57 -5.43 16.42
N ARG H 115 3.29 -6.46 15.98
CA ARG H 115 3.88 -6.46 14.65
C ARG H 115 4.63 -5.14 14.41
N ASP H 116 5.32 -4.66 15.45
CA ASP H 116 6.27 -3.57 15.29
C ASP H 116 7.59 -4.05 14.70
N GLN H 117 7.73 -3.91 13.39
CA GLN H 117 8.86 -4.38 12.58
C GLN H 117 10.25 -3.99 13.09
N SER H 118 10.32 -2.88 13.82
CA SER H 118 11.59 -2.32 14.29
C SER H 118 12.21 -3.17 15.38
N LYS H 119 11.38 -4.02 15.97
CA LYS H 119 11.80 -4.78 17.13
C LYS H 119 12.44 -6.10 16.74
N TYR H 120 12.37 -6.47 15.46
CA TYR H 120 12.61 -7.87 15.12
C TYR H 120 14.07 -8.28 15.15
N GLY H 121 14.99 -7.37 14.85
CA GLY H 121 16.43 -7.60 15.00
C GLY H 121 16.77 -8.02 16.41
N MET H 122 16.15 -7.37 17.39
CA MET H 122 16.40 -7.71 18.76
C MET H 122 15.64 -9.00 19.11
N LEU H 123 14.38 -9.08 18.67
CA LEU H 123 13.62 -10.30 18.83
C LEU H 123 14.43 -11.50 18.37
N ALA H 124 15.03 -11.37 17.19
CA ALA H 124 15.81 -12.45 16.60
C ALA H 124 16.98 -12.79 17.49
N ARG H 125 17.54 -11.78 18.14
CA ARG H 125 18.68 -11.98 19.02
C ARG H 125 18.25 -12.82 20.22
N LEU H 126 17.11 -12.48 20.81
CA LEU H 126 16.59 -13.28 21.93
C LEU H 126 16.30 -14.76 21.58
N ALA H 127 15.95 -15.06 20.31
CA ALA H 127 15.67 -16.45 19.90
C ALA H 127 16.94 -17.28 19.87
N VAL H 128 18.01 -16.66 19.40
CA VAL H 128 19.35 -17.23 19.47
C VAL H 128 19.69 -17.60 20.91
N GLU H 129 19.51 -16.64 21.84
CA GLU H 129 19.78 -16.85 23.27
C GLU H 129 18.85 -17.88 23.90
N ALA H 130 17.57 -17.86 23.50
CA ALA H 130 16.59 -18.89 23.90
C ALA H 130 17.03 -20.31 23.53
N GLY H 131 17.98 -20.40 22.59
CA GLY H 131 18.56 -21.67 22.18
C GLY H 131 17.97 -22.27 20.92
N PHE H 132 17.31 -21.46 20.09
CA PHE H 132 16.86 -21.95 18.77
C PHE H 132 18.05 -22.34 17.89
N ASP H 133 18.00 -23.53 17.28
CA ASP H 133 19.12 -24.07 16.46
C ASP H 133 19.43 -23.35 15.15
N TRP H 134 18.43 -22.66 14.59
CA TRP H 134 18.67 -21.76 13.46
C TRP H 134 17.69 -20.60 13.53
N VAL H 135 18.23 -19.38 13.42
CA VAL H 135 17.45 -18.15 13.42
C VAL H 135 17.79 -17.35 12.16
N SER H 136 16.76 -17.02 11.39
CA SER H 136 16.92 -16.32 10.13
C SER H 136 16.04 -15.09 10.14
N TYR H 137 16.67 -13.93 10.00
CA TYR H 137 15.98 -12.67 9.86
C TYR H 137 15.50 -12.57 8.40
N VAL H 138 14.61 -13.51 8.04
CA VAL H 138 14.19 -13.72 6.66
C VAL H 138 13.44 -12.51 6.07
N SER H 139 12.69 -11.82 6.91
CA SER H 139 11.83 -10.77 6.42
C SER H 139 11.70 -9.66 7.44
N ARG H 140 11.35 -8.48 6.99
CA ARG H 140 10.88 -7.43 7.86
C ARG H 140 9.54 -7.83 8.48
N ARG H 141 8.83 -8.75 7.82
CA ARG H 141 7.52 -9.25 8.29
C ARG H 141 7.59 -10.15 9.53
N HIS H 142 8.59 -11.02 9.57
CA HIS H 142 8.71 -11.97 10.67
C HIS H 142 10.14 -12.52 10.81
N ILE H 143 10.47 -12.98 12.01
CA ILE H 143 11.68 -13.78 12.22
C ILE H 143 11.31 -15.22 12.01
N TYR H 144 12.23 -16.01 11.46
CA TYR H 144 12.02 -17.45 11.31
C TYR H 144 13.05 -18.24 12.13
N CYS H 145 12.57 -19.13 12.99
CA CYS H 145 13.42 -20.00 13.79
C CYS H 145 13.08 -21.47 13.56
N SER H 146 14.10 -22.33 13.61
CA SER H 146 13.88 -23.76 13.51
C SER H 146 14.74 -24.51 14.54
N VAL H 147 14.31 -25.72 14.87
CA VAL H 147 15.06 -26.54 15.80
C VAL H 147 15.56 -27.85 15.17
N LYS H 148 16.55 -28.45 15.82
CA LYS H 148 16.90 -29.85 15.61
C LYS H 148 15.68 -30.74 15.91
N SER H 149 15.64 -31.91 15.29
CA SER H 149 14.64 -32.93 15.59
C SER H 149 14.87 -33.51 16.98
N ASP H 150 13.81 -33.94 17.65
CA ASP H 150 13.89 -34.47 19.01
C ASP H 150 14.80 -35.71 19.08
#